data_7FBV
#
_entry.id   7FBV
#
_entity_poly.entity_id   1
_entity_poly.type   'polypeptide(L)'
_entity_poly.pdbx_seq_one_letter_code
;GSSGSSGKKPEGKPDQKFDQKQELGRVIHLSNLPHSGYSDSAVLKLAEPYGKIKNYILMRMKSQAFIEMETREDAMAMVD
HCLKKALWFQGRCVKVDLSEKYKKLVSGPSSG
;
_entity_poly.pdbx_strand_id   A
#
# COMPACT_ATOMS: atom_id res chain seq x y z
N GLY A 1 -15.49 -56.54 14.03
CA GLY A 1 -16.83 -56.42 13.40
C GLY A 1 -17.33 -54.98 13.43
N SER A 2 -18.64 -54.79 13.59
CA SER A 2 -19.29 -53.47 13.72
C SER A 2 -18.99 -52.77 15.06
N SER A 3 -19.23 -51.46 15.11
CA SER A 3 -19.04 -50.61 16.29
C SER A 3 -20.00 -49.40 16.29
N GLY A 4 -20.32 -48.88 17.48
CA GLY A 4 -21.14 -47.68 17.67
C GLY A 4 -20.42 -46.34 17.42
N SER A 5 -19.12 -46.37 17.11
CA SER A 5 -18.27 -45.19 16.88
C SER A 5 -17.15 -45.47 15.86
N SER A 6 -16.65 -44.42 15.21
CA SER A 6 -15.44 -44.47 14.37
C SER A 6 -14.18 -44.76 15.20
N GLY A 7 -13.15 -45.33 14.56
CA GLY A 7 -11.82 -45.51 15.15
C GLY A 7 -11.11 -44.18 15.45
N LYS A 8 -11.42 -43.11 14.70
CA LYS A 8 -10.99 -41.74 15.02
C LYS A 8 -11.76 -41.19 16.22
N LYS A 9 -11.07 -41.09 17.35
CA LYS A 9 -11.60 -40.59 18.64
C LYS A 9 -11.46 -39.05 18.79
N PRO A 10 -12.22 -38.40 19.68
CA PRO A 10 -12.08 -36.97 19.96
C PRO A 10 -10.70 -36.59 20.53
N GLU A 11 -10.21 -35.40 20.17
CA GLU A 11 -8.96 -34.81 20.67
C GLU A 11 -8.94 -33.27 20.51
N GLY A 12 -8.05 -32.60 21.25
CA GLY A 12 -7.89 -31.13 21.23
C GLY A 12 -9.05 -30.36 21.89
N LYS A 13 -9.12 -29.05 21.59
CA LYS A 13 -10.14 -28.10 22.08
C LYS A 13 -10.37 -26.97 21.06
N PRO A 14 -11.62 -26.58 20.76
CA PRO A 14 -11.92 -25.57 19.74
C PRO A 14 -11.56 -24.15 20.19
N ASP A 15 -11.16 -23.31 19.24
CA ASP A 15 -10.71 -21.92 19.45
C ASP A 15 -11.10 -20.92 18.33
N GLN A 16 -12.01 -21.32 17.43
CA GLN A 16 -12.42 -20.55 16.25
C GLN A 16 -13.16 -19.23 16.61
N LYS A 17 -12.74 -18.12 15.99
CA LYS A 17 -13.41 -16.81 16.09
C LYS A 17 -14.73 -16.76 15.31
N PHE A 18 -15.75 -16.12 15.89
CA PHE A 18 -17.02 -15.84 15.21
C PHE A 18 -17.01 -14.68 14.20
N ASP A 19 -16.62 -13.48 14.66
CA ASP A 19 -16.49 -12.25 13.86
C ASP A 19 -15.58 -11.22 14.55
N GLN A 20 -14.62 -10.64 13.81
CA GLN A 20 -13.72 -9.58 14.29
C GLN A 20 -13.22 -8.69 13.13
N LYS A 21 -13.14 -7.36 13.36
CA LYS A 21 -12.52 -6.38 12.47
C LYS A 21 -10.98 -6.41 12.57
N GLN A 22 -10.37 -7.51 12.14
CA GLN A 22 -8.93 -7.79 12.30
C GLN A 22 -8.03 -6.79 11.56
N GLU A 23 -8.47 -6.30 10.40
CA GLU A 23 -7.80 -5.25 9.59
C GLU A 23 -8.78 -4.53 8.65
N LEU A 24 -8.35 -3.41 8.08
CA LEU A 24 -9.06 -2.65 7.03
C LEU A 24 -8.24 -2.61 5.73
N GLY A 25 -8.86 -2.26 4.60
CA GLY A 25 -8.19 -2.15 3.31
C GLY A 25 -7.38 -0.86 3.15
N ARG A 26 -6.08 -0.98 2.79
CA ARG A 26 -5.18 0.17 2.55
C ARG A 26 -4.15 -0.09 1.45
N VAL A 27 -4.36 0.48 0.27
CA VAL A 27 -3.38 0.52 -0.83
C VAL A 27 -3.35 1.91 -1.46
N ILE A 28 -2.17 2.51 -1.47
CA ILE A 28 -1.86 3.75 -2.18
C ILE A 28 -1.77 3.48 -3.69
N HIS A 29 -2.39 4.35 -4.48
CA HIS A 29 -2.25 4.41 -5.93
C HIS A 29 -1.41 5.63 -6.32
N LEU A 30 -0.46 5.43 -7.23
CA LEU A 30 0.38 6.46 -7.84
C LEU A 30 0.22 6.41 -9.37
N SER A 31 -0.07 7.54 -10.00
CA SER A 31 -0.20 7.64 -11.47
C SER A 31 0.52 8.89 -12.01
N ASN A 32 0.67 8.97 -13.33
CA ASN A 32 1.47 9.99 -14.03
C ASN A 32 2.94 10.05 -13.55
N LEU A 33 3.53 8.88 -13.27
CA LEU A 33 4.94 8.73 -12.87
C LEU A 33 5.92 9.09 -14.02
N PRO A 34 7.21 9.31 -13.72
CA PRO A 34 8.29 9.44 -14.70
C PRO A 34 8.57 8.12 -15.46
N HIS A 35 9.44 8.19 -16.47
CA HIS A 35 9.67 7.11 -17.46
C HIS A 35 11.16 6.69 -17.59
N SER A 36 12.04 7.13 -16.68
CA SER A 36 13.51 7.02 -16.80
C SER A 36 14.12 5.63 -16.52
N GLY A 37 13.31 4.56 -16.41
CA GLY A 37 13.80 3.19 -16.22
C GLY A 37 14.42 2.90 -14.83
N TYR A 38 13.90 3.56 -13.80
CA TYR A 38 14.34 3.49 -12.40
C TYR A 38 14.09 2.15 -11.66
N SER A 39 14.86 1.89 -10.61
CA SER A 39 14.62 0.79 -9.67
C SER A 39 13.35 1.02 -8.85
N ASP A 40 12.66 -0.04 -8.41
CA ASP A 40 11.45 0.04 -7.59
C ASP A 40 11.54 0.87 -6.30
N SER A 41 12.71 0.87 -5.66
CA SER A 41 13.03 1.71 -4.49
C SER A 41 12.76 3.21 -4.71
N ALA A 42 12.89 3.70 -5.95
CA ALA A 42 12.62 5.10 -6.31
C ALA A 42 11.15 5.47 -6.06
N VAL A 43 10.21 4.57 -6.41
CA VAL A 43 8.77 4.72 -6.15
C VAL A 43 8.40 4.43 -4.70
N LEU A 44 8.99 3.39 -4.10
CA LEU A 44 8.71 3.00 -2.71
C LEU A 44 9.08 4.11 -1.72
N LYS A 45 10.21 4.80 -1.95
CA LYS A 45 10.65 5.95 -1.13
C LYS A 45 9.74 7.19 -1.20
N LEU A 46 8.72 7.20 -2.07
CA LEU A 46 7.65 8.21 -2.03
C LEU A 46 6.66 7.92 -0.88
N ALA A 47 6.51 6.66 -0.47
CA ALA A 47 5.58 6.21 0.57
C ALA A 47 6.29 5.92 1.90
N GLU A 48 7.58 5.54 1.89
CA GLU A 48 8.38 5.31 3.10
C GLU A 48 8.34 6.45 4.17
N PRO A 49 8.29 7.75 3.81
CA PRO A 49 8.19 8.84 4.79
C PRO A 49 6.88 8.85 5.57
N TYR A 50 5.82 8.24 5.03
CA TYR A 50 4.46 8.24 5.58
C TYR A 50 4.11 7.00 6.42
N GLY A 51 4.85 5.90 6.22
CA GLY A 51 4.72 4.66 7.00
C GLY A 51 5.48 3.47 6.41
N LYS A 52 5.35 2.31 7.09
CA LYS A 52 5.89 1.03 6.63
C LYS A 52 5.10 0.44 5.45
N ILE A 53 5.80 -0.27 4.55
CA ILE A 53 5.26 -0.89 3.34
C ILE A 53 5.27 -2.42 3.50
N LYS A 54 4.18 -3.10 3.09
CA LYS A 54 4.05 -4.56 3.10
C LYS A 54 4.36 -5.18 1.73
N ASN A 55 3.77 -4.62 0.68
CA ASN A 55 3.71 -5.15 -0.69
C ASN A 55 3.60 -3.99 -1.69
N TYR A 56 3.93 -4.23 -2.96
CA TYR A 56 3.82 -3.23 -4.04
C TYR A 56 3.68 -3.94 -5.40
N ILE A 57 3.16 -3.18 -6.39
CA ILE A 57 3.04 -3.58 -7.80
C ILE A 57 3.34 -2.34 -8.66
N LEU A 58 4.46 -2.36 -9.41
CA LEU A 58 4.75 -1.34 -10.43
C LEU A 58 4.12 -1.72 -11.78
N MET A 59 3.62 -0.73 -12.53
CA MET A 59 3.04 -0.88 -13.87
C MET A 59 3.65 0.11 -14.88
N ARG A 60 4.44 -0.39 -15.82
CA ARG A 60 5.06 0.42 -16.89
C ARG A 60 4.02 1.06 -17.82
N MET A 61 2.95 0.31 -18.12
CA MET A 61 1.82 0.80 -18.93
C MET A 61 1.14 1.99 -18.24
N LYS A 62 1.05 3.12 -18.95
CA LYS A 62 0.55 4.43 -18.47
C LYS A 62 1.28 5.01 -17.23
N SER A 63 2.45 4.46 -16.87
CA SER A 63 3.32 4.90 -15.77
C SER A 63 2.59 5.02 -14.42
N GLN A 64 2.23 3.86 -13.85
CA GLN A 64 1.47 3.71 -12.60
C GLN A 64 2.16 2.80 -11.58
N ALA A 65 1.75 2.87 -10.31
CA ALA A 65 2.18 1.97 -9.25
C ALA A 65 1.12 1.84 -8.14
N PHE A 66 1.12 0.71 -7.45
CA PHE A 66 0.35 0.45 -6.23
C PHE A 66 1.25 0.04 -5.05
N ILE A 67 0.95 0.50 -3.83
CA ILE A 67 1.75 0.24 -2.62
C ILE A 67 0.82 -0.04 -1.43
N GLU A 68 0.94 -1.21 -0.81
CA GLU A 68 0.22 -1.57 0.43
C GLU A 68 0.97 -1.07 1.66
N MET A 69 0.37 -0.13 2.40
CA MET A 69 0.89 0.38 3.67
C MET A 69 0.53 -0.56 4.85
N GLU A 70 1.30 -0.52 5.93
CA GLU A 70 0.99 -1.31 7.14
C GLU A 70 -0.33 -0.87 7.78
N THR A 71 -0.63 0.43 7.79
CA THR A 71 -1.86 1.02 8.36
C THR A 71 -2.63 1.98 7.46
N ARG A 72 -3.94 2.05 7.66
CA ARG A 72 -4.82 2.94 6.87
C ARG A 72 -4.62 4.41 7.22
N GLU A 73 -4.24 4.72 8.46
CA GLU A 73 -3.83 6.06 8.88
C GLU A 73 -2.52 6.49 8.20
N ASP A 74 -1.52 5.59 8.14
CA ASP A 74 -0.28 5.82 7.39
C ASP A 74 -0.48 6.07 5.89
N ALA A 75 -1.40 5.34 5.26
CA ALA A 75 -1.83 5.57 3.89
C ALA A 75 -2.57 6.91 3.72
N MET A 76 -3.63 7.16 4.50
CA MET A 76 -4.43 8.39 4.41
C MET A 76 -3.62 9.68 4.63
N ALA A 77 -2.58 9.63 5.46
CA ALA A 77 -1.66 10.75 5.68
C ALA A 77 -0.87 11.15 4.41
N MET A 78 -0.48 10.18 3.57
CA MET A 78 0.17 10.44 2.29
C MET A 78 -0.78 11.14 1.30
N VAL A 79 -2.05 10.73 1.27
CA VAL A 79 -3.10 11.40 0.48
C VAL A 79 -3.37 12.83 0.97
N ASP A 80 -3.52 13.02 2.27
CA ASP A 80 -3.75 14.33 2.90
C ASP A 80 -2.63 15.34 2.63
N HIS A 81 -1.38 14.87 2.76
CA HIS A 81 -0.21 15.67 2.38
C HIS A 81 -0.23 16.07 0.91
N CYS A 82 -0.54 15.15 0.00
CA CYS A 82 -0.60 15.44 -1.44
C CYS A 82 -1.73 16.44 -1.78
N LEU A 83 -2.89 16.34 -1.09
CA LEU A 83 -4.01 17.27 -1.20
C LEU A 83 -3.64 18.69 -0.71
N LYS A 84 -2.76 18.81 0.29
CA LYS A 84 -2.23 20.09 0.80
C LYS A 84 -1.12 20.67 -0.07
N LYS A 85 -0.19 19.83 -0.53
CA LYS A 85 0.88 20.15 -1.51
C LYS A 85 1.21 18.95 -2.38
N ALA A 86 1.07 19.09 -3.69
CA ALA A 86 1.17 18.00 -4.66
C ALA A 86 2.57 17.37 -4.70
N LEU A 87 2.61 16.04 -4.86
CA LEU A 87 3.84 15.25 -4.89
C LEU A 87 4.55 15.37 -6.26
N TRP A 88 5.83 15.70 -6.23
CA TRP A 88 6.72 15.75 -7.41
C TRP A 88 7.84 14.70 -7.37
N PHE A 89 8.10 14.04 -8.50
CA PHE A 89 9.08 12.94 -8.63
C PHE A 89 9.79 12.86 -9.99
N GLN A 90 11.13 12.98 -9.99
CA GLN A 90 11.97 13.13 -11.19
C GLN A 90 11.50 14.22 -12.18
N GLY A 91 10.90 15.30 -11.65
CA GLY A 91 10.35 16.41 -12.45
C GLY A 91 8.96 16.17 -13.06
N ARG A 92 8.22 15.15 -12.63
CA ARG A 92 6.80 14.92 -12.98
C ARG A 92 5.87 15.06 -11.77
N CYS A 93 4.67 15.61 -11.97
CA CYS A 93 3.65 15.71 -10.92
C CYS A 93 2.91 14.37 -10.80
N VAL A 94 2.98 13.74 -9.63
CA VAL A 94 2.38 12.42 -9.35
C VAL A 94 0.95 12.54 -8.83
N LYS A 95 0.03 11.80 -9.45
CA LYS A 95 -1.35 11.59 -8.98
C LYS A 95 -1.36 10.60 -7.82
N VAL A 96 -1.43 11.09 -6.59
CA VAL A 96 -1.56 10.27 -5.37
C VAL A 96 -3.02 10.06 -4.97
N ASP A 97 -3.41 8.80 -4.77
CA ASP A 97 -4.73 8.34 -4.34
C ASP A 97 -4.68 7.13 -3.39
N LEU A 98 -5.81 6.75 -2.80
CA LEU A 98 -5.97 5.50 -2.03
C LEU A 98 -7.12 4.67 -2.62
N SER A 99 -6.82 3.43 -3.00
CA SER A 99 -7.71 2.58 -3.79
C SER A 99 -8.91 2.03 -3.00
N GLU A 100 -10.11 2.17 -3.54
CA GLU A 100 -11.32 1.50 -3.04
C GLU A 100 -11.36 0.02 -3.46
N LYS A 101 -10.79 -0.31 -4.64
CA LYS A 101 -10.63 -1.68 -5.15
C LYS A 101 -9.66 -2.48 -4.28
N TYR A 102 -8.41 -2.02 -4.19
CA TYR A 102 -7.31 -2.77 -3.57
C TYR A 102 -7.24 -2.70 -2.04
N LYS A 103 -7.66 -3.76 -1.36
CA LYS A 103 -7.58 -3.88 0.11
C LYS A 103 -6.15 -4.20 0.57
N LYS A 104 -5.46 -5.02 -0.21
CA LYS A 104 -4.05 -5.46 -0.09
C LYS A 104 -3.50 -5.80 -1.48
N LEU A 105 -2.19 -6.06 -1.61
CA LEU A 105 -1.56 -6.48 -2.87
C LEU A 105 -0.99 -7.90 -2.77
N VAL A 106 -1.36 -8.75 -3.75
CA VAL A 106 -0.99 -10.17 -3.84
C VAL A 106 -0.69 -10.57 -5.30
N SER A 107 0.34 -11.40 -5.51
CA SER A 107 0.67 -11.96 -6.83
C SER A 107 -0.36 -13.05 -7.23
N GLY A 108 -1.00 -12.88 -8.39
CA GLY A 108 -2.08 -13.76 -8.87
C GLY A 108 -3.40 -13.67 -8.07
N PRO A 109 -4.41 -14.46 -8.46
CA PRO A 109 -5.70 -14.52 -7.76
C PRO A 109 -5.60 -15.21 -6.38
N SER A 110 -6.58 -14.94 -5.51
CA SER A 110 -6.71 -15.58 -4.19
C SER A 110 -7.21 -17.04 -4.22
N SER A 111 -7.81 -17.47 -5.32
CA SER A 111 -8.28 -18.84 -5.55
C SER A 111 -7.16 -19.87 -5.76
N GLY A 112 -7.46 -21.15 -5.48
CA GLY A 112 -6.55 -22.30 -5.68
C GLY A 112 -6.38 -22.71 -7.15
N GLY A 1 -13.66 -58.83 25.59
CA GLY A 1 -13.51 -57.42 26.02
C GLY A 1 -14.23 -56.46 25.08
N SER A 2 -14.64 -55.30 25.59
CA SER A 2 -15.32 -54.26 24.81
C SER A 2 -14.40 -53.59 23.76
N SER A 3 -14.97 -53.25 22.61
CA SER A 3 -14.34 -52.44 21.56
C SER A 3 -14.41 -50.92 21.78
N GLY A 4 -15.16 -50.46 22.79
CA GLY A 4 -15.49 -49.03 22.99
C GLY A 4 -15.45 -48.53 24.44
N SER A 5 -14.99 -49.33 25.41
CA SER A 5 -14.91 -48.94 26.84
C SER A 5 -13.86 -47.86 27.15
N SER A 6 -12.91 -47.60 26.24
CA SER A 6 -11.86 -46.57 26.35
C SER A 6 -11.40 -46.08 24.97
N GLY A 7 -10.88 -44.86 24.89
CA GLY A 7 -10.39 -44.22 23.66
C GLY A 7 -9.81 -42.82 23.89
N LYS A 8 -9.24 -42.24 22.83
CA LYS A 8 -8.64 -40.88 22.83
C LYS A 8 -9.68 -39.76 22.95
N LYS A 9 -9.24 -38.61 23.48
CA LYS A 9 -10.03 -37.36 23.55
C LYS A 9 -10.35 -36.80 22.14
N PRO A 10 -11.46 -36.03 21.97
CA PRO A 10 -11.80 -35.40 20.69
C PRO A 10 -10.77 -34.36 20.24
N GLU A 11 -10.72 -34.11 18.93
CA GLU A 11 -9.77 -33.20 18.27
C GLU A 11 -10.01 -31.71 18.59
N GLY A 12 -8.98 -30.88 18.40
CA GLY A 12 -9.00 -29.42 18.57
C GLY A 12 -7.68 -28.77 18.13
N LYS A 13 -7.64 -27.43 18.08
CA LYS A 13 -6.47 -26.63 17.67
C LYS A 13 -6.43 -25.25 18.35
N PRO A 14 -5.25 -24.61 18.51
CA PRO A 14 -5.18 -23.22 18.95
C PRO A 14 -5.73 -22.26 17.87
N ASP A 15 -6.56 -21.30 18.28
CA ASP A 15 -7.18 -20.29 17.40
C ASP A 15 -7.32 -18.87 18.01
N GLN A 16 -6.97 -18.72 19.29
CA GLN A 16 -7.08 -17.50 20.08
C GLN A 16 -6.13 -16.37 19.61
N LYS A 17 -5.09 -16.71 18.83
CA LYS A 17 -4.10 -15.78 18.27
C LYS A 17 -4.65 -14.87 17.15
N PHE A 18 -5.75 -15.27 16.50
CA PHE A 18 -6.38 -14.50 15.42
C PHE A 18 -6.96 -13.11 15.79
N ASP A 19 -6.81 -12.13 14.89
CA ASP A 19 -7.40 -10.79 15.02
C ASP A 19 -7.77 -10.14 13.67
N GLN A 20 -9.06 -9.82 13.48
CA GLN A 20 -9.60 -9.24 12.25
C GLN A 20 -9.17 -7.78 12.00
N LYS A 21 -8.74 -7.04 13.03
CA LYS A 21 -8.52 -5.57 12.96
C LYS A 21 -7.44 -5.12 11.96
N GLN A 22 -6.50 -5.98 11.58
CA GLN A 22 -5.50 -5.70 10.53
C GLN A 22 -6.11 -5.54 9.12
N GLU A 23 -7.32 -6.06 8.88
CA GLU A 23 -8.03 -5.99 7.59
C GLU A 23 -8.73 -4.63 7.36
N LEU A 24 -8.05 -3.51 7.65
CA LEU A 24 -8.59 -2.13 7.50
C LEU A 24 -8.91 -1.75 6.05
N GLY A 25 -8.22 -2.35 5.08
CA GLY A 25 -8.28 -2.01 3.66
C GLY A 25 -7.45 -0.75 3.35
N ARG A 26 -6.23 -0.94 2.85
CA ARG A 26 -5.29 0.15 2.54
C ARG A 26 -4.28 -0.22 1.43
N VAL A 27 -4.35 0.48 0.30
CA VAL A 27 -3.34 0.46 -0.77
C VAL A 27 -3.31 1.85 -1.41
N ILE A 28 -2.15 2.49 -1.41
CA ILE A 28 -1.88 3.75 -2.11
C ILE A 28 -1.75 3.47 -3.60
N HIS A 29 -2.28 4.37 -4.42
CA HIS A 29 -2.11 4.38 -5.87
C HIS A 29 -1.41 5.67 -6.33
N LEU A 30 -0.40 5.52 -7.19
CA LEU A 30 0.41 6.58 -7.78
C LEU A 30 0.25 6.54 -9.31
N SER A 31 0.09 7.71 -9.94
CA SER A 31 -0.11 7.88 -11.39
C SER A 31 0.73 9.02 -11.97
N ASN A 32 0.92 9.04 -13.28
CA ASN A 32 1.77 10.01 -14.00
C ASN A 32 3.24 9.99 -13.52
N LEU A 33 3.76 8.81 -13.20
CA LEU A 33 5.16 8.60 -12.84
C LEU A 33 6.10 8.85 -14.06
N PRO A 34 7.40 9.11 -13.83
CA PRO A 34 8.43 9.16 -14.89
C PRO A 34 8.69 7.77 -15.50
N HIS A 35 9.58 7.70 -16.51
CA HIS A 35 10.09 6.45 -17.08
C HIS A 35 11.58 6.58 -17.49
N SER A 36 12.42 7.01 -16.54
CA SER A 36 13.88 7.15 -16.71
C SER A 36 14.69 5.86 -16.48
N GLY A 37 14.04 4.70 -16.35
CA GLY A 37 14.69 3.38 -16.16
C GLY A 37 15.14 3.10 -14.72
N TYR A 38 14.41 3.64 -13.74
CA TYR A 38 14.70 3.53 -12.30
C TYR A 38 14.42 2.16 -11.63
N SER A 39 15.08 1.89 -10.50
CA SER A 39 14.75 0.78 -9.62
C SER A 39 13.44 1.04 -8.86
N ASP A 40 12.68 -0.01 -8.51
CA ASP A 40 11.43 0.09 -7.76
C ASP A 40 11.47 0.89 -6.45
N SER A 41 12.62 0.85 -5.76
CA SER A 41 12.92 1.67 -4.57
C SER A 41 12.71 3.17 -4.77
N ALA A 42 12.88 3.69 -6.00
CA ALA A 42 12.64 5.10 -6.32
C ALA A 42 11.17 5.51 -6.14
N VAL A 43 10.23 4.62 -6.48
CA VAL A 43 8.78 4.80 -6.23
C VAL A 43 8.39 4.55 -4.78
N LEU A 44 8.98 3.53 -4.15
CA LEU A 44 8.70 3.17 -2.75
C LEU A 44 9.13 4.29 -1.78
N LYS A 45 10.25 4.97 -2.06
CA LYS A 45 10.74 6.14 -1.34
C LYS A 45 9.77 7.35 -1.35
N LEU A 46 8.78 7.37 -2.24
CA LEU A 46 7.69 8.37 -2.22
C LEU A 46 6.66 8.10 -1.09
N ALA A 47 6.48 6.83 -0.71
CA ALA A 47 5.55 6.39 0.34
C ALA A 47 6.25 6.16 1.70
N GLU A 48 7.54 5.83 1.70
CA GLU A 48 8.37 5.62 2.90
C GLU A 48 8.26 6.70 4.02
N PRO A 49 8.15 8.03 3.71
CA PRO A 49 8.02 9.06 4.74
C PRO A 49 6.73 8.99 5.55
N TYR A 50 5.68 8.34 5.02
CA TYR A 50 4.33 8.33 5.58
C TYR A 50 4.01 7.10 6.45
N GLY A 51 4.78 6.02 6.31
CA GLY A 51 4.65 4.80 7.10
C GLY A 51 5.37 3.59 6.50
N LYS A 52 5.24 2.43 7.16
CA LYS A 52 5.81 1.15 6.71
C LYS A 52 5.07 0.58 5.50
N ILE A 53 5.83 -0.03 4.58
CA ILE A 53 5.34 -0.69 3.35
C ILE A 53 5.43 -2.21 3.52
N LYS A 54 4.38 -2.95 3.10
CA LYS A 54 4.33 -4.43 3.13
C LYS A 54 4.60 -5.05 1.76
N ASN A 55 3.99 -4.49 0.71
CA ASN A 55 3.90 -5.04 -0.64
C ASN A 55 3.74 -3.91 -1.68
N TYR A 56 4.03 -4.17 -2.95
CA TYR A 56 3.89 -3.19 -4.04
C TYR A 56 3.74 -3.89 -5.40
N ILE A 57 3.20 -3.16 -6.37
CA ILE A 57 3.04 -3.55 -7.78
C ILE A 57 3.30 -2.31 -8.66
N LEU A 58 4.41 -2.28 -9.39
CA LEU A 58 4.68 -1.26 -10.42
C LEU A 58 4.01 -1.64 -11.75
N MET A 59 3.51 -0.65 -12.50
CA MET A 59 2.84 -0.82 -13.80
C MET A 59 3.34 0.18 -14.87
N ARG A 60 3.82 -0.33 -16.01
CA ARG A 60 4.22 0.49 -17.17
C ARG A 60 3.05 1.21 -17.83
N MET A 61 1.86 0.60 -17.84
CA MET A 61 0.63 1.20 -18.41
C MET A 61 0.30 2.53 -17.71
N LYS A 62 0.30 3.62 -18.49
CA LYS A 62 0.10 5.02 -18.03
C LYS A 62 1.07 5.48 -16.91
N SER A 63 2.18 4.77 -16.71
CA SER A 63 3.18 5.00 -15.66
C SER A 63 2.56 5.09 -14.25
N GLN A 64 2.17 3.94 -13.70
CA GLN A 64 1.39 3.80 -12.46
C GLN A 64 2.07 2.86 -11.45
N ALA A 65 1.65 2.93 -10.17
CA ALA A 65 2.13 2.02 -9.12
C ALA A 65 1.12 1.88 -7.97
N PHE A 66 0.97 0.66 -7.45
CA PHE A 66 0.25 0.35 -6.21
C PHE A 66 1.20 0.02 -5.05
N ILE A 67 0.93 0.49 -3.83
CA ILE A 67 1.77 0.27 -2.64
C ILE A 67 0.89 -0.02 -1.42
N GLU A 68 1.07 -1.17 -0.78
CA GLU A 68 0.39 -1.52 0.47
C GLU A 68 1.14 -0.95 1.69
N MET A 69 0.51 -0.02 2.40
CA MET A 69 0.98 0.46 3.71
C MET A 69 0.56 -0.53 4.82
N GLU A 70 1.27 -0.55 5.94
CA GLU A 70 0.90 -1.41 7.08
C GLU A 70 -0.47 -1.06 7.68
N THR A 71 -0.78 0.23 7.78
CA THR A 71 -2.03 0.78 8.34
C THR A 71 -2.78 1.76 7.44
N ARG A 72 -4.11 1.82 7.60
CA ARG A 72 -4.95 2.76 6.85
C ARG A 72 -4.71 4.21 7.28
N GLU A 73 -4.34 4.45 8.53
CA GLU A 73 -3.93 5.76 9.02
C GLU A 73 -2.63 6.23 8.35
N ASP A 74 -1.62 5.36 8.23
CA ASP A 74 -0.40 5.64 7.47
C ASP A 74 -0.62 5.97 5.99
N ALA A 75 -1.52 5.24 5.34
CA ALA A 75 -1.95 5.50 3.97
C ALA A 75 -2.73 6.82 3.85
N MET A 76 -3.78 7.02 4.63
CA MET A 76 -4.62 8.24 4.58
C MET A 76 -3.82 9.52 4.86
N ALA A 77 -2.78 9.46 5.71
CA ALA A 77 -1.86 10.57 5.96
C ALA A 77 -1.06 10.99 4.70
N MET A 78 -0.67 10.03 3.86
CA MET A 78 -0.06 10.33 2.55
C MET A 78 -1.05 11.05 1.62
N VAL A 79 -2.30 10.58 1.54
CA VAL A 79 -3.36 11.23 0.75
C VAL A 79 -3.62 12.67 1.22
N ASP A 80 -3.79 12.87 2.52
CA ASP A 80 -4.03 14.19 3.12
C ASP A 80 -2.92 15.21 2.83
N HIS A 81 -1.66 14.77 2.95
CA HIS A 81 -0.52 15.60 2.58
C HIS A 81 -0.48 15.89 1.07
N CYS A 82 -0.73 14.89 0.22
CA CYS A 82 -0.72 15.02 -1.24
C CYS A 82 -1.88 15.88 -1.79
N LEU A 83 -3.00 15.97 -1.06
CA LEU A 83 -4.10 16.89 -1.31
C LEU A 83 -3.73 18.36 -1.03
N LYS A 84 -2.74 18.61 -0.16
CA LYS A 84 -2.26 19.94 0.26
C LYS A 84 -0.99 20.41 -0.46
N LYS A 85 -0.07 19.49 -0.76
CA LYS A 85 1.21 19.71 -1.46
C LYS A 85 1.38 18.74 -2.63
N ALA A 86 1.72 19.26 -3.81
CA ALA A 86 1.96 18.45 -5.01
C ALA A 86 3.23 17.57 -4.86
N LEU A 87 3.09 16.27 -5.12
CA LEU A 87 4.19 15.30 -5.08
C LEU A 87 4.98 15.34 -6.41
N TRP A 88 6.24 15.76 -6.36
CA TRP A 88 7.15 15.80 -7.52
C TRP A 88 8.20 14.66 -7.51
N PHE A 89 8.39 14.00 -8.64
CA PHE A 89 9.35 12.90 -8.81
C PHE A 89 10.03 12.85 -10.20
N GLN A 90 11.36 13.08 -10.23
CA GLN A 90 12.19 13.17 -11.45
C GLN A 90 11.58 14.03 -12.58
N GLY A 91 11.01 15.19 -12.21
CA GLY A 91 10.45 16.17 -13.16
C GLY A 91 8.99 15.95 -13.57
N ARG A 92 8.25 14.99 -12.96
CA ARG A 92 6.79 14.83 -13.14
C ARG A 92 6.01 15.06 -11.84
N CYS A 93 4.83 15.67 -11.95
CA CYS A 93 3.86 15.77 -10.87
C CYS A 93 3.09 14.44 -10.76
N VAL A 94 3.34 13.68 -9.70
CA VAL A 94 2.69 12.41 -9.40
C VAL A 94 1.29 12.63 -8.83
N LYS A 95 0.29 11.98 -9.44
CA LYS A 95 -1.09 11.94 -8.91
C LYS A 95 -1.23 10.84 -7.87
N VAL A 96 -1.97 11.12 -6.78
CA VAL A 96 -2.03 10.26 -5.59
C VAL A 96 -3.46 9.97 -5.12
N ASP A 97 -3.75 8.71 -4.89
CA ASP A 97 -5.03 8.16 -4.43
C ASP A 97 -4.88 6.98 -3.44
N LEU A 98 -5.98 6.55 -2.82
CA LEU A 98 -6.06 5.32 -2.03
C LEU A 98 -7.20 4.44 -2.58
N SER A 99 -6.87 3.20 -2.95
CA SER A 99 -7.76 2.31 -3.71
C SER A 99 -8.91 1.75 -2.88
N GLU A 100 -10.13 1.85 -3.39
CA GLU A 100 -11.32 1.16 -2.85
C GLU A 100 -11.37 -0.32 -3.28
N LYS A 101 -10.77 -0.66 -4.43
CA LYS A 101 -10.64 -2.03 -4.95
C LYS A 101 -9.62 -2.82 -4.13
N TYR A 102 -8.40 -2.31 -4.00
CA TYR A 102 -7.28 -2.98 -3.34
C TYR A 102 -7.19 -2.79 -1.82
N LYS A 103 -7.56 -3.81 -1.05
CA LYS A 103 -7.43 -3.83 0.43
C LYS A 103 -6.00 -4.10 0.90
N LYS A 104 -5.27 -4.91 0.13
CA LYS A 104 -3.88 -5.35 0.30
C LYS A 104 -3.35 -5.90 -1.04
N LEU A 105 -2.03 -6.02 -1.19
CA LEU A 105 -1.39 -6.52 -2.42
C LEU A 105 -0.80 -7.91 -2.18
N VAL A 106 -1.63 -8.95 -2.39
CA VAL A 106 -1.21 -10.37 -2.31
C VAL A 106 -0.20 -10.70 -3.42
N SER A 107 -0.43 -10.19 -4.63
CA SER A 107 0.47 -10.27 -5.78
C SER A 107 1.64 -9.27 -5.71
N GLY A 108 2.72 -9.56 -6.43
CA GLY A 108 3.91 -8.69 -6.57
C GLY A 108 4.74 -9.05 -7.82
N PRO A 109 5.69 -8.18 -8.24
CA PRO A 109 6.52 -8.41 -9.42
C PRO A 109 7.43 -9.65 -9.26
N SER A 110 7.40 -10.55 -10.24
CA SER A 110 8.16 -11.81 -10.23
C SER A 110 9.66 -11.61 -10.50
N SER A 111 10.02 -10.63 -11.33
CA SER A 111 11.40 -10.29 -11.73
C SER A 111 11.51 -8.83 -12.19
N GLY A 112 12.73 -8.30 -12.26
CA GLY A 112 13.05 -6.92 -12.66
C GLY A 112 14.54 -6.72 -12.94
N GLY A 1 -19.84 -25.53 17.95
CA GLY A 1 -19.20 -24.24 17.60
C GLY A 1 -18.47 -24.33 16.28
N SER A 2 -17.18 -23.95 16.25
CA SER A 2 -16.27 -24.13 15.09
C SER A 2 -15.93 -25.60 14.80
N SER A 3 -16.16 -26.49 15.77
CA SER A 3 -16.08 -27.96 15.66
C SER A 3 -17.23 -28.60 16.46
N GLY A 4 -17.38 -29.93 16.34
CA GLY A 4 -18.43 -30.72 17.00
C GLY A 4 -19.81 -30.68 16.31
N SER A 5 -19.93 -30.02 15.16
CA SER A 5 -21.15 -29.91 14.35
C SER A 5 -20.81 -29.59 12.88
N SER A 6 -21.67 -30.00 11.95
CA SER A 6 -21.55 -29.74 10.50
C SER A 6 -22.90 -29.80 9.79
N GLY A 7 -23.05 -28.99 8.73
CA GLY A 7 -24.20 -29.07 7.81
C GLY A 7 -24.14 -30.24 6.80
N LYS A 8 -23.00 -30.94 6.72
CA LYS A 8 -22.75 -32.11 5.84
C LYS A 8 -23.09 -31.82 4.36
N LYS A 9 -22.68 -30.65 3.88
CA LYS A 9 -22.92 -30.14 2.51
C LYS A 9 -22.14 -30.96 1.45
N PRO A 10 -22.54 -30.92 0.15
CA PRO A 10 -21.84 -31.64 -0.93
C PRO A 10 -20.38 -31.22 -1.15
N GLU A 11 -20.01 -29.99 -0.78
CA GLU A 11 -18.63 -29.48 -0.83
C GLU A 11 -18.34 -28.48 0.31
N GLY A 12 -19.22 -27.49 0.50
CA GLY A 12 -19.10 -26.47 1.56
C GLY A 12 -17.90 -25.51 1.38
N LYS A 13 -17.49 -24.87 2.47
CA LYS A 13 -16.33 -23.95 2.55
C LYS A 13 -15.71 -23.94 3.97
N PRO A 14 -14.36 -23.93 4.12
CA PRO A 14 -13.72 -23.86 5.43
C PRO A 14 -14.01 -22.56 6.20
N ASP A 15 -14.08 -22.65 7.53
CA ASP A 15 -14.14 -21.49 8.43
C ASP A 15 -12.81 -20.74 8.61
N GLN A 16 -12.88 -19.41 8.78
CA GLN A 16 -11.73 -18.52 9.04
C GLN A 16 -12.08 -17.44 10.09
N LYS A 17 -11.11 -17.06 10.92
CA LYS A 17 -11.28 -16.06 11.99
C LYS A 17 -11.25 -14.62 11.47
N PHE A 18 -12.10 -13.76 12.05
CA PHE A 18 -12.13 -12.31 11.81
C PHE A 18 -12.55 -11.43 12.99
N ASP A 19 -11.94 -10.25 13.11
CA ASP A 19 -12.30 -9.15 14.03
C ASP A 19 -12.14 -7.77 13.38
N GLN A 20 -12.90 -6.76 13.83
CA GLN A 20 -12.87 -5.41 13.26
C GLN A 20 -11.48 -4.72 13.36
N LYS A 21 -10.62 -5.17 14.28
CA LYS A 21 -9.23 -4.73 14.46
C LYS A 21 -8.18 -5.58 13.71
N GLN A 22 -8.58 -6.69 13.08
CA GLN A 22 -7.66 -7.63 12.41
C GLN A 22 -6.99 -7.04 11.16
N GLU A 23 -7.77 -6.32 10.34
CA GLU A 23 -7.37 -5.80 9.01
C GLU A 23 -8.33 -4.71 8.51
N LEU A 24 -7.81 -3.84 7.62
CA LEU A 24 -8.52 -2.71 7.01
C LEU A 24 -8.22 -2.61 5.50
N GLY A 25 -9.11 -1.99 4.73
CA GLY A 25 -8.89 -1.70 3.31
C GLY A 25 -7.97 -0.49 3.11
N ARG A 26 -6.73 -0.72 2.67
CA ARG A 26 -5.71 0.33 2.49
C ARG A 26 -4.59 -0.08 1.52
N VAL A 27 -4.55 0.56 0.34
CA VAL A 27 -3.45 0.51 -0.65
C VAL A 27 -3.37 1.87 -1.34
N ILE A 28 -2.18 2.46 -1.37
CA ILE A 28 -1.86 3.69 -2.10
C ILE A 28 -1.74 3.41 -3.59
N HIS A 29 -2.21 4.36 -4.40
CA HIS A 29 -2.01 4.39 -5.85
C HIS A 29 -1.24 5.66 -6.26
N LEU A 30 -0.32 5.51 -7.20
CA LEU A 30 0.52 6.57 -7.77
C LEU A 30 0.38 6.54 -9.30
N SER A 31 0.09 7.68 -9.94
CA SER A 31 -0.06 7.81 -11.39
C SER A 31 0.67 9.05 -11.93
N ASN A 32 0.89 9.11 -13.25
CA ASN A 32 1.72 10.10 -13.93
C ASN A 32 3.19 10.08 -13.44
N LEU A 33 3.72 8.88 -13.14
CA LEU A 33 5.14 8.66 -12.86
C LEU A 33 6.02 8.91 -14.12
N PRO A 34 7.36 9.01 -13.97
CA PRO A 34 8.30 9.03 -15.11
C PRO A 34 8.37 7.69 -15.86
N HIS A 35 9.17 7.66 -16.93
CA HIS A 35 9.52 6.45 -17.70
C HIS A 35 11.05 6.29 -17.84
N SER A 36 11.79 6.73 -16.82
CA SER A 36 13.26 6.89 -16.84
C SER A 36 14.07 5.59 -16.60
N GLY A 37 13.41 4.43 -16.55
CA GLY A 37 14.07 3.12 -16.36
C GLY A 37 14.61 2.89 -14.93
N TYR A 38 13.97 3.49 -13.92
CA TYR A 38 14.39 3.47 -12.52
C TYR A 38 14.21 2.13 -11.77
N SER A 39 14.91 1.97 -10.64
CA SER A 39 14.69 0.88 -9.67
C SER A 39 13.38 1.06 -8.90
N ASP A 40 12.75 -0.04 -8.47
CA ASP A 40 11.52 0.01 -7.66
C ASP A 40 11.60 0.83 -6.35
N SER A 41 12.78 0.85 -5.73
CA SER A 41 13.10 1.69 -4.57
C SER A 41 12.86 3.18 -4.82
N ALA A 42 12.99 3.67 -6.06
CA ALA A 42 12.72 5.06 -6.43
C ALA A 42 11.25 5.45 -6.17
N VAL A 43 10.31 4.54 -6.46
CA VAL A 43 8.88 4.71 -6.16
C VAL A 43 8.53 4.46 -4.70
N LEU A 44 9.12 3.43 -4.09
CA LEU A 44 8.87 3.08 -2.68
C LEU A 44 9.29 4.20 -1.73
N LYS A 45 10.41 4.89 -2.01
CA LYS A 45 10.87 6.08 -1.26
C LYS A 45 9.93 7.29 -1.32
N LEU A 46 8.91 7.28 -2.18
CA LEU A 46 7.82 8.28 -2.17
C LEU A 46 6.81 8.00 -1.04
N ALA A 47 6.62 6.74 -0.66
CA ALA A 47 5.69 6.29 0.37
C ALA A 47 6.36 6.03 1.73
N GLU A 48 7.66 5.66 1.74
CA GLU A 48 8.45 5.45 2.96
C GLU A 48 8.38 6.58 4.03
N PRO A 49 8.33 7.88 3.68
CA PRO A 49 8.21 8.97 4.65
C PRO A 49 6.87 8.96 5.43
N TYR A 50 5.85 8.31 4.88
CA TYR A 50 4.48 8.31 5.42
C TYR A 50 4.12 7.08 6.29
N GLY A 51 4.90 6.00 6.15
CA GLY A 51 4.75 4.76 6.94
C GLY A 51 5.48 3.56 6.35
N LYS A 52 5.37 2.41 7.04
CA LYS A 52 5.89 1.11 6.61
C LYS A 52 5.13 0.53 5.40
N ILE A 53 5.83 -0.22 4.54
CA ILE A 53 5.29 -0.86 3.33
C ILE A 53 5.34 -2.39 3.48
N LYS A 54 4.25 -3.08 3.09
CA LYS A 54 4.12 -4.56 3.12
C LYS A 54 4.36 -5.18 1.74
N ASN A 55 3.80 -4.58 0.70
CA ASN A 55 3.70 -5.08 -0.67
C ASN A 55 3.69 -3.91 -1.67
N TYR A 56 4.01 -4.16 -2.94
CA TYR A 56 3.90 -3.17 -4.01
C TYR A 56 3.76 -3.88 -5.37
N ILE A 57 3.21 -3.16 -6.36
CA ILE A 57 3.07 -3.56 -7.76
C ILE A 57 3.35 -2.34 -8.64
N LEU A 58 4.46 -2.36 -9.40
CA LEU A 58 4.76 -1.34 -10.43
C LEU A 58 4.12 -1.71 -11.77
N MET A 59 3.63 -0.71 -12.51
CA MET A 59 3.06 -0.85 -13.86
C MET A 59 3.63 0.19 -14.83
N ARG A 60 4.42 -0.25 -15.82
CA ARG A 60 5.00 0.62 -16.84
C ARG A 60 3.92 1.27 -17.74
N MET A 61 2.86 0.52 -18.05
CA MET A 61 1.69 1.02 -18.76
C MET A 61 1.00 2.13 -17.95
N LYS A 62 0.69 3.25 -18.61
CA LYS A 62 0.16 4.50 -18.02
C LYS A 62 1.05 5.16 -16.93
N SER A 63 2.27 4.67 -16.75
CA SER A 63 3.25 5.09 -15.74
C SER A 63 2.66 5.14 -14.32
N GLN A 64 2.34 3.97 -13.76
CA GLN A 64 1.59 3.78 -12.52
C GLN A 64 2.25 2.82 -11.51
N ALA A 65 1.83 2.90 -10.26
CA ALA A 65 2.25 2.00 -9.19
C ALA A 65 1.19 1.89 -8.07
N PHE A 66 1.13 0.73 -7.43
CA PHE A 66 0.36 0.49 -6.21
C PHE A 66 1.29 0.09 -5.05
N ILE A 67 1.02 0.56 -3.83
CA ILE A 67 1.84 0.33 -2.64
C ILE A 67 0.94 0.05 -1.43
N GLU A 68 1.09 -1.12 -0.81
CA GLU A 68 0.38 -1.48 0.41
C GLU A 68 1.13 -0.95 1.64
N MET A 69 0.59 0.09 2.28
CA MET A 69 1.05 0.57 3.59
C MET A 69 0.68 -0.44 4.69
N GLU A 70 1.33 -0.38 5.86
CA GLU A 70 0.93 -1.22 7.01
C GLU A 70 -0.44 -0.83 7.58
N THR A 71 -0.73 0.48 7.69
CA THR A 71 -1.97 1.04 8.27
C THR A 71 -2.77 1.97 7.37
N ARG A 72 -4.08 2.04 7.58
CA ARG A 72 -4.98 2.94 6.83
C ARG A 72 -4.69 4.40 7.19
N GLU A 73 -4.32 4.69 8.43
CA GLU A 73 -3.88 6.01 8.89
C GLU A 73 -2.59 6.46 8.17
N ASP A 74 -1.60 5.58 8.05
CA ASP A 74 -0.37 5.84 7.29
C ASP A 74 -0.60 6.13 5.79
N ALA A 75 -1.52 5.39 5.17
CA ALA A 75 -1.96 5.62 3.80
C ALA A 75 -2.73 6.95 3.66
N MET A 76 -3.79 7.16 4.46
CA MET A 76 -4.62 8.37 4.40
C MET A 76 -3.82 9.66 4.64
N ALA A 77 -2.78 9.63 5.49
CA ALA A 77 -1.88 10.76 5.72
C ALA A 77 -1.08 11.14 4.46
N MET A 78 -0.68 10.17 3.63
CA MET A 78 0.00 10.42 2.35
C MET A 78 -0.94 11.11 1.35
N VAL A 79 -2.22 10.69 1.29
CA VAL A 79 -3.25 11.36 0.50
C VAL A 79 -3.52 12.79 0.97
N ASP A 80 -3.68 12.99 2.28
CA ASP A 80 -3.95 14.30 2.89
C ASP A 80 -2.80 15.30 2.65
N HIS A 81 -1.55 14.83 2.77
CA HIS A 81 -0.38 15.62 2.41
C HIS A 81 -0.40 16.01 0.92
N CYS A 82 -0.71 15.09 0.02
CA CYS A 82 -0.79 15.37 -1.42
C CYS A 82 -1.89 16.41 -1.74
N LEU A 83 -3.02 16.33 -1.05
CA LEU A 83 -4.13 17.29 -1.14
C LEU A 83 -3.75 18.70 -0.63
N LYS A 84 -2.86 18.79 0.38
CA LYS A 84 -2.30 20.06 0.87
C LYS A 84 -1.21 20.63 -0.05
N LYS A 85 -0.27 19.78 -0.49
CA LYS A 85 0.81 20.07 -1.44
C LYS A 85 1.17 18.82 -2.25
N ALA A 86 1.09 18.93 -3.59
CA ALA A 86 1.23 17.80 -4.50
C ALA A 86 2.63 17.16 -4.46
N LEU A 87 2.67 15.85 -4.65
CA LEU A 87 3.90 15.03 -4.66
C LEU A 87 4.62 15.16 -6.01
N TRP A 88 5.95 15.36 -5.98
CA TRP A 88 6.83 15.47 -7.16
C TRP A 88 7.93 14.40 -7.20
N PHE A 89 8.20 13.84 -8.37
CA PHE A 89 9.21 12.79 -8.59
C PHE A 89 9.90 12.83 -9.96
N GLN A 90 11.23 13.03 -9.97
CA GLN A 90 12.07 13.16 -11.18
C GLN A 90 11.50 14.11 -12.25
N GLY A 91 10.92 15.24 -11.81
CA GLY A 91 10.35 16.27 -12.69
C GLY A 91 8.90 16.06 -13.16
N ARG A 92 8.17 15.07 -12.61
CA ARG A 92 6.72 14.89 -12.84
C ARG A 92 5.91 15.05 -11.56
N CYS A 93 4.72 15.66 -11.68
CA CYS A 93 3.73 15.73 -10.61
C CYS A 93 2.99 14.38 -10.52
N VAL A 94 3.12 13.70 -9.39
CA VAL A 94 2.52 12.38 -9.14
C VAL A 94 1.10 12.52 -8.58
N LYS A 95 0.14 11.86 -9.23
CA LYS A 95 -1.25 11.73 -8.76
C LYS A 95 -1.32 10.66 -7.67
N VAL A 96 -1.49 11.08 -6.42
CA VAL A 96 -1.67 10.18 -5.27
C VAL A 96 -3.16 9.94 -4.96
N ASP A 97 -3.56 8.66 -4.91
CA ASP A 97 -4.91 8.23 -4.52
C ASP A 97 -4.75 7.07 -3.50
N LEU A 98 -5.87 6.65 -2.90
CA LEU A 98 -5.98 5.43 -2.10
C LEU A 98 -7.11 4.57 -2.69
N SER A 99 -6.78 3.34 -3.09
CA SER A 99 -7.66 2.48 -3.90
C SER A 99 -8.88 1.96 -3.14
N GLU A 100 -10.07 2.11 -3.74
CA GLU A 100 -11.31 1.47 -3.27
C GLU A 100 -11.43 -0.01 -3.74
N LYS A 101 -10.69 -0.40 -4.79
CA LYS A 101 -10.57 -1.77 -5.29
C LYS A 101 -9.64 -2.60 -4.40
N TYR A 102 -8.41 -2.11 -4.19
CA TYR A 102 -7.36 -2.82 -3.48
C TYR A 102 -7.38 -2.64 -1.95
N LYS A 103 -7.99 -3.60 -1.23
CA LYS A 103 -7.91 -3.65 0.24
C LYS A 103 -6.52 -4.02 0.74
N LYS A 104 -5.85 -4.91 -0.01
CA LYS A 104 -4.46 -5.38 0.11
C LYS A 104 -3.97 -5.81 -1.28
N LEU A 105 -2.65 -5.89 -1.50
CA LEU A 105 -2.09 -6.32 -2.81
C LEU A 105 -1.94 -7.85 -2.85
N VAL A 106 -3.06 -8.53 -3.13
CA VAL A 106 -3.14 -9.99 -3.38
C VAL A 106 -2.32 -10.42 -4.61
N SER A 107 -1.74 -11.62 -4.56
CA SER A 107 -1.04 -12.27 -5.68
C SER A 107 -1.36 -13.78 -5.73
N GLY A 108 -1.28 -14.39 -6.92
CA GLY A 108 -1.70 -15.76 -7.17
C GLY A 108 -0.80 -16.84 -6.51
N PRO A 109 -1.36 -18.03 -6.18
CA PRO A 109 -0.61 -19.15 -5.61
C PRO A 109 0.36 -19.79 -6.62
N SER A 110 1.37 -20.51 -6.10
CA SER A 110 2.36 -21.29 -6.89
C SER A 110 3.14 -20.47 -7.94
N SER A 111 3.38 -19.18 -7.65
CA SER A 111 4.09 -18.24 -8.54
C SER A 111 5.60 -18.48 -8.67
N GLY A 112 6.21 -19.20 -7.70
CA GLY A 112 7.64 -19.57 -7.69
C GLY A 112 7.96 -20.76 -8.61
N GLY A 1 -15.41 -51.10 28.92
CA GLY A 1 -14.65 -50.11 28.12
C GLY A 1 -13.47 -49.56 28.91
N SER A 2 -13.13 -48.28 28.68
CA SER A 2 -12.08 -47.55 29.41
C SER A 2 -12.44 -47.24 30.87
N SER A 3 -11.43 -46.95 31.69
CA SER A 3 -11.57 -46.62 33.13
C SER A 3 -10.42 -45.74 33.62
N GLY A 4 -10.66 -44.95 34.67
CA GLY A 4 -9.71 -43.99 35.24
C GLY A 4 -9.55 -42.69 34.44
N SER A 5 -8.83 -41.72 35.02
CA SER A 5 -8.53 -40.43 34.39
C SER A 5 -7.46 -40.54 33.29
N SER A 6 -7.53 -39.66 32.29
CA SER A 6 -6.48 -39.46 31.28
C SER A 6 -5.20 -38.84 31.87
N GLY A 7 -5.33 -38.05 32.94
CA GLY A 7 -4.23 -37.35 33.65
C GLY A 7 -3.66 -36.14 32.90
N LYS A 8 -3.50 -36.23 31.57
CA LYS A 8 -3.06 -35.14 30.69
C LYS A 8 -4.13 -34.05 30.54
N LYS A 9 -3.69 -32.82 30.23
CA LYS A 9 -4.53 -31.64 29.92
C LYS A 9 -3.85 -30.68 28.91
N PRO A 10 -4.62 -29.92 28.10
CA PRO A 10 -4.06 -28.95 27.15
C PRO A 10 -3.55 -27.68 27.86
N GLU A 11 -2.76 -26.86 27.13
CA GLU A 11 -2.30 -25.55 27.59
C GLU A 11 -3.44 -24.51 27.72
N GLY A 12 -4.51 -24.68 26.95
CA GLY A 12 -5.74 -23.87 26.98
C GLY A 12 -6.88 -24.54 26.23
N LYS A 13 -8.13 -24.10 26.49
CA LYS A 13 -9.35 -24.71 25.90
C LYS A 13 -9.48 -24.43 24.38
N PRO A 14 -10.09 -25.33 23.58
CA PRO A 14 -10.19 -25.18 22.12
C PRO A 14 -11.00 -23.96 21.63
N ASP A 15 -11.95 -23.49 22.44
CA ASP A 15 -12.86 -22.37 22.15
C ASP A 15 -12.26 -20.94 22.30
N GLN A 16 -10.97 -20.79 21.98
CA GLN A 16 -10.25 -19.51 22.03
C GLN A 16 -10.84 -18.47 21.05
N LYS A 17 -11.11 -17.26 21.54
CA LYS A 17 -11.75 -16.17 20.77
C LYS A 17 -10.86 -15.60 19.66
N PHE A 18 -11.49 -15.12 18.58
CA PHE A 18 -10.86 -14.35 17.51
C PHE A 18 -10.79 -12.82 17.73
N ASP A 19 -9.75 -12.16 17.23
CA ASP A 19 -9.60 -10.69 17.23
C ASP A 19 -8.73 -10.19 16.06
N GLN A 20 -9.03 -9.00 15.54
CA GLN A 20 -8.24 -8.28 14.54
C GLN A 20 -8.30 -6.76 14.78
N LYS A 21 -7.14 -6.11 14.78
CA LYS A 21 -6.91 -4.65 14.92
C LYS A 21 -5.79 -4.15 13.99
N GLN A 22 -5.56 -4.85 12.89
CA GLN A 22 -4.47 -4.65 11.94
C GLN A 22 -4.90 -4.95 10.49
N GLU A 23 -4.17 -4.41 9.52
CA GLU A 23 -4.41 -4.55 8.07
C GLU A 23 -5.85 -4.18 7.64
N LEU A 24 -6.25 -2.94 8.00
CA LEU A 24 -7.62 -2.40 7.91
C LEU A 24 -8.14 -2.11 6.48
N GLY A 25 -7.53 -2.69 5.46
CA GLY A 25 -7.79 -2.43 4.04
C GLY A 25 -7.19 -1.10 3.57
N ARG A 26 -6.05 -1.15 2.87
CA ARG A 26 -5.24 0.01 2.46
C ARG A 26 -4.30 -0.33 1.31
N VAL A 27 -4.42 0.40 0.21
CA VAL A 27 -3.45 0.40 -0.91
C VAL A 27 -3.39 1.82 -1.48
N ILE A 28 -2.20 2.39 -1.49
CA ILE A 28 -1.89 3.65 -2.17
C ILE A 28 -1.76 3.41 -3.67
N HIS A 29 -2.31 4.32 -4.47
CA HIS A 29 -2.14 4.39 -5.92
C HIS A 29 -1.34 5.65 -6.28
N LEU A 30 -0.28 5.47 -7.07
CA LEU A 30 0.58 6.51 -7.65
C LEU A 30 0.41 6.53 -9.17
N SER A 31 0.24 7.72 -9.74
CA SER A 31 0.04 7.93 -11.19
C SER A 31 0.80 9.16 -11.71
N ASN A 32 0.94 9.26 -13.03
CA ASN A 32 1.77 10.25 -13.73
C ASN A 32 3.27 10.18 -13.30
N LEU A 33 3.79 8.97 -13.07
CA LEU A 33 5.19 8.72 -12.77
C LEU A 33 6.09 8.94 -14.02
N PRO A 34 7.43 9.06 -13.86
CA PRO A 34 8.39 9.00 -14.95
C PRO A 34 8.40 7.64 -15.67
N HIS A 35 9.16 7.54 -16.77
CA HIS A 35 9.41 6.30 -17.52
C HIS A 35 10.90 6.07 -17.83
N SER A 36 11.80 6.61 -17.00
CA SER A 36 13.26 6.63 -17.19
C SER A 36 14.01 5.32 -16.82
N GLY A 37 13.30 4.21 -16.55
CA GLY A 37 13.90 2.89 -16.29
C GLY A 37 14.50 2.72 -14.89
N TYR A 38 13.89 3.36 -13.89
CA TYR A 38 14.31 3.35 -12.48
C TYR A 38 14.10 2.03 -11.71
N SER A 39 14.86 1.83 -10.63
CA SER A 39 14.64 0.74 -9.66
C SER A 39 13.35 0.96 -8.85
N ASP A 40 12.72 -0.13 -8.39
CA ASP A 40 11.51 -0.10 -7.55
C ASP A 40 11.60 0.77 -6.27
N SER A 41 12.78 0.80 -5.66
CA SER A 41 13.11 1.63 -4.49
C SER A 41 12.89 3.13 -4.73
N ALA A 42 13.00 3.61 -5.98
CA ALA A 42 12.72 5.00 -6.34
C ALA A 42 11.24 5.39 -6.09
N VAL A 43 10.32 4.46 -6.36
CA VAL A 43 8.88 4.61 -6.07
C VAL A 43 8.54 4.41 -4.60
N LEU A 44 9.13 3.40 -3.97
CA LEU A 44 8.90 3.08 -2.56
C LEU A 44 9.32 4.23 -1.64
N LYS A 45 10.45 4.90 -1.93
CA LYS A 45 10.89 6.11 -1.23
C LYS A 45 9.96 7.33 -1.35
N LEU A 46 8.94 7.29 -2.22
CA LEU A 46 7.87 8.29 -2.24
C LEU A 46 6.83 8.06 -1.13
N ALA A 47 6.62 6.80 -0.72
CA ALA A 47 5.67 6.40 0.31
C ALA A 47 6.32 6.22 1.70
N GLU A 48 7.61 5.86 1.75
CA GLU A 48 8.38 5.71 2.99
C GLU A 48 8.29 6.88 4.00
N PRO A 49 8.25 8.17 3.59
CA PRO A 49 8.11 9.29 4.51
C PRO A 49 6.77 9.34 5.26
N TYR A 50 5.74 8.69 4.71
CA TYR A 50 4.35 8.72 5.21
C TYR A 50 3.98 7.52 6.09
N GLY A 51 4.71 6.41 5.97
CA GLY A 51 4.49 5.20 6.76
C GLY A 51 5.26 3.97 6.28
N LYS A 52 5.02 2.83 6.95
CA LYS A 52 5.61 1.52 6.63
C LYS A 52 4.94 0.87 5.42
N ILE A 53 5.65 -0.02 4.72
CA ILE A 53 5.20 -0.72 3.49
C ILE A 53 5.28 -2.24 3.68
N LYS A 54 4.24 -2.97 3.22
CA LYS A 54 4.19 -4.45 3.18
C LYS A 54 4.56 -5.03 1.81
N ASN A 55 3.97 -4.47 0.75
CA ASN A 55 3.97 -5.00 -0.62
C ASN A 55 3.84 -3.86 -1.65
N TYR A 56 4.14 -4.12 -2.93
CA TYR A 56 3.96 -3.16 -4.01
C TYR A 56 3.81 -3.89 -5.36
N ILE A 57 3.25 -3.18 -6.36
CA ILE A 57 3.10 -3.61 -7.75
C ILE A 57 3.35 -2.38 -8.66
N LEU A 58 4.41 -2.41 -9.48
CA LEU A 58 4.68 -1.35 -10.46
C LEU A 58 4.04 -1.68 -11.82
N MET A 59 3.56 -0.65 -12.54
CA MET A 59 2.86 -0.78 -13.83
C MET A 59 3.37 0.21 -14.90
N ARG A 60 3.79 -0.31 -16.04
CA ARG A 60 4.18 0.48 -17.23
C ARG A 60 3.01 1.28 -17.80
N MET A 61 1.81 0.70 -17.79
CA MET A 61 0.57 1.32 -18.28
C MET A 61 0.27 2.64 -17.56
N LYS A 62 0.19 3.73 -18.33
CA LYS A 62 -0.01 5.12 -17.86
C LYS A 62 1.03 5.63 -16.83
N SER A 63 2.17 4.92 -16.69
CA SER A 63 3.21 5.16 -15.67
C SER A 63 2.65 5.23 -14.25
N GLN A 64 2.33 4.06 -13.69
CA GLN A 64 1.59 3.90 -12.43
C GLN A 64 2.24 2.90 -11.46
N ALA A 65 1.84 2.95 -10.18
CA ALA A 65 2.27 2.01 -9.15
C ALA A 65 1.23 1.88 -8.03
N PHE A 66 1.14 0.69 -7.44
CA PHE A 66 0.38 0.40 -6.21
C PHE A 66 1.31 0.04 -5.05
N ILE A 67 1.03 0.53 -3.84
CA ILE A 67 1.83 0.29 -2.63
C ILE A 67 0.89 -0.04 -1.46
N GLU A 68 1.06 -1.21 -0.84
CA GLU A 68 0.36 -1.58 0.39
C GLU A 68 1.10 -1.00 1.61
N MET A 69 0.53 0.00 2.26
CA MET A 69 1.03 0.52 3.54
C MET A 69 0.71 -0.46 4.68
N GLU A 70 1.43 -0.40 5.81
CA GLU A 70 1.14 -1.24 6.98
C GLU A 70 -0.27 -0.97 7.54
N THR A 71 -0.65 0.30 7.68
CA THR A 71 -1.93 0.78 8.21
C THR A 71 -2.70 1.72 7.29
N ARG A 72 -4.04 1.77 7.46
CA ARG A 72 -4.89 2.71 6.71
C ARG A 72 -4.63 4.17 7.09
N GLU A 73 -4.18 4.42 8.32
CA GLU A 73 -3.71 5.75 8.76
C GLU A 73 -2.39 6.15 8.08
N ASP A 74 -1.43 5.22 7.98
CA ASP A 74 -0.20 5.40 7.18
C ASP A 74 -0.44 5.75 5.70
N ALA A 75 -1.46 5.14 5.11
CA ALA A 75 -1.92 5.46 3.75
C ALA A 75 -2.65 6.82 3.69
N MET A 76 -3.69 7.03 4.51
CA MET A 76 -4.50 8.26 4.50
C MET A 76 -3.69 9.54 4.73
N ALA A 77 -2.59 9.49 5.51
CA ALA A 77 -1.67 10.61 5.70
C ALA A 77 -0.98 11.06 4.40
N MET A 78 -0.67 10.12 3.49
CA MET A 78 -0.09 10.42 2.17
C MET A 78 -1.12 11.07 1.23
N VAL A 79 -2.39 10.64 1.31
CA VAL A 79 -3.51 11.28 0.60
C VAL A 79 -3.75 12.71 1.10
N ASP A 80 -3.76 12.92 2.42
CA ASP A 80 -3.94 14.24 3.04
C ASP A 80 -2.84 15.23 2.62
N HIS A 81 -1.59 14.76 2.54
CA HIS A 81 -0.50 15.54 1.98
C HIS A 81 -0.77 15.92 0.52
N CYS A 82 -1.15 14.96 -0.33
CA CYS A 82 -1.40 15.18 -1.76
C CYS A 82 -2.55 16.18 -2.00
N LEU A 83 -3.58 16.14 -1.16
CA LEU A 83 -4.71 17.08 -1.17
C LEU A 83 -4.30 18.53 -0.83
N LYS A 84 -3.20 18.73 -0.10
CA LYS A 84 -2.65 20.03 0.32
C LYS A 84 -1.52 20.55 -0.57
N LYS A 85 -0.65 19.65 -1.05
CA LYS A 85 0.59 19.91 -1.79
C LYS A 85 0.91 18.77 -2.78
N ALA A 86 1.42 19.11 -3.96
CA ALA A 86 1.86 18.13 -4.96
C ALA A 86 3.11 17.34 -4.51
N LEU A 87 3.15 16.06 -4.85
CA LEU A 87 4.31 15.17 -4.68
C LEU A 87 5.16 15.17 -5.97
N TRP A 88 6.48 15.33 -5.84
CA TRP A 88 7.41 15.44 -6.96
C TRP A 88 8.43 14.29 -7.07
N PHE A 89 8.64 13.78 -8.29
CA PHE A 89 9.62 12.73 -8.59
C PHE A 89 10.24 12.81 -10.00
N GLN A 90 11.58 12.92 -10.08
CA GLN A 90 12.33 13.16 -11.34
C GLN A 90 11.70 14.26 -12.23
N GLY A 91 11.37 15.40 -11.61
CA GLY A 91 10.80 16.57 -12.29
C GLY A 91 9.32 16.45 -12.71
N ARG A 92 8.59 15.42 -12.26
CA ARG A 92 7.17 15.18 -12.61
C ARG A 92 6.27 15.21 -11.37
N CYS A 93 5.08 15.78 -11.53
CA CYS A 93 4.04 15.86 -10.51
C CYS A 93 3.27 14.54 -10.39
N VAL A 94 3.58 13.76 -9.37
CA VAL A 94 2.94 12.47 -9.06
C VAL A 94 1.55 12.68 -8.46
N LYS A 95 0.54 12.04 -9.03
CA LYS A 95 -0.82 11.98 -8.49
C LYS A 95 -0.95 10.85 -7.48
N VAL A 96 -1.67 11.10 -6.39
CA VAL A 96 -1.90 10.13 -5.29
C VAL A 96 -3.37 9.89 -4.98
N ASP A 97 -3.74 8.62 -4.90
CA ASP A 97 -5.05 8.09 -4.48
C ASP A 97 -4.95 6.92 -3.50
N LEU A 98 -6.05 6.51 -2.87
CA LEU A 98 -6.14 5.31 -2.04
C LEU A 98 -7.24 4.38 -2.55
N SER A 99 -6.86 3.17 -2.98
CA SER A 99 -7.73 2.20 -3.63
C SER A 99 -8.49 1.36 -2.61
N GLU A 100 -9.78 1.61 -2.49
CA GLU A 100 -10.70 0.87 -1.60
C GLU A 100 -10.94 -0.58 -2.07
N LYS A 101 -10.80 -0.86 -3.37
CA LYS A 101 -11.08 -2.19 -3.97
C LYS A 101 -9.97 -3.24 -3.73
N TYR A 102 -8.70 -2.83 -3.73
CA TYR A 102 -7.57 -3.75 -3.50
C TYR A 102 -7.38 -4.30 -2.08
N LYS A 103 -7.42 -3.40 -1.08
CA LYS A 103 -7.21 -3.65 0.37
C LYS A 103 -5.84 -4.19 0.81
N LYS A 104 -5.24 -5.11 0.06
CA LYS A 104 -3.85 -5.60 0.18
C LYS A 104 -3.37 -6.20 -1.15
N LEU A 105 -2.07 -6.12 -1.44
CA LEU A 105 -1.48 -6.55 -2.72
C LEU A 105 -1.07 -8.03 -2.68
N VAL A 106 -2.08 -8.90 -2.55
CA VAL A 106 -1.95 -10.37 -2.54
C VAL A 106 -1.55 -11.02 -3.87
N SER A 107 -1.60 -10.26 -4.97
CA SER A 107 -1.28 -10.62 -6.37
C SER A 107 -2.15 -11.70 -7.03
N GLY A 108 -2.77 -12.62 -6.27
CA GLY A 108 -3.76 -13.57 -6.76
C GLY A 108 -4.27 -14.56 -5.69
N PRO A 109 -5.35 -15.32 -5.97
CA PRO A 109 -5.92 -16.30 -5.03
C PRO A 109 -4.95 -17.41 -4.61
N SER A 110 -5.08 -17.88 -3.37
CA SER A 110 -4.34 -19.00 -2.75
C SER A 110 -2.81 -18.88 -2.62
N SER A 111 -2.19 -17.82 -3.17
CA SER A 111 -0.73 -17.60 -3.26
C SER A 111 0.03 -18.74 -3.98
N GLY A 112 1.36 -18.68 -3.98
CA GLY A 112 2.27 -19.67 -4.61
C GLY A 112 2.32 -21.01 -3.86
N GLY A 1 1.54 28.59 19.51
CA GLY A 1 0.80 28.15 20.72
C GLY A 1 -0.68 27.94 20.41
N SER A 2 -1.30 26.93 21.04
CA SER A 2 -2.70 26.52 20.81
C SER A 2 -3.37 26.06 22.11
N SER A 3 -4.71 26.15 22.18
CA SER A 3 -5.51 25.86 23.37
C SER A 3 -5.54 24.38 23.79
N GLY A 4 -5.27 23.45 22.86
CA GLY A 4 -5.30 22.00 23.11
C GLY A 4 -6.71 21.43 23.29
N SER A 5 -6.79 20.24 23.92
CA SER A 5 -8.05 19.52 24.19
C SER A 5 -8.98 20.27 25.17
N SER A 6 -10.29 20.02 25.08
CA SER A 6 -11.35 20.64 25.89
C SER A 6 -11.45 20.10 27.34
N GLY A 7 -10.31 19.99 28.03
CA GLY A 7 -10.19 19.44 29.38
C GLY A 7 -10.35 17.91 29.44
N LYS A 8 -10.62 17.40 30.66
CA LYS A 8 -10.69 15.98 31.05
C LYS A 8 -9.36 15.20 30.89
N LYS A 9 -9.26 14.03 31.53
CA LYS A 9 -8.07 13.16 31.52
C LYS A 9 -7.88 12.48 30.15
N PRO A 10 -6.71 12.61 29.48
CA PRO A 10 -6.39 11.85 28.28
C PRO A 10 -5.93 10.42 28.61
N GLU A 11 -6.33 9.44 27.80
CA GLU A 11 -5.82 8.05 27.82
C GLU A 11 -5.69 7.49 26.38
N GLY A 12 -4.60 6.76 26.11
CA GLY A 12 -4.27 6.27 24.76
C GLY A 12 -4.91 4.92 24.35
N LYS A 13 -5.51 4.19 25.30
CA LYS A 13 -6.09 2.85 25.07
C LYS A 13 -7.38 2.90 24.23
N PRO A 14 -7.48 2.17 23.10
CA PRO A 14 -8.74 1.99 22.38
C PRO A 14 -9.67 1.00 23.12
N ASP A 15 -10.98 1.20 23.02
CA ASP A 15 -11.98 0.36 23.71
C ASP A 15 -11.95 -1.14 23.36
N GLN A 16 -11.59 -1.46 22.12
CA GLN A 16 -11.47 -2.81 21.57
C GLN A 16 -10.07 -3.45 21.81
N LYS A 17 -9.12 -2.73 22.41
CA LYS A 17 -7.71 -3.14 22.60
C LYS A 17 -7.07 -3.61 21.28
N PHE A 18 -6.89 -4.91 21.08
CA PHE A 18 -6.37 -5.50 19.84
C PHE A 18 -7.35 -5.67 18.66
N ASP A 19 -8.67 -5.67 18.94
CA ASP A 19 -9.74 -5.98 17.99
C ASP A 19 -10.22 -4.82 17.08
N GLN A 20 -9.29 -3.97 16.62
CA GLN A 20 -9.57 -2.74 15.88
C GLN A 20 -8.49 -2.43 14.81
N LYS A 21 -8.89 -1.68 13.77
CA LYS A 21 -8.10 -1.21 12.59
C LYS A 21 -7.46 -2.27 11.68
N GLN A 22 -7.32 -3.52 12.14
CA GLN A 22 -6.74 -4.64 11.39
C GLN A 22 -7.56 -5.03 10.14
N GLU A 23 -8.88 -4.85 10.17
CA GLU A 23 -9.83 -5.30 9.12
C GLU A 23 -10.04 -4.32 7.97
N LEU A 24 -9.27 -3.22 7.93
CA LEU A 24 -9.50 -2.09 7.03
C LEU A 24 -8.61 -2.12 5.77
N GLY A 25 -9.17 -1.69 4.64
CA GLY A 25 -8.46 -1.59 3.36
C GLY A 25 -7.51 -0.40 3.30
N ARG A 26 -6.27 -0.63 2.86
CA ARG A 26 -5.24 0.42 2.68
C ARG A 26 -4.16 0.06 1.66
N VAL A 27 -4.32 0.59 0.44
CA VAL A 27 -3.34 0.52 -0.66
C VAL A 27 -3.28 1.90 -1.29
N ILE A 28 -2.09 2.48 -1.38
CA ILE A 28 -1.83 3.73 -2.09
C ILE A 28 -1.71 3.47 -3.59
N HIS A 29 -2.32 4.35 -4.39
CA HIS A 29 -2.16 4.44 -5.83
C HIS A 29 -1.33 5.68 -6.18
N LEU A 30 -0.38 5.53 -7.10
CA LEU A 30 0.46 6.58 -7.67
C LEU A 30 0.32 6.59 -9.19
N SER A 31 0.10 7.76 -9.79
CA SER A 31 -0.07 7.94 -11.24
C SER A 31 0.71 9.17 -11.75
N ASN A 32 0.91 9.25 -13.07
CA ASN A 32 1.77 10.23 -13.75
C ASN A 32 3.24 10.16 -13.26
N LEU A 33 3.74 8.96 -13.00
CA LEU A 33 5.15 8.70 -12.71
C LEU A 33 6.04 8.95 -13.96
N PRO A 34 7.38 8.96 -13.84
CA PRO A 34 8.33 8.94 -14.96
C PRO A 34 8.27 7.67 -15.83
N HIS A 35 9.17 7.57 -16.81
CA HIS A 35 9.41 6.35 -17.60
C HIS A 35 10.92 6.14 -17.90
N SER A 36 11.79 6.60 -17.00
CA SER A 36 13.26 6.60 -17.15
C SER A 36 13.96 5.25 -16.84
N GLY A 37 13.22 4.16 -16.66
CA GLY A 37 13.78 2.82 -16.37
C GLY A 37 14.29 2.64 -14.94
N TYR A 38 13.72 3.38 -13.99
CA TYR A 38 14.12 3.42 -12.57
C TYR A 38 13.90 2.13 -11.77
N SER A 39 14.70 1.91 -10.72
CA SER A 39 14.50 0.82 -9.75
C SER A 39 13.22 1.02 -8.92
N ASP A 40 12.60 -0.07 -8.46
CA ASP A 40 11.40 -0.04 -7.61
C ASP A 40 11.50 0.82 -6.33
N SER A 41 12.69 0.88 -5.74
CA SER A 41 13.00 1.74 -4.58
C SER A 41 12.70 3.22 -4.84
N ALA A 42 12.81 3.69 -6.09
CA ALA A 42 12.50 5.07 -6.47
C ALA A 42 11.01 5.44 -6.35
N VAL A 43 10.12 4.45 -6.38
CA VAL A 43 8.68 4.60 -6.07
C VAL A 43 8.38 4.38 -4.60
N LEU A 44 8.97 3.35 -3.99
CA LEU A 44 8.77 3.00 -2.58
C LEU A 44 9.21 4.13 -1.64
N LYS A 45 10.30 4.84 -1.98
CA LYS A 45 10.79 6.00 -1.22
C LYS A 45 9.78 7.16 -1.14
N LEU A 46 8.80 7.22 -2.04
CA LEU A 46 7.72 8.23 -2.04
C LEU A 46 6.70 7.96 -0.93
N ALA A 47 6.46 6.69 -0.57
CA ALA A 47 5.56 6.28 0.50
C ALA A 47 6.26 6.07 1.86
N GLU A 48 7.57 5.75 1.85
CA GLU A 48 8.42 5.57 3.04
C GLU A 48 8.28 6.60 4.18
N PRO A 49 8.26 7.93 3.94
CA PRO A 49 8.15 8.92 5.02
C PRO A 49 6.72 9.00 5.61
N TYR A 50 5.72 8.50 4.89
CA TYR A 50 4.33 8.42 5.34
C TYR A 50 4.03 7.13 6.13
N GLY A 51 4.72 6.03 5.80
CA GLY A 51 4.65 4.77 6.55
C GLY A 51 5.45 3.61 5.96
N LYS A 52 5.45 2.49 6.68
CA LYS A 52 6.00 1.19 6.27
C LYS A 52 5.14 0.47 5.24
N ILE A 53 5.79 -0.37 4.44
CA ILE A 53 5.23 -1.00 3.24
C ILE A 53 5.27 -2.54 3.36
N LYS A 54 4.18 -3.22 2.98
CA LYS A 54 4.06 -4.69 2.99
C LYS A 54 4.34 -5.31 1.62
N ASN A 55 3.77 -4.71 0.57
CA ASN A 55 3.70 -5.21 -0.81
C ASN A 55 3.61 -4.03 -1.80
N TYR A 56 3.94 -4.25 -3.07
CA TYR A 56 3.79 -3.24 -4.13
C TYR A 56 3.63 -3.92 -5.51
N ILE A 57 3.09 -3.16 -6.46
CA ILE A 57 2.94 -3.52 -7.88
C ILE A 57 3.28 -2.28 -8.72
N LEU A 58 4.31 -2.35 -9.56
CA LEU A 58 4.61 -1.29 -10.54
C LEU A 58 3.98 -1.60 -11.91
N MET A 59 3.50 -0.57 -12.60
CA MET A 59 2.96 -0.64 -13.96
C MET A 59 3.61 0.43 -14.85
N ARG A 60 4.61 0.03 -15.67
CA ARG A 60 5.35 0.95 -16.55
C ARG A 60 4.46 1.56 -17.63
N MET A 61 3.56 0.76 -18.20
CA MET A 61 2.49 1.24 -19.09
C MET A 61 1.57 2.23 -18.33
N LYS A 62 1.32 3.40 -18.94
CA LYS A 62 0.63 4.56 -18.33
C LYS A 62 1.32 5.18 -17.08
N SER A 63 2.52 4.71 -16.72
CA SER A 63 3.33 5.21 -15.60
C SER A 63 2.59 5.28 -14.26
N GLN A 64 2.19 4.11 -13.74
CA GLN A 64 1.42 3.93 -12.50
C GLN A 64 2.10 2.95 -11.53
N ALA A 65 1.71 3.00 -10.25
CA ALA A 65 2.15 2.07 -9.21
C ALA A 65 1.10 1.93 -8.09
N PHE A 66 1.11 0.79 -7.41
CA PHE A 66 0.33 0.53 -6.20
C PHE A 66 1.22 0.05 -5.05
N ILE A 67 0.94 0.48 -3.81
CA ILE A 67 1.75 0.20 -2.61
C ILE A 67 0.82 -0.13 -1.43
N GLU A 68 0.96 -1.31 -0.83
CA GLU A 68 0.24 -1.72 0.38
C GLU A 68 0.95 -1.19 1.63
N MET A 69 0.33 -0.24 2.35
CA MET A 69 0.85 0.31 3.60
C MET A 69 0.60 -0.62 4.79
N GLU A 70 1.41 -0.50 5.86
CA GLU A 70 1.19 -1.26 7.10
C GLU A 70 -0.06 -0.83 7.87
N THR A 71 -0.43 0.46 7.79
CA THR A 71 -1.60 1.06 8.46
C THR A 71 -2.46 1.99 7.60
N ARG A 72 -3.74 2.13 7.96
CA ARG A 72 -4.67 3.03 7.26
C ARG A 72 -4.42 4.50 7.63
N GLU A 73 -3.99 4.75 8.86
CA GLU A 73 -3.57 6.09 9.30
C GLU A 73 -2.35 6.57 8.49
N ASP A 74 -1.36 5.69 8.28
CA ASP A 74 -0.22 5.93 7.41
C ASP A 74 -0.57 6.19 5.94
N ALA A 75 -1.51 5.42 5.39
CA ALA A 75 -2.00 5.58 4.02
C ALA A 75 -2.79 6.90 3.83
N MET A 76 -3.84 7.13 4.61
CA MET A 76 -4.71 8.31 4.47
C MET A 76 -3.96 9.63 4.67
N ALA A 77 -2.92 9.64 5.52
CA ALA A 77 -2.04 10.79 5.72
C ALA A 77 -1.27 11.18 4.44
N MET A 78 -0.87 10.22 3.61
CA MET A 78 -0.23 10.49 2.31
C MET A 78 -1.20 11.14 1.30
N VAL A 79 -2.47 10.71 1.31
CA VAL A 79 -3.55 11.35 0.53
C VAL A 79 -3.82 12.78 0.98
N ASP A 80 -3.95 12.99 2.30
CA ASP A 80 -4.17 14.31 2.91
C ASP A 80 -3.03 15.29 2.61
N HIS A 81 -1.79 14.81 2.66
CA HIS A 81 -0.62 15.59 2.26
C HIS A 81 -0.66 15.95 0.77
N CYS A 82 -1.00 15.01 -0.13
CA CYS A 82 -1.12 15.26 -1.57
C CYS A 82 -2.21 16.29 -1.91
N LEU A 83 -3.34 16.23 -1.19
CA LEU A 83 -4.45 17.18 -1.30
C LEU A 83 -4.07 18.62 -0.87
N LYS A 84 -3.04 18.77 -0.03
CA LYS A 84 -2.50 20.07 0.44
C LYS A 84 -1.31 20.56 -0.40
N LYS A 85 -0.37 19.68 -0.74
CA LYS A 85 0.87 19.96 -1.48
C LYS A 85 1.19 18.89 -2.53
N ALA A 86 1.61 19.31 -3.72
CA ALA A 86 1.95 18.42 -4.83
C ALA A 86 3.22 17.58 -4.55
N LEU A 87 3.15 16.28 -4.84
CA LEU A 87 4.26 15.33 -4.78
C LEU A 87 5.04 15.37 -6.11
N TRP A 88 6.36 15.58 -6.07
CA TRP A 88 7.23 15.62 -7.26
C TRP A 88 8.28 14.50 -7.31
N PHE A 89 8.46 13.89 -8.49
CA PHE A 89 9.44 12.81 -8.73
C PHE A 89 10.06 12.83 -10.13
N GLN A 90 11.39 12.99 -10.23
CA GLN A 90 12.16 13.17 -11.49
C GLN A 90 11.54 14.20 -12.46
N GLY A 91 10.99 15.30 -11.93
CA GLY A 91 10.39 16.38 -12.71
C GLY A 91 8.94 16.15 -13.18
N ARG A 92 8.24 15.12 -12.67
CA ARG A 92 6.79 14.93 -12.87
C ARG A 92 6.00 15.07 -11.57
N CYS A 93 4.81 15.67 -11.66
CA CYS A 93 3.86 15.73 -10.54
C CYS A 93 3.13 14.38 -10.42
N VAL A 94 3.35 13.68 -9.31
CA VAL A 94 2.74 12.38 -9.00
C VAL A 94 1.36 12.55 -8.38
N LYS A 95 0.32 11.98 -9.01
CA LYS A 95 -1.06 11.99 -8.51
C LYS A 95 -1.22 10.83 -7.51
N VAL A 96 -1.60 11.14 -6.28
CA VAL A 96 -1.89 10.16 -5.22
C VAL A 96 -3.38 9.88 -5.04
N ASP A 97 -3.71 8.59 -4.83
CA ASP A 97 -5.02 8.06 -4.45
C ASP A 97 -4.95 6.88 -3.46
N LEU A 98 -6.08 6.42 -2.92
CA LEU A 98 -6.14 5.22 -2.07
C LEU A 98 -7.16 4.21 -2.63
N SER A 99 -6.67 3.03 -3.00
CA SER A 99 -7.38 1.97 -3.74
C SER A 99 -8.18 1.05 -2.82
N GLU A 100 -9.34 1.55 -2.36
CA GLU A 100 -10.31 0.77 -1.57
C GLU A 100 -10.95 -0.40 -2.35
N LYS A 101 -10.81 -0.43 -3.68
CA LYS A 101 -11.16 -1.59 -4.52
C LYS A 101 -10.18 -2.77 -4.35
N TYR A 102 -8.91 -2.49 -4.04
CA TYR A 102 -7.85 -3.51 -3.87
C TYR A 102 -7.66 -4.00 -2.43
N LYS A 103 -7.65 -3.07 -1.46
CA LYS A 103 -7.50 -3.26 0.00
C LYS A 103 -6.17 -3.85 0.49
N LYS A 104 -5.51 -4.69 -0.32
CA LYS A 104 -4.16 -5.27 -0.14
C LYS A 104 -3.56 -5.66 -1.52
N LEU A 105 -2.26 -5.95 -1.61
CA LEU A 105 -1.58 -6.39 -2.83
C LEU A 105 -0.91 -7.77 -2.68
N VAL A 106 -0.63 -8.43 -3.81
CA VAL A 106 0.00 -9.76 -3.89
C VAL A 106 1.09 -9.83 -4.97
N SER A 107 2.16 -10.60 -4.72
CA SER A 107 3.31 -10.76 -5.65
C SER A 107 2.91 -11.40 -7.00
N GLY A 108 1.88 -12.24 -7.00
CA GLY A 108 1.28 -12.86 -8.19
C GLY A 108 -0.12 -13.43 -7.93
N PRO A 109 -0.83 -13.90 -8.97
CA PRO A 109 -2.19 -14.44 -8.84
C PRO A 109 -2.23 -15.76 -8.04
N SER A 110 -3.28 -15.94 -7.24
CA SER A 110 -3.46 -17.10 -6.33
C SER A 110 -4.91 -17.57 -6.17
N SER A 111 -5.89 -16.90 -6.82
CA SER A 111 -7.33 -17.13 -6.66
C SER A 111 -8.09 -16.92 -7.99
N GLY A 112 -9.27 -17.56 -8.13
CA GLY A 112 -10.18 -17.41 -9.27
C GLY A 112 -10.88 -16.05 -9.32
N GLY A 1 20.60 -23.71 44.80
CA GLY A 1 20.60 -24.38 43.47
C GLY A 1 20.02 -23.49 42.38
N SER A 2 19.91 -24.03 41.16
CA SER A 2 19.36 -23.34 39.98
C SER A 2 18.78 -24.36 38.97
N SER A 3 17.97 -23.89 38.01
CA SER A 3 17.38 -24.69 36.95
C SER A 3 18.39 -25.15 35.88
N GLY A 4 18.00 -26.08 35.00
CA GLY A 4 18.84 -26.59 33.91
C GLY A 4 19.13 -25.58 32.78
N SER A 5 18.38 -24.47 32.72
CA SER A 5 18.54 -23.37 31.74
C SER A 5 18.55 -23.83 30.26
N SER A 6 17.75 -24.86 29.95
CA SER A 6 17.70 -25.53 28.64
C SER A 6 17.21 -24.60 27.51
N GLY A 7 17.82 -24.73 26.31
CA GLY A 7 17.47 -23.92 25.13
C GLY A 7 16.20 -24.38 24.39
N LYS A 8 15.81 -25.66 24.54
CA LYS A 8 14.57 -26.24 23.97
C LYS A 8 13.30 -25.69 24.65
N LYS A 9 12.17 -25.78 23.94
CA LYS A 9 10.82 -25.53 24.50
C LYS A 9 10.49 -26.60 25.56
N PRO A 10 9.77 -26.27 26.65
CA PRO A 10 9.20 -27.25 27.56
C PRO A 10 8.22 -28.22 26.86
N GLU A 11 7.85 -29.31 27.53
CA GLU A 11 6.92 -30.31 26.96
C GLU A 11 5.44 -29.83 26.87
N GLY A 12 5.12 -28.67 27.46
CA GLY A 12 3.81 -28.01 27.39
C GLY A 12 3.56 -27.18 26.13
N LYS A 13 2.45 -26.43 26.14
CA LYS A 13 2.00 -25.55 25.05
C LYS A 13 3.00 -24.41 24.74
N PRO A 14 3.19 -24.01 23.47
CA PRO A 14 4.03 -22.84 23.10
C PRO A 14 3.57 -21.49 23.70
N ASP A 15 4.45 -20.49 23.60
CA ASP A 15 4.17 -19.09 23.94
C ASP A 15 3.13 -18.38 23.04
N GLN A 16 2.62 -17.23 23.51
CA GLN A 16 1.58 -16.43 22.83
C GLN A 16 2.00 -15.99 21.40
N LYS A 17 1.06 -16.07 20.45
CA LYS A 17 1.25 -15.71 19.04
C LYS A 17 1.59 -14.22 18.85
N PHE A 18 2.52 -13.93 17.93
CA PHE A 18 2.91 -12.57 17.55
C PHE A 18 1.80 -11.68 16.94
N ASP A 19 1.62 -10.47 17.47
CA ASP A 19 0.57 -9.53 17.05
C ASP A 19 0.76 -8.93 15.65
N GLN A 20 -0.26 -9.08 14.79
CA GLN A 20 -0.24 -8.73 13.36
C GLN A 20 -1.52 -8.01 12.92
N LYS A 21 -1.44 -7.17 11.89
CA LYS A 21 -2.52 -6.30 11.39
C LYS A 21 -2.39 -6.04 9.89
N GLN A 22 -3.50 -6.15 9.15
CA GLN A 22 -3.55 -5.97 7.68
C GLN A 22 -4.96 -5.69 7.13
N GLU A 23 -5.99 -6.37 7.65
CA GLU A 23 -7.35 -6.39 7.07
C GLU A 23 -8.21 -5.11 7.27
N LEU A 24 -7.56 -3.98 7.56
CA LEU A 24 -8.18 -2.64 7.57
C LEU A 24 -8.46 -2.13 6.14
N GLY A 25 -7.78 -2.70 5.13
CA GLY A 25 -7.88 -2.33 3.72
C GLY A 25 -7.16 -1.02 3.40
N ARG A 26 -5.94 -1.09 2.85
CA ARG A 26 -5.14 0.07 2.45
C ARG A 26 -4.21 -0.25 1.29
N VAL A 27 -4.38 0.44 0.17
CA VAL A 27 -3.45 0.44 -0.98
C VAL A 27 -3.38 1.86 -1.53
N ILE A 28 -2.19 2.46 -1.50
CA ILE A 28 -1.88 3.72 -2.16
C ILE A 28 -1.74 3.47 -3.67
N HIS A 29 -2.22 4.42 -4.47
CA HIS A 29 -2.03 4.47 -5.92
C HIS A 29 -1.25 5.73 -6.32
N LEU A 30 -0.29 5.55 -7.22
CA LEU A 30 0.55 6.59 -7.82
C LEU A 30 0.40 6.55 -9.35
N SER A 31 0.14 7.69 -9.99
CA SER A 31 0.00 7.82 -11.45
C SER A 31 0.73 9.05 -12.00
N ASN A 32 0.93 9.10 -13.32
CA ASN A 32 1.77 10.09 -14.03
C ASN A 32 3.24 10.08 -13.55
N LEU A 33 3.77 8.89 -13.22
CA LEU A 33 5.19 8.71 -12.90
C LEU A 33 6.08 8.92 -14.16
N PRO A 34 7.41 9.10 -14.01
CA PRO A 34 8.36 9.06 -15.13
C PRO A 34 8.48 7.63 -15.70
N HIS A 35 9.19 7.50 -16.83
CA HIS A 35 9.48 6.20 -17.47
C HIS A 35 10.99 5.89 -17.59
N SER A 36 11.82 6.58 -16.81
CA SER A 36 13.29 6.64 -16.90
C SER A 36 14.07 5.36 -16.49
N GLY A 37 13.43 4.20 -16.42
CA GLY A 37 14.09 2.89 -16.17
C GLY A 37 14.65 2.72 -14.75
N TYR A 38 14.06 3.39 -13.76
CA TYR A 38 14.48 3.37 -12.35
C TYR A 38 14.24 2.06 -11.59
N SER A 39 14.98 1.85 -10.49
CA SER A 39 14.71 0.76 -9.53
C SER A 39 13.40 1.02 -8.77
N ASP A 40 12.71 -0.04 -8.33
CA ASP A 40 11.47 0.08 -7.55
C ASP A 40 11.56 0.91 -6.25
N SER A 41 12.74 0.92 -5.62
CA SER A 41 13.04 1.76 -4.46
C SER A 41 12.82 3.25 -4.71
N ALA A 42 12.98 3.74 -5.95
CA ALA A 42 12.72 5.12 -6.33
C ALA A 42 11.25 5.52 -6.12
N VAL A 43 10.31 4.60 -6.39
CA VAL A 43 8.87 4.76 -6.13
C VAL A 43 8.50 4.52 -4.67
N LEU A 44 9.07 3.50 -4.04
CA LEU A 44 8.78 3.15 -2.64
C LEU A 44 9.18 4.27 -1.67
N LYS A 45 10.30 4.95 -1.93
CA LYS A 45 10.75 6.13 -1.16
C LYS A 45 9.83 7.36 -1.24
N LEU A 46 8.81 7.35 -2.12
CA LEU A 46 7.74 8.36 -2.11
C LEU A 46 6.71 8.11 -1.01
N ALA A 47 6.50 6.84 -0.62
CA ALA A 47 5.55 6.41 0.41
C ALA A 47 6.21 6.15 1.78
N GLU A 48 7.48 5.74 1.80
CA GLU A 48 8.27 5.53 3.03
C GLU A 48 8.23 6.66 4.09
N PRO A 49 8.17 7.96 3.72
CA PRO A 49 8.08 9.06 4.71
C PRO A 49 6.76 9.06 5.50
N TYR A 50 5.71 8.43 4.96
CA TYR A 50 4.36 8.40 5.52
C TYR A 50 4.05 7.15 6.36
N GLY A 51 4.79 6.06 6.12
CA GLY A 51 4.70 4.79 6.85
C GLY A 51 5.49 3.67 6.17
N LYS A 52 5.54 2.50 6.82
CA LYS A 52 6.16 1.28 6.26
C LYS A 52 5.27 0.58 5.23
N ILE A 53 5.90 -0.25 4.40
CA ILE A 53 5.31 -0.90 3.22
C ILE A 53 5.35 -2.43 3.37
N LYS A 54 4.22 -3.10 3.08
CA LYS A 54 4.09 -4.57 3.08
C LYS A 54 4.41 -5.19 1.71
N ASN A 55 3.87 -4.59 0.66
CA ASN A 55 3.83 -5.08 -0.72
C ASN A 55 3.74 -3.91 -1.71
N TYR A 56 4.05 -4.13 -2.98
CA TYR A 56 3.91 -3.14 -4.05
C TYR A 56 3.76 -3.84 -5.42
N ILE A 57 3.23 -3.10 -6.40
CA ILE A 57 3.06 -3.52 -7.80
C ILE A 57 3.34 -2.31 -8.69
N LEU A 58 4.47 -2.30 -9.42
CA LEU A 58 4.77 -1.30 -10.44
C LEU A 58 4.14 -1.67 -11.80
N MET A 59 3.65 -0.68 -12.55
CA MET A 59 3.04 -0.85 -13.88
C MET A 59 3.57 0.16 -14.92
N ARG A 60 4.08 -0.34 -16.06
CA ARG A 60 4.48 0.51 -17.20
C ARG A 60 3.29 1.21 -17.88
N MET A 61 2.10 0.60 -17.85
CA MET A 61 0.87 1.17 -18.40
C MET A 61 0.56 2.53 -17.76
N LYS A 62 0.60 3.60 -18.57
CA LYS A 62 0.42 5.01 -18.17
C LYS A 62 1.35 5.50 -17.04
N SER A 63 2.46 4.80 -16.80
CA SER A 63 3.44 5.04 -15.72
C SER A 63 2.77 5.12 -14.33
N GLN A 64 2.40 3.96 -13.80
CA GLN A 64 1.59 3.82 -12.57
C GLN A 64 2.24 2.86 -11.55
N ALA A 65 1.81 2.94 -10.29
CA ALA A 65 2.25 2.04 -9.22
C ALA A 65 1.20 1.92 -8.10
N PHE A 66 1.12 0.75 -7.48
CA PHE A 66 0.36 0.48 -6.26
C PHE A 66 1.28 0.09 -5.10
N ILE A 67 0.98 0.55 -3.88
CA ILE A 67 1.79 0.32 -2.67
C ILE A 67 0.87 -0.01 -1.49
N GLU A 68 1.08 -1.14 -0.83
CA GLU A 68 0.35 -1.54 0.39
C GLU A 68 1.08 -1.02 1.64
N MET A 69 0.49 -0.03 2.33
CA MET A 69 1.01 0.50 3.60
C MET A 69 0.71 -0.43 4.78
N GLU A 70 1.50 -0.37 5.85
CA GLU A 70 1.24 -1.15 7.08
C GLU A 70 -0.11 -0.79 7.74
N THR A 71 -0.51 0.48 7.69
CA THR A 71 -1.77 0.99 8.25
C THR A 71 -2.58 1.91 7.35
N ARG A 72 -3.91 1.88 7.53
CA ARG A 72 -4.84 2.74 6.77
C ARG A 72 -4.70 4.21 7.17
N GLU A 73 -4.33 4.49 8.42
CA GLU A 73 -4.00 5.84 8.87
C GLU A 73 -2.72 6.37 8.20
N ASP A 74 -1.67 5.54 8.10
CA ASP A 74 -0.44 5.88 7.36
C ASP A 74 -0.65 6.15 5.87
N ALA A 75 -1.53 5.35 5.24
CA ALA A 75 -1.97 5.57 3.86
C ALA A 75 -2.78 6.88 3.71
N MET A 76 -3.83 7.07 4.50
CA MET A 76 -4.67 8.28 4.46
C MET A 76 -3.88 9.57 4.71
N ALA A 77 -2.84 9.53 5.56
CA ALA A 77 -1.95 10.65 5.82
C ALA A 77 -1.15 11.06 4.57
N MET A 78 -0.73 10.12 3.72
CA MET A 78 -0.07 10.41 2.45
C MET A 78 -1.01 11.13 1.48
N VAL A 79 -2.28 10.71 1.41
CA VAL A 79 -3.32 11.40 0.62
C VAL A 79 -3.58 12.81 1.14
N ASP A 80 -3.72 12.98 2.45
CA ASP A 80 -3.98 14.28 3.10
C ASP A 80 -2.85 15.30 2.85
N HIS A 81 -1.60 14.86 2.93
CA HIS A 81 -0.45 15.68 2.55
C HIS A 81 -0.39 16.01 1.05
N CYS A 82 -0.76 15.08 0.16
CA CYS A 82 -0.86 15.34 -1.28
C CYS A 82 -1.94 16.40 -1.60
N LEU A 83 -3.07 16.37 -0.87
CA LEU A 83 -4.16 17.34 -0.96
C LEU A 83 -3.77 18.75 -0.47
N LYS A 84 -2.79 18.87 0.44
CA LYS A 84 -2.18 20.15 0.82
C LYS A 84 -1.18 20.63 -0.22
N LYS A 85 -0.23 19.76 -0.60
CA LYS A 85 0.87 20.00 -1.53
C LYS A 85 1.12 18.80 -2.46
N ALA A 86 1.09 19.03 -3.77
CA ALA A 86 1.24 17.96 -4.77
C ALA A 86 2.64 17.31 -4.71
N LEU A 87 2.68 15.99 -4.93
CA LEU A 87 3.88 15.17 -4.87
C LEU A 87 4.68 15.27 -6.18
N TRP A 88 5.99 15.46 -6.10
CA TRP A 88 6.91 15.54 -7.25
C TRP A 88 7.99 14.45 -7.23
N PHE A 89 8.29 13.87 -8.40
CA PHE A 89 9.27 12.80 -8.57
C PHE A 89 10.02 12.81 -9.92
N GLN A 90 11.34 13.00 -9.89
CA GLN A 90 12.23 13.08 -11.07
C GLN A 90 11.68 13.97 -12.22
N GLY A 91 11.10 15.12 -11.86
CA GLY A 91 10.58 16.12 -12.80
C GLY A 91 9.12 15.94 -13.27
N ARG A 92 8.36 15.00 -12.68
CA ARG A 92 6.90 14.86 -12.91
C ARG A 92 6.07 15.05 -11.64
N CYS A 93 4.89 15.66 -11.80
CA CYS A 93 3.87 15.75 -10.77
C CYS A 93 3.11 14.42 -10.69
N VAL A 94 3.18 13.75 -9.54
CA VAL A 94 2.55 12.45 -9.28
C VAL A 94 1.13 12.59 -8.73
N LYS A 95 0.17 11.93 -9.37
CA LYS A 95 -1.21 11.80 -8.88
C LYS A 95 -1.24 10.75 -7.76
N VAL A 96 -1.78 11.10 -6.60
CA VAL A 96 -1.89 10.20 -5.43
C VAL A 96 -3.35 9.94 -5.04
N ASP A 97 -3.74 8.67 -4.97
CA ASP A 97 -5.07 8.21 -4.55
C ASP A 97 -4.88 7.05 -3.56
N LEU A 98 -5.97 6.62 -2.92
CA LEU A 98 -6.04 5.40 -2.12
C LEU A 98 -7.15 4.48 -2.65
N SER A 99 -6.77 3.27 -3.09
CA SER A 99 -7.67 2.27 -3.64
C SER A 99 -8.44 1.53 -2.54
N GLU A 100 -9.76 1.72 -2.50
CA GLU A 100 -10.66 0.93 -1.66
C GLU A 100 -10.89 -0.49 -2.27
N LYS A 101 -10.72 -0.62 -3.59
CA LYS A 101 -10.86 -1.88 -4.34
C LYS A 101 -9.83 -2.94 -3.93
N TYR A 102 -8.55 -2.59 -3.90
CA TYR A 102 -7.48 -3.59 -3.79
C TYR A 102 -7.24 -4.25 -2.43
N LYS A 103 -7.51 -3.56 -1.31
CA LYS A 103 -7.41 -4.00 0.11
C LYS A 103 -6.00 -4.42 0.60
N LYS A 104 -5.32 -5.32 -0.12
CA LYS A 104 -3.94 -5.81 0.05
C LYS A 104 -3.38 -6.29 -1.30
N LEU A 105 -2.09 -6.12 -1.56
CA LEU A 105 -1.47 -6.41 -2.86
C LEU A 105 -0.98 -7.86 -2.98
N VAL A 106 -1.94 -8.80 -2.93
CA VAL A 106 -1.76 -10.21 -3.26
C VAL A 106 -1.63 -10.37 -4.80
N SER A 107 -1.10 -11.50 -5.26
CA SER A 107 -0.86 -11.78 -6.69
C SER A 107 -1.02 -13.26 -7.04
N GLY A 108 -1.44 -13.54 -8.28
CA GLY A 108 -1.68 -14.89 -8.83
C GLY A 108 -2.33 -14.85 -10.22
N PRO A 109 -2.46 -16.00 -10.91
CA PRO A 109 -3.10 -16.10 -12.22
C PRO A 109 -4.62 -15.85 -12.15
N SER A 110 -5.17 -15.23 -13.21
CA SER A 110 -6.59 -14.86 -13.35
C SER A 110 -7.07 -14.95 -14.80
N SER A 111 -8.37 -15.21 -14.99
CA SER A 111 -9.02 -15.25 -16.31
C SER A 111 -9.09 -13.87 -17.00
N GLY A 112 -9.09 -13.86 -18.34
CA GLY A 112 -9.24 -12.65 -19.16
C GLY A 112 -10.64 -12.03 -19.10
N GLY A 1 -35.52 -30.20 -6.47
CA GLY A 1 -35.39 -31.68 -6.55
C GLY A 1 -34.00 -32.11 -6.98
N SER A 2 -33.65 -33.38 -6.73
CA SER A 2 -32.37 -33.98 -7.15
C SER A 2 -32.26 -34.20 -8.67
N SER A 3 -31.03 -34.37 -9.17
CA SER A 3 -30.73 -34.65 -10.58
C SER A 3 -31.08 -36.08 -11.02
N GLY A 4 -31.23 -37.01 -10.08
CA GLY A 4 -31.56 -38.42 -10.31
C GLY A 4 -31.35 -39.30 -9.07
N SER A 5 -31.47 -40.63 -9.25
CA SER A 5 -31.25 -41.63 -8.17
C SER A 5 -29.80 -41.65 -7.66
N SER A 6 -28.83 -41.35 -8.53
CA SER A 6 -27.41 -41.20 -8.23
C SER A 6 -26.73 -40.24 -9.23
N GLY A 7 -25.64 -39.59 -8.83
CA GLY A 7 -24.89 -38.63 -9.65
C GLY A 7 -23.70 -37.98 -8.92
N LYS A 8 -22.97 -37.12 -9.64
CA LYS A 8 -21.79 -36.38 -9.14
C LYS A 8 -22.15 -35.41 -7.99
N LYS A 9 -21.28 -35.35 -6.97
CA LYS A 9 -21.31 -34.34 -5.88
C LYS A 9 -20.87 -32.96 -6.37
N PRO A 10 -21.45 -31.85 -5.85
CA PRO A 10 -21.17 -30.49 -6.32
C PRO A 10 -19.70 -30.08 -6.12
N GLU A 11 -19.17 -29.32 -7.08
CA GLU A 11 -17.74 -28.98 -7.17
C GLU A 11 -17.32 -27.88 -6.17
N GLY A 12 -18.23 -26.96 -5.83
CA GLY A 12 -17.97 -25.83 -4.92
C GLY A 12 -17.82 -26.25 -3.45
N LYS A 13 -16.62 -26.06 -2.89
CA LYS A 13 -16.31 -26.31 -1.47
C LYS A 13 -16.90 -25.24 -0.51
N PRO A 14 -17.12 -25.57 0.79
CA PRO A 14 -17.71 -24.63 1.76
C PRO A 14 -16.85 -23.37 2.02
N ASP A 15 -17.50 -22.23 2.22
CA ASP A 15 -16.90 -20.93 2.55
C ASP A 15 -17.29 -20.37 3.93
N GLN A 16 -16.41 -19.53 4.52
CA GLN A 16 -16.60 -18.90 5.84
C GLN A 16 -15.89 -17.54 5.91
N LYS A 17 -16.52 -16.56 6.58
CA LYS A 17 -16.00 -15.18 6.79
C LYS A 17 -16.64 -14.52 8.03
N PHE A 18 -15.86 -13.69 8.73
CA PHE A 18 -16.29 -12.96 9.93
C PHE A 18 -15.91 -11.47 10.00
N ASP A 19 -16.84 -10.61 10.45
CA ASP A 19 -16.67 -9.17 10.63
C ASP A 19 -15.84 -8.76 11.86
N GLN A 20 -14.51 -8.86 11.75
CA GLN A 20 -13.55 -8.53 12.82
C GLN A 20 -13.54 -7.05 13.25
N LYS A 21 -14.03 -6.13 12.40
CA LYS A 21 -14.01 -4.66 12.60
C LYS A 21 -12.58 -4.10 12.84
N GLN A 22 -11.58 -4.78 12.27
CA GLN A 22 -10.15 -4.51 12.39
C GLN A 22 -9.41 -4.89 11.09
N GLU A 23 -8.15 -4.45 10.95
CA GLU A 23 -7.28 -4.76 9.80
C GLU A 23 -7.88 -4.31 8.44
N LEU A 24 -8.45 -3.10 8.43
CA LEU A 24 -9.13 -2.49 7.26
C LEU A 24 -8.17 -2.28 6.08
N GLY A 25 -8.70 -2.36 4.85
CA GLY A 25 -7.91 -2.29 3.62
C GLY A 25 -7.20 -0.95 3.39
N ARG A 26 -5.98 -1.00 2.84
CA ARG A 26 -5.19 0.16 2.42
C ARG A 26 -4.26 -0.17 1.24
N VAL A 27 -4.50 0.47 0.10
CA VAL A 27 -3.61 0.45 -1.07
C VAL A 27 -3.51 1.87 -1.62
N ILE A 28 -2.32 2.44 -1.57
CA ILE A 28 -1.98 3.72 -2.21
C ILE A 28 -1.85 3.49 -3.72
N HIS A 29 -2.42 4.42 -4.49
CA HIS A 29 -2.26 4.55 -5.93
C HIS A 29 -1.38 5.77 -6.26
N LEU A 30 -0.40 5.58 -7.14
CA LEU A 30 0.47 6.61 -7.71
C LEU A 30 0.29 6.62 -9.23
N SER A 31 0.06 7.80 -9.83
CA SER A 31 -0.08 7.96 -11.29
C SER A 31 0.66 9.20 -11.80
N ASN A 32 0.85 9.30 -13.12
CA ASN A 32 1.70 10.30 -13.80
C ASN A 32 3.18 10.26 -13.32
N LEU A 33 3.68 9.05 -13.03
CA LEU A 33 5.08 8.78 -12.72
C LEU A 33 5.99 8.99 -13.97
N PRO A 34 7.32 9.01 -13.80
CA PRO A 34 8.29 8.93 -14.90
C PRO A 34 8.33 7.51 -15.53
N HIS A 35 9.14 7.32 -16.57
CA HIS A 35 9.39 6.03 -17.23
C HIS A 35 10.88 5.83 -17.61
N SER A 36 11.79 6.35 -16.77
CA SER A 36 13.24 6.42 -17.02
C SER A 36 14.02 5.10 -16.81
N GLY A 37 13.34 3.95 -16.61
CA GLY A 37 13.97 2.64 -16.37
C GLY A 37 14.53 2.44 -14.95
N TYR A 38 13.96 3.12 -13.96
CA TYR A 38 14.36 3.12 -12.55
C TYR A 38 14.10 1.83 -11.76
N SER A 39 14.89 1.57 -10.71
CA SER A 39 14.61 0.51 -9.73
C SER A 39 13.34 0.79 -8.93
N ASP A 40 12.65 -0.26 -8.47
CA ASP A 40 11.43 -0.16 -7.66
C ASP A 40 11.52 0.73 -6.40
N SER A 41 12.70 0.76 -5.76
CA SER A 41 13.01 1.62 -4.61
C SER A 41 12.78 3.11 -4.87
N ALA A 42 12.92 3.57 -6.13
CA ALA A 42 12.65 4.96 -6.52
C ALA A 42 11.19 5.37 -6.28
N VAL A 43 10.24 4.46 -6.53
CA VAL A 43 8.80 4.65 -6.25
C VAL A 43 8.45 4.40 -4.78
N LEU A 44 9.05 3.38 -4.16
CA LEU A 44 8.79 3.03 -2.76
C LEU A 44 9.19 4.16 -1.80
N LYS A 45 10.33 4.82 -2.06
CA LYS A 45 10.80 5.99 -1.29
C LYS A 45 9.89 7.24 -1.36
N LEU A 46 8.86 7.24 -2.22
CA LEU A 46 7.80 8.25 -2.23
C LEU A 46 6.77 8.02 -1.10
N ALA A 47 6.54 6.76 -0.72
CA ALA A 47 5.59 6.35 0.33
C ALA A 47 6.26 6.07 1.68
N GLU A 48 7.54 5.66 1.69
CA GLU A 48 8.33 5.43 2.92
C GLU A 48 8.30 6.56 3.97
N PRO A 49 8.28 7.86 3.60
CA PRO A 49 8.19 8.96 4.58
C PRO A 49 6.88 8.99 5.38
N TYR A 50 5.81 8.38 4.86
CA TYR A 50 4.46 8.39 5.44
C TYR A 50 4.14 7.15 6.29
N GLY A 51 4.86 6.05 6.07
CA GLY A 51 4.75 4.79 6.80
C GLY A 51 5.56 3.66 6.13
N LYS A 52 5.66 2.51 6.79
CA LYS A 52 6.31 1.31 6.23
C LYS A 52 5.44 0.63 5.16
N ILE A 53 6.09 -0.13 4.28
CA ILE A 53 5.45 -0.80 3.14
C ILE A 53 5.46 -2.31 3.33
N LYS A 54 4.32 -2.96 3.09
CA LYS A 54 4.12 -4.42 3.15
C LYS A 54 4.29 -5.08 1.78
N ASN A 55 3.79 -4.42 0.73
CA ASN A 55 3.66 -4.97 -0.63
C ASN A 55 3.62 -3.84 -1.66
N TYR A 56 3.91 -4.13 -2.93
CA TYR A 56 3.78 -3.16 -4.04
C TYR A 56 3.61 -3.88 -5.38
N ILE A 57 3.06 -3.16 -6.36
CA ILE A 57 2.92 -3.56 -7.77
C ILE A 57 3.22 -2.33 -8.64
N LEU A 58 4.28 -2.36 -9.44
CA LEU A 58 4.56 -1.31 -10.43
C LEU A 58 3.87 -1.62 -11.79
N MET A 59 3.38 -0.58 -12.46
CA MET A 59 2.79 -0.64 -13.80
C MET A 59 3.40 0.43 -14.70
N ARG A 60 4.54 0.12 -15.32
CA ARG A 60 5.32 1.08 -16.14
C ARG A 60 4.56 1.57 -17.38
N MET A 61 3.70 0.72 -17.96
CA MET A 61 2.75 1.12 -19.00
C MET A 61 1.74 2.14 -18.44
N LYS A 62 1.67 3.32 -19.08
CA LYS A 62 0.94 4.52 -18.60
C LYS A 62 1.42 5.07 -17.24
N SER A 63 2.61 4.67 -16.77
CA SER A 63 3.32 5.22 -15.60
C SER A 63 2.51 5.30 -14.30
N GLN A 64 2.13 4.13 -13.78
CA GLN A 64 1.38 3.94 -12.53
C GLN A 64 2.08 2.98 -11.54
N ALA A 65 1.70 3.03 -10.27
CA ALA A 65 2.13 2.08 -9.24
C ALA A 65 1.08 1.95 -8.12
N PHE A 66 1.08 0.81 -7.45
CA PHE A 66 0.30 0.54 -6.23
C PHE A 66 1.19 0.11 -5.06
N ILE A 67 0.89 0.57 -3.84
CA ILE A 67 1.68 0.32 -2.62
C ILE A 67 0.75 0.00 -1.43
N GLU A 68 0.96 -1.14 -0.78
CA GLU A 68 0.23 -1.56 0.43
C GLU A 68 0.96 -1.08 1.69
N MET A 69 0.38 -0.12 2.42
CA MET A 69 0.96 0.47 3.63
C MET A 69 0.75 -0.39 4.88
N GLU A 70 1.64 -0.24 5.86
CA GLU A 70 1.54 -0.89 7.18
C GLU A 70 0.21 -0.58 7.88
N THR A 71 -0.29 0.65 7.77
CA THR A 71 -1.58 1.09 8.33
C THR A 71 -2.44 1.96 7.41
N ARG A 72 -3.76 1.91 7.63
CA ARG A 72 -4.74 2.73 6.90
C ARG A 72 -4.61 4.22 7.24
N GLU A 73 -4.24 4.54 8.48
CA GLU A 73 -3.95 5.92 8.91
C GLU A 73 -2.69 6.47 8.21
N ASP A 74 -1.62 5.66 8.12
CA ASP A 74 -0.41 6.00 7.37
C ASP A 74 -0.62 6.21 5.86
N ALA A 75 -1.50 5.40 5.26
CA ALA A 75 -1.95 5.57 3.89
C ALA A 75 -2.77 6.88 3.71
N MET A 76 -3.82 7.07 4.51
CA MET A 76 -4.68 8.26 4.44
C MET A 76 -3.90 9.58 4.66
N ALA A 77 -2.87 9.57 5.51
CA ALA A 77 -1.99 10.72 5.73
C ALA A 77 -1.18 11.11 4.49
N MET A 78 -0.76 10.14 3.66
CA MET A 78 -0.08 10.41 2.39
C MET A 78 -1.02 11.09 1.38
N VAL A 79 -2.29 10.66 1.32
CA VAL A 79 -3.33 11.32 0.50
C VAL A 79 -3.63 12.74 0.99
N ASP A 80 -3.81 12.92 2.30
CA ASP A 80 -4.07 14.22 2.93
C ASP A 80 -2.94 15.23 2.68
N HIS A 81 -1.69 14.78 2.79
CA HIS A 81 -0.52 15.57 2.41
C HIS A 81 -0.56 15.97 0.94
N CYS A 82 -0.84 15.04 0.02
CA CYS A 82 -0.89 15.31 -1.42
C CYS A 82 -2.00 16.33 -1.78
N LEU A 83 -3.15 16.24 -1.11
CA LEU A 83 -4.28 17.17 -1.25
C LEU A 83 -3.92 18.60 -0.79
N LYS A 84 -3.02 18.75 0.18
CA LYS A 84 -2.49 20.04 0.66
C LYS A 84 -1.34 20.59 -0.20
N LYS A 85 -0.39 19.73 -0.59
CA LYS A 85 0.73 20.01 -1.49
C LYS A 85 1.09 18.76 -2.32
N ALA A 86 1.09 18.89 -3.65
CA ALA A 86 1.27 17.76 -4.56
C ALA A 86 2.67 17.15 -4.48
N LEU A 87 2.75 15.84 -4.69
CA LEU A 87 3.98 15.04 -4.68
C LEU A 87 4.76 15.18 -6.02
N TRP A 88 6.07 15.43 -5.96
CA TRP A 88 6.95 15.58 -7.13
C TRP A 88 8.06 14.52 -7.21
N PHE A 89 8.29 13.98 -8.41
CA PHE A 89 9.28 12.91 -8.65
C PHE A 89 9.87 12.90 -10.07
N GLN A 90 11.21 12.98 -10.20
CA GLN A 90 11.96 13.12 -11.46
C GLN A 90 11.43 14.27 -12.38
N GLY A 91 10.93 15.35 -11.78
CA GLY A 91 10.36 16.50 -12.49
C GLY A 91 8.92 16.32 -12.99
N ARG A 92 8.19 15.29 -12.54
CA ARG A 92 6.74 15.09 -12.79
C ARG A 92 5.90 15.25 -11.53
N CYS A 93 4.71 15.83 -11.67
CA CYS A 93 3.70 15.91 -10.62
C CYS A 93 2.97 14.55 -10.52
N VAL A 94 3.25 13.80 -9.45
CA VAL A 94 2.63 12.50 -9.16
C VAL A 94 1.24 12.68 -8.55
N LYS A 95 0.23 12.05 -9.13
CA LYS A 95 -1.12 11.96 -8.54
C LYS A 95 -1.11 10.89 -7.45
N VAL A 96 -1.62 11.21 -6.27
CA VAL A 96 -1.77 10.27 -5.14
C VAL A 96 -3.24 10.07 -4.74
N ASP A 97 -3.65 8.81 -4.66
CA ASP A 97 -4.97 8.37 -4.21
C ASP A 97 -4.94 7.07 -3.39
N LEU A 98 -6.06 6.66 -2.79
CA LEU A 98 -6.16 5.40 -2.04
C LEU A 98 -7.29 4.52 -2.60
N SER A 99 -6.91 3.38 -3.15
CA SER A 99 -7.81 2.39 -3.74
C SER A 99 -8.45 1.49 -2.68
N GLU A 100 -9.73 1.17 -2.88
CA GLU A 100 -10.46 0.15 -2.10
C GLU A 100 -10.97 -1.02 -2.97
N LYS A 101 -10.58 -1.07 -4.25
CA LYS A 101 -10.82 -2.22 -5.15
C LYS A 101 -10.05 -3.46 -4.68
N TYR A 102 -8.79 -3.25 -4.31
CA TYR A 102 -7.92 -4.23 -3.66
C TYR A 102 -7.74 -3.73 -2.21
N LYS A 103 -8.09 -4.56 -1.23
CA LYS A 103 -7.88 -4.26 0.21
C LYS A 103 -6.40 -4.42 0.59
N LYS A 104 -5.72 -5.33 -0.10
CA LYS A 104 -4.30 -5.69 -0.06
C LYS A 104 -3.87 -6.13 -1.47
N LEU A 105 -2.57 -6.11 -1.78
CA LEU A 105 -2.07 -6.41 -3.14
C LEU A 105 -1.91 -7.92 -3.41
N VAL A 106 -3.04 -8.63 -3.29
CA VAL A 106 -3.22 -10.02 -3.73
C VAL A 106 -3.23 -10.13 -5.27
N SER A 107 -2.95 -11.32 -5.82
CA SER A 107 -2.94 -11.55 -7.28
C SER A 107 -4.30 -11.21 -7.91
N GLY A 108 -4.30 -10.36 -8.95
CA GLY A 108 -5.50 -9.79 -9.57
C GLY A 108 -6.21 -10.71 -10.57
N PRO A 109 -7.44 -10.36 -11.00
CA PRO A 109 -8.19 -11.07 -12.03
C PRO A 109 -7.56 -10.93 -13.43
N SER A 110 -7.91 -11.83 -14.35
CA SER A 110 -7.51 -11.79 -15.75
C SER A 110 -8.14 -10.61 -16.53
N SER A 111 -7.48 -10.18 -17.62
CA SER A 111 -7.96 -9.10 -18.50
C SER A 111 -9.19 -9.52 -19.33
N GLY A 112 -10.06 -8.56 -19.65
CA GLY A 112 -11.30 -8.74 -20.41
C GLY A 112 -12.01 -7.44 -20.75
N GLY A 1 -8.54 -41.71 -8.90
CA GLY A 1 -8.45 -41.78 -7.42
C GLY A 1 -9.80 -41.57 -6.75
N SER A 2 -9.79 -41.32 -5.43
CA SER A 2 -10.99 -41.08 -4.61
C SER A 2 -10.69 -40.24 -3.37
N SER A 3 -11.66 -39.43 -2.92
CA SER A 3 -11.61 -38.68 -1.66
C SER A 3 -11.82 -39.56 -0.41
N GLY A 4 -12.23 -40.81 -0.58
CA GLY A 4 -12.58 -41.76 0.50
C GLY A 4 -14.10 -41.97 0.65
N SER A 5 -14.49 -42.92 1.51
CA SER A 5 -15.87 -43.39 1.67
C SER A 5 -16.86 -42.36 2.26
N SER A 6 -16.34 -41.33 2.94
CA SER A 6 -17.12 -40.26 3.59
C SER A 6 -16.43 -38.91 3.46
N GLY A 7 -17.19 -37.80 3.48
CA GLY A 7 -16.65 -36.44 3.40
C GLY A 7 -15.86 -36.02 4.65
N LYS A 8 -14.71 -35.39 4.46
CA LYS A 8 -13.87 -34.79 5.51
C LYS A 8 -14.29 -33.34 5.83
N LYS A 9 -13.99 -32.89 7.06
CA LYS A 9 -14.32 -31.56 7.60
C LYS A 9 -13.24 -31.08 8.60
N PRO A 10 -12.88 -29.78 8.65
CA PRO A 10 -11.93 -29.24 9.64
C PRO A 10 -12.36 -29.43 11.10
N GLU A 11 -11.39 -29.46 12.02
CA GLU A 11 -11.62 -29.52 13.46
C GLU A 11 -12.21 -28.21 14.03
N GLY A 12 -13.02 -28.32 15.10
CA GLY A 12 -13.66 -27.20 15.81
C GLY A 12 -12.70 -26.39 16.68
N LYS A 13 -11.61 -25.86 16.10
CA LYS A 13 -10.60 -25.03 16.76
C LYS A 13 -11.17 -23.69 17.31
N PRO A 14 -10.55 -23.08 18.34
CA PRO A 14 -10.96 -21.78 18.88
C PRO A 14 -10.92 -20.62 17.86
N ASP A 15 -11.69 -19.57 18.13
CA ASP A 15 -11.71 -18.32 17.33
C ASP A 15 -10.41 -17.50 17.35
N GLN A 16 -10.11 -16.79 16.25
CA GLN A 16 -8.96 -15.90 16.12
C GLN A 16 -9.09 -14.63 16.99
N LYS A 17 -7.96 -14.10 17.47
CA LYS A 17 -7.86 -12.87 18.27
C LYS A 17 -8.27 -11.61 17.48
N PHE A 18 -8.68 -10.56 18.19
CA PHE A 18 -8.96 -9.23 17.61
C PHE A 18 -7.75 -8.33 17.29
N ASP A 19 -6.62 -8.55 17.98
CA ASP A 19 -5.38 -7.76 17.91
C ASP A 19 -4.52 -7.91 16.63
N GLN A 20 -5.14 -7.78 15.47
CA GLN A 20 -4.54 -8.01 14.14
C GLN A 20 -4.87 -6.96 13.06
N LYS A 21 -5.79 -6.00 13.34
CA LYS A 21 -6.15 -4.85 12.49
C LYS A 21 -6.54 -5.20 11.04
N GLN A 22 -7.09 -6.38 10.80
CA GLN A 22 -7.59 -6.84 9.50
C GLN A 22 -8.97 -6.24 9.15
N GLU A 23 -9.50 -6.57 7.96
CA GLU A 23 -10.79 -6.13 7.39
C GLU A 23 -10.93 -4.64 7.04
N LEU A 24 -9.86 -3.85 7.25
CA LEU A 24 -9.74 -2.45 6.83
C LEU A 24 -8.64 -2.34 5.76
N GLY A 25 -9.03 -2.32 4.48
CA GLY A 25 -8.08 -2.32 3.35
C GLY A 25 -7.29 -1.01 3.23
N ARG A 26 -6.01 -1.12 2.84
CA ARG A 26 -5.12 0.04 2.59
C ARG A 26 -4.08 -0.19 1.50
N VAL A 27 -4.31 0.38 0.32
CA VAL A 27 -3.33 0.41 -0.78
C VAL A 27 -3.30 1.80 -1.39
N ILE A 28 -2.12 2.42 -1.38
CA ILE A 28 -1.82 3.68 -2.07
C ILE A 28 -1.70 3.41 -3.56
N HIS A 29 -2.21 4.36 -4.35
CA HIS A 29 -2.15 4.39 -5.80
C HIS A 29 -1.37 5.65 -6.23
N LEU A 30 -0.43 5.48 -7.16
CA LEU A 30 0.40 6.54 -7.74
C LEU A 30 0.21 6.54 -9.26
N SER A 31 -0.03 7.71 -9.86
CA SER A 31 -0.19 7.88 -11.31
C SER A 31 0.54 9.12 -11.82
N ASN A 32 0.76 9.20 -13.14
CA ASN A 32 1.62 10.19 -13.81
C ASN A 32 3.08 10.16 -13.30
N LEU A 33 3.58 8.96 -12.99
CA LEU A 33 5.00 8.72 -12.70
C LEU A 33 5.89 8.96 -13.94
N PRO A 34 7.22 9.06 -13.80
CA PRO A 34 8.18 9.06 -14.90
C PRO A 34 8.23 7.70 -15.64
N HIS A 35 9.15 7.56 -16.60
CA HIS A 35 9.42 6.29 -17.32
C HIS A 35 10.94 6.07 -17.57
N SER A 36 11.80 6.68 -16.75
CA SER A 36 13.26 6.76 -16.93
C SER A 36 14.06 5.49 -16.58
N GLY A 37 13.44 4.30 -16.60
CA GLY A 37 14.12 3.01 -16.36
C GLY A 37 14.58 2.78 -14.91
N TYR A 38 13.94 3.45 -13.94
CA TYR A 38 14.32 3.45 -12.52
C TYR A 38 14.04 2.15 -11.76
N SER A 39 14.76 1.91 -10.66
CA SER A 39 14.49 0.81 -9.71
C SER A 39 13.20 1.04 -8.90
N ASP A 40 12.58 -0.03 -8.43
CA ASP A 40 11.37 0.05 -7.58
C ASP A 40 11.49 0.88 -6.30
N SER A 41 12.67 0.89 -5.69
CA SER A 41 13.01 1.74 -4.54
C SER A 41 12.75 3.23 -4.80
N ALA A 42 12.92 3.71 -6.03
CA ALA A 42 12.63 5.09 -6.42
C ALA A 42 11.15 5.48 -6.18
N VAL A 43 10.21 4.55 -6.43
CA VAL A 43 8.78 4.71 -6.13
C VAL A 43 8.43 4.45 -4.67
N LEU A 44 9.03 3.42 -4.07
CA LEU A 44 8.78 3.04 -2.67
C LEU A 44 9.19 4.17 -1.69
N LYS A 45 10.30 4.85 -1.96
CA LYS A 45 10.76 6.03 -1.20
C LYS A 45 9.84 7.26 -1.27
N LEU A 46 8.82 7.26 -2.13
CA LEU A 46 7.76 8.27 -2.12
C LEU A 46 6.75 8.03 -0.98
N ALA A 47 6.55 6.77 -0.57
CA ALA A 47 5.60 6.36 0.47
C ALA A 47 6.28 6.06 1.82
N GLU A 48 7.55 5.62 1.81
CA GLU A 48 8.36 5.38 3.03
C GLU A 48 8.34 6.50 4.11
N PRO A 49 8.31 7.81 3.76
CA PRO A 49 8.23 8.89 4.76
C PRO A 49 6.90 8.92 5.54
N TYR A 50 5.83 8.34 4.98
CA TYR A 50 4.47 8.37 5.52
C TYR A 50 4.09 7.15 6.38
N GLY A 51 4.79 6.03 6.17
CA GLY A 51 4.62 4.77 6.89
C GLY A 51 5.39 3.63 6.22
N LYS A 52 5.37 2.44 6.85
CA LYS A 52 5.99 1.23 6.28
C LYS A 52 5.13 0.53 5.23
N ILE A 53 5.80 -0.28 4.42
CA ILE A 53 5.26 -0.96 3.23
C ILE A 53 5.32 -2.47 3.39
N LYS A 54 4.22 -3.17 3.05
CA LYS A 54 4.13 -4.64 3.09
C LYS A 54 4.42 -5.29 1.72
N ASN A 55 3.85 -4.70 0.67
CA ASN A 55 3.79 -5.22 -0.70
C ASN A 55 3.66 -4.05 -1.70
N TYR A 56 3.98 -4.28 -2.98
CA TYR A 56 3.84 -3.28 -4.04
C TYR A 56 3.70 -3.96 -5.41
N ILE A 57 3.15 -3.21 -6.38
CA ILE A 57 3.03 -3.59 -7.79
C ILE A 57 3.33 -2.33 -8.63
N LEU A 58 4.41 -2.35 -9.42
CA LEU A 58 4.69 -1.30 -10.42
C LEU A 58 4.07 -1.64 -11.78
N MET A 59 3.58 -0.62 -12.49
CA MET A 59 3.03 -0.73 -13.85
C MET A 59 3.65 0.33 -14.77
N ARG A 60 4.58 -0.08 -15.65
CA ARG A 60 5.25 0.82 -16.61
C ARG A 60 4.27 1.39 -17.65
N MET A 61 3.29 0.58 -18.07
CA MET A 61 2.18 1.03 -18.91
C MET A 61 1.38 2.14 -18.22
N LYS A 62 1.23 3.29 -18.90
CA LYS A 62 0.63 4.55 -18.38
C LYS A 62 1.29 5.12 -17.12
N SER A 63 2.49 4.64 -16.73
CA SER A 63 3.29 5.11 -15.60
C SER A 63 2.52 5.19 -14.27
N GLN A 64 2.16 4.02 -13.72
CA GLN A 64 1.40 3.84 -12.47
C GLN A 64 2.08 2.89 -11.48
N ALA A 65 1.67 2.95 -10.21
CA ALA A 65 2.09 2.02 -9.16
C ALA A 65 1.04 1.86 -8.07
N PHE A 66 1.06 0.70 -7.39
CA PHE A 66 0.29 0.42 -6.18
C PHE A 66 1.21 -0.02 -5.03
N ILE A 67 0.93 0.42 -3.79
CA ILE A 67 1.75 0.18 -2.60
C ILE A 67 0.85 -0.13 -1.39
N GLU A 68 0.99 -1.30 -0.78
CA GLU A 68 0.27 -1.68 0.44
C GLU A 68 0.99 -1.11 1.67
N MET A 69 0.38 -0.11 2.32
CA MET A 69 0.88 0.45 3.59
C MET A 69 0.56 -0.47 4.77
N GLU A 70 1.37 -0.42 5.83
CA GLU A 70 1.13 -1.20 7.05
C GLU A 70 -0.17 -0.79 7.76
N THR A 71 -0.52 0.51 7.70
CA THR A 71 -1.75 1.07 8.30
C THR A 71 -2.59 1.95 7.39
N ARG A 72 -3.91 1.94 7.62
CA ARG A 72 -4.90 2.73 6.88
C ARG A 72 -4.72 4.22 7.12
N GLU A 73 -4.39 4.60 8.36
CA GLU A 73 -4.13 5.97 8.78
C GLU A 73 -2.82 6.51 8.18
N ASP A 74 -1.77 5.69 8.10
CA ASP A 74 -0.54 6.01 7.36
C ASP A 74 -0.74 6.26 5.85
N ALA A 75 -1.60 5.46 5.22
CA ALA A 75 -2.01 5.65 3.84
C ALA A 75 -2.83 6.95 3.66
N MET A 76 -3.90 7.12 4.43
CA MET A 76 -4.76 8.31 4.36
C MET A 76 -3.99 9.63 4.60
N ALA A 77 -3.00 9.62 5.49
CA ALA A 77 -2.12 10.76 5.76
C ALA A 77 -1.25 11.14 4.55
N MET A 78 -0.79 10.17 3.75
CA MET A 78 -0.05 10.44 2.51
C MET A 78 -0.92 11.14 1.47
N VAL A 79 -2.19 10.72 1.34
CA VAL A 79 -3.17 11.39 0.46
C VAL A 79 -3.48 12.81 0.94
N ASP A 80 -3.69 13.01 2.24
CA ASP A 80 -3.94 14.32 2.84
C ASP A 80 -2.81 15.32 2.61
N HIS A 81 -1.56 14.88 2.80
CA HIS A 81 -0.38 15.67 2.47
C HIS A 81 -0.29 16.02 0.98
N CYS A 82 -0.64 15.10 0.07
CA CYS A 82 -0.67 15.37 -1.38
C CYS A 82 -1.75 16.42 -1.74
N LEU A 83 -2.92 16.34 -1.11
CA LEU A 83 -4.02 17.30 -1.26
C LEU A 83 -3.65 18.70 -0.75
N LYS A 84 -2.77 18.80 0.27
CA LYS A 84 -2.23 20.05 0.81
C LYS A 84 -1.08 20.64 -0.04
N LYS A 85 -0.17 19.78 -0.50
CA LYS A 85 0.93 20.11 -1.43
C LYS A 85 1.27 18.92 -2.34
N ALA A 86 1.24 19.13 -3.66
CA ALA A 86 1.39 18.07 -4.65
C ALA A 86 2.80 17.43 -4.63
N LEU A 87 2.84 16.12 -4.86
CA LEU A 87 4.06 15.30 -4.85
C LEU A 87 4.79 15.38 -6.20
N TRP A 88 6.10 15.59 -6.19
CA TRP A 88 6.96 15.67 -7.39
C TRP A 88 8.05 14.60 -7.42
N PHE A 89 8.27 13.98 -8.58
CA PHE A 89 9.24 12.89 -8.78
C PHE A 89 9.86 12.84 -10.20
N GLN A 90 11.18 12.97 -10.30
CA GLN A 90 11.95 13.06 -11.57
C GLN A 90 11.38 14.07 -12.59
N GLY A 91 10.85 15.20 -12.09
CA GLY A 91 10.27 16.28 -12.92
C GLY A 91 8.82 16.08 -13.37
N ARG A 92 8.09 15.08 -12.83
CA ARG A 92 6.64 14.92 -13.02
C ARG A 92 5.85 15.11 -11.73
N CYS A 93 4.66 15.71 -11.82
CA CYS A 93 3.70 15.81 -10.72
C CYS A 93 2.95 14.47 -10.58
N VAL A 94 3.16 13.77 -9.47
CA VAL A 94 2.55 12.47 -9.17
C VAL A 94 1.15 12.64 -8.56
N LYS A 95 0.16 11.97 -9.15
CA LYS A 95 -1.19 11.84 -8.57
C LYS A 95 -1.17 10.78 -7.47
N VAL A 96 -1.32 11.19 -6.22
CA VAL A 96 -1.48 10.28 -5.07
C VAL A 96 -2.96 10.02 -4.74
N ASP A 97 -3.28 8.75 -4.56
CA ASP A 97 -4.63 8.22 -4.34
C ASP A 97 -4.59 7.01 -3.39
N LEU A 98 -5.75 6.53 -2.95
CA LEU A 98 -5.93 5.32 -2.16
C LEU A 98 -7.06 4.45 -2.75
N SER A 99 -6.70 3.24 -3.18
CA SER A 99 -7.58 2.37 -3.98
C SER A 99 -8.76 1.81 -3.17
N GLU A 100 -9.97 1.96 -3.69
CA GLU A 100 -11.17 1.27 -3.17
C GLU A 100 -11.23 -0.21 -3.62
N LYS A 101 -10.61 -0.55 -4.76
CA LYS A 101 -10.47 -1.91 -5.28
C LYS A 101 -9.50 -2.72 -4.43
N TYR A 102 -8.25 -2.27 -4.35
CA TYR A 102 -7.16 -2.99 -3.69
C TYR A 102 -7.13 -2.88 -2.16
N LYS A 103 -7.56 -3.94 -1.47
CA LYS A 103 -7.52 -4.02 0.01
C LYS A 103 -6.10 -4.31 0.52
N LYS A 104 -5.35 -5.10 -0.25
CA LYS A 104 -3.95 -5.52 -0.06
C LYS A 104 -3.31 -5.85 -1.42
N LEU A 105 -2.01 -6.12 -1.46
CA LEU A 105 -1.27 -6.59 -2.64
C LEU A 105 -0.53 -7.90 -2.34
N VAL A 106 0.16 -8.47 -3.34
CA VAL A 106 0.96 -9.71 -3.24
C VAL A 106 2.16 -9.74 -4.19
N SER A 107 3.26 -10.37 -3.77
CA SER A 107 4.44 -10.61 -4.61
C SER A 107 4.22 -11.72 -5.66
N GLY A 108 5.17 -11.89 -6.57
CA GLY A 108 5.13 -12.86 -7.68
C GLY A 108 6.51 -13.16 -8.31
N PRO A 109 7.34 -12.15 -8.63
CA PRO A 109 8.67 -12.36 -9.23
C PRO A 109 9.68 -13.14 -8.38
N SER A 110 9.41 -13.32 -7.07
CA SER A 110 10.17 -14.20 -6.17
C SER A 110 10.03 -15.70 -6.47
N SER A 111 8.99 -16.11 -7.20
CA SER A 111 8.60 -17.51 -7.45
C SER A 111 8.34 -18.34 -6.18
N GLY A 112 8.00 -17.68 -5.06
CA GLY A 112 7.70 -18.29 -3.76
C GLY A 112 6.42 -19.15 -3.75
N GLY A 1 -34.92 -34.79 21.88
CA GLY A 1 -33.67 -34.18 22.40
C GLY A 1 -32.63 -33.98 21.30
N SER A 2 -31.46 -33.46 21.67
CA SER A 2 -30.32 -33.24 20.75
C SER A 2 -29.75 -34.56 20.20
N SER A 3 -29.58 -34.66 18.88
CA SER A 3 -29.00 -35.83 18.20
C SER A 3 -27.46 -35.80 18.19
N GLY A 4 -26.83 -36.97 18.37
CA GLY A 4 -25.37 -37.10 18.37
C GLY A 4 -24.69 -36.30 19.49
N SER A 5 -23.80 -35.38 19.12
CA SER A 5 -23.16 -34.40 20.01
C SER A 5 -23.03 -33.02 19.33
N SER A 6 -23.01 -31.95 20.13
CA SER A 6 -22.99 -30.55 19.70
C SER A 6 -24.18 -30.12 18.80
N GLY A 7 -25.28 -30.89 18.80
CA GLY A 7 -26.47 -30.65 17.97
C GLY A 7 -27.25 -29.37 18.28
N LYS A 8 -26.99 -28.75 19.45
CA LYS A 8 -27.57 -27.45 19.87
C LYS A 8 -26.91 -26.22 19.23
N LYS A 9 -25.78 -26.38 18.52
CA LYS A 9 -25.00 -25.28 17.90
C LYS A 9 -25.87 -24.52 16.86
N PRO A 10 -26.06 -23.18 17.00
CA PRO A 10 -27.03 -22.42 16.21
C PRO A 10 -26.65 -22.24 14.73
N GLU A 11 -27.62 -21.84 13.91
CA GLU A 11 -27.45 -21.59 12.46
C GLU A 11 -26.61 -20.34 12.12
N GLY A 12 -26.42 -19.42 13.09
CA GLY A 12 -25.63 -18.19 12.94
C GLY A 12 -26.30 -17.09 12.10
N LYS A 13 -25.54 -16.02 11.82
CA LYS A 13 -25.98 -14.86 11.01
C LYS A 13 -26.16 -15.20 9.51
N PRO A 14 -27.07 -14.54 8.79
CA PRO A 14 -27.27 -14.73 7.35
C PRO A 14 -26.08 -14.24 6.51
N ASP A 15 -25.96 -14.75 5.28
CA ASP A 15 -24.93 -14.34 4.31
C ASP A 15 -25.16 -12.93 3.73
N GLN A 16 -24.54 -11.91 4.33
CA GLN A 16 -24.73 -10.49 3.99
C GLN A 16 -24.16 -10.09 2.61
N LYS A 17 -24.77 -9.07 1.99
CA LYS A 17 -24.34 -8.47 0.70
C LYS A 17 -23.02 -7.69 0.79
N PHE A 18 -22.62 -7.27 2.00
CA PHE A 18 -21.47 -6.42 2.28
C PHE A 18 -20.07 -7.04 2.07
N ASP A 19 -19.03 -6.20 1.95
CA ASP A 19 -17.63 -6.64 1.92
C ASP A 19 -17.13 -7.41 3.16
N GLN A 20 -16.09 -8.24 3.00
CA GLN A 20 -15.56 -9.18 3.99
C GLN A 20 -14.77 -8.53 5.15
N LYS A 21 -15.12 -7.29 5.54
CA LYS A 21 -14.46 -6.39 6.51
C LYS A 21 -13.02 -6.01 6.14
N GLN A 22 -12.10 -6.98 6.13
CA GLN A 22 -10.73 -6.91 5.60
C GLN A 22 -9.95 -5.62 5.92
N GLU A 23 -10.07 -5.15 7.17
CA GLU A 23 -9.43 -3.92 7.69
C GLU A 23 -9.73 -2.64 6.86
N LEU A 24 -10.91 -2.62 6.21
CA LEU A 24 -11.42 -1.58 5.31
C LEU A 24 -10.58 -1.31 4.04
N GLY A 25 -9.53 -2.11 3.79
CA GLY A 25 -8.58 -1.95 2.68
C GLY A 25 -7.64 -0.76 2.84
N ARG A 26 -6.33 -0.95 2.57
CA ARG A 26 -5.34 0.14 2.58
C ARG A 26 -4.15 -0.07 1.62
N VAL A 27 -4.30 0.43 0.40
CA VAL A 27 -3.26 0.43 -0.65
C VAL A 27 -3.24 1.80 -1.33
N ILE A 28 -2.07 2.42 -1.36
CA ILE A 28 -1.79 3.66 -2.09
C ILE A 28 -1.71 3.36 -3.59
N HIS A 29 -2.25 4.28 -4.38
CA HIS A 29 -2.17 4.31 -5.84
C HIS A 29 -1.41 5.57 -6.28
N LEU A 30 -0.48 5.41 -7.22
CA LEU A 30 0.36 6.47 -7.79
C LEU A 30 0.21 6.47 -9.31
N SER A 31 -0.03 7.63 -9.92
CA SER A 31 -0.15 7.81 -11.37
C SER A 31 0.62 9.04 -11.86
N ASN A 32 0.81 9.16 -13.18
CA ASN A 32 1.66 10.17 -13.83
C ASN A 32 3.13 10.12 -13.35
N LEU A 33 3.65 8.91 -13.09
CA LEU A 33 5.07 8.69 -12.77
C LEU A 33 5.99 9.01 -13.98
N PRO A 34 7.31 9.19 -13.78
CA PRO A 34 8.32 9.27 -14.85
C PRO A 34 8.39 7.99 -15.69
N HIS A 35 9.19 8.01 -16.77
CA HIS A 35 9.41 6.85 -17.67
C HIS A 35 10.90 6.53 -17.88
N SER A 36 11.75 6.91 -16.92
CA SER A 36 13.22 6.86 -17.01
C SER A 36 13.84 5.45 -16.89
N GLY A 37 13.05 4.42 -16.54
CA GLY A 37 13.54 3.04 -16.35
C GLY A 37 14.21 2.81 -14.99
N TYR A 38 13.68 3.45 -13.94
CA TYR A 38 14.16 3.40 -12.55
C TYR A 38 13.96 2.08 -11.80
N SER A 39 14.75 1.83 -10.75
CA SER A 39 14.54 0.73 -9.81
C SER A 39 13.30 0.97 -8.92
N ASP A 40 12.66 -0.11 -8.43
CA ASP A 40 11.47 -0.05 -7.57
C ASP A 40 11.57 0.85 -6.33
N SER A 41 12.77 0.89 -5.70
CA SER A 41 13.09 1.75 -4.56
C SER A 41 12.79 3.24 -4.82
N ALA A 42 12.88 3.70 -6.07
CA ALA A 42 12.59 5.08 -6.45
C ALA A 42 11.11 5.46 -6.20
N VAL A 43 10.19 4.52 -6.45
CA VAL A 43 8.75 4.66 -6.14
C VAL A 43 8.43 4.41 -4.67
N LEU A 44 9.06 3.41 -4.05
CA LEU A 44 8.84 3.08 -2.64
C LEU A 44 9.25 4.22 -1.70
N LYS A 45 10.36 4.92 -1.99
CA LYS A 45 10.78 6.13 -1.26
C LYS A 45 9.82 7.32 -1.34
N LEU A 46 8.79 7.28 -2.19
CA LEU A 46 7.70 8.25 -2.19
C LEU A 46 6.70 7.99 -1.04
N ALA A 47 6.54 6.73 -0.63
CA ALA A 47 5.62 6.29 0.42
C ALA A 47 6.31 6.05 1.77
N GLU A 48 7.60 5.69 1.77
CA GLU A 48 8.41 5.51 2.99
C GLU A 48 8.34 6.66 4.04
N PRO A 49 8.26 7.95 3.67
CA PRO A 49 8.11 9.05 4.63
C PRO A 49 6.80 9.04 5.41
N TYR A 50 5.77 8.36 4.89
CA TYR A 50 4.41 8.35 5.42
C TYR A 50 4.06 7.14 6.29
N GLY A 51 4.83 6.05 6.17
CA GLY A 51 4.69 4.82 6.94
C GLY A 51 5.47 3.63 6.36
N LYS A 52 5.43 2.50 7.07
CA LYS A 52 6.02 1.23 6.61
C LYS A 52 5.23 0.61 5.45
N ILE A 53 5.94 -0.13 4.58
CA ILE A 53 5.39 -0.79 3.38
C ILE A 53 5.44 -2.31 3.55
N LYS A 54 4.35 -3.01 3.18
CA LYS A 54 4.24 -4.48 3.21
C LYS A 54 4.54 -5.12 1.86
N ASN A 55 3.94 -4.56 0.79
CA ASN A 55 3.87 -5.11 -0.57
C ASN A 55 3.75 -3.97 -1.59
N TYR A 56 4.06 -4.22 -2.86
CA TYR A 56 3.91 -3.23 -3.95
C TYR A 56 3.76 -3.95 -5.30
N ILE A 57 3.24 -3.21 -6.28
CA ILE A 57 3.12 -3.59 -7.70
C ILE A 57 3.42 -2.34 -8.55
N LEU A 58 4.40 -2.42 -9.46
CA LEU A 58 4.65 -1.37 -10.45
C LEU A 58 4.00 -1.72 -11.81
N MET A 59 3.49 -0.71 -12.51
CA MET A 59 2.90 -0.83 -13.86
C MET A 59 3.49 0.20 -14.83
N ARG A 60 4.29 -0.25 -15.80
CA ARG A 60 4.93 0.61 -16.79
C ARG A 60 3.92 1.28 -17.72
N MET A 61 2.87 0.53 -18.10
CA MET A 61 1.69 1.07 -18.80
C MET A 61 0.98 2.14 -17.97
N LYS A 62 0.60 3.26 -18.61
CA LYS A 62 0.02 4.48 -17.99
C LYS A 62 0.90 5.14 -16.91
N SER A 63 2.13 4.68 -16.72
CA SER A 63 3.11 5.15 -15.72
C SER A 63 2.54 5.19 -14.30
N GLN A 64 2.23 4.01 -13.74
CA GLN A 64 1.50 3.80 -12.49
C GLN A 64 2.18 2.84 -11.51
N ALA A 65 1.76 2.89 -10.24
CA ALA A 65 2.19 1.98 -9.18
C ALA A 65 1.13 1.85 -8.07
N PHE A 66 1.21 0.74 -7.33
CA PHE A 66 0.42 0.46 -6.13
C PHE A 66 1.32 0.02 -4.97
N ILE A 67 1.03 0.48 -3.74
CA ILE A 67 1.86 0.24 -2.53
C ILE A 67 0.96 -0.04 -1.32
N GLU A 68 1.09 -1.22 -0.71
CA GLU A 68 0.37 -1.57 0.53
C GLU A 68 1.11 -1.01 1.75
N MET A 69 0.54 -0.01 2.40
CA MET A 69 1.02 0.53 3.67
C MET A 69 0.72 -0.42 4.83
N GLU A 70 1.45 -0.34 5.94
CA GLU A 70 1.13 -1.12 7.14
C GLU A 70 -0.22 -0.73 7.75
N THR A 71 -0.63 0.54 7.65
CA THR A 71 -1.91 1.06 8.17
C THR A 71 -2.72 1.96 7.25
N ARG A 72 -4.03 2.03 7.50
CA ARG A 72 -4.97 2.87 6.75
C ARG A 72 -4.83 4.35 7.08
N GLU A 73 -4.43 4.68 8.30
CA GLU A 73 -4.07 6.04 8.70
C GLU A 73 -2.78 6.51 8.02
N ASP A 74 -1.75 5.66 7.96
CA ASP A 74 -0.53 5.92 7.20
C ASP A 74 -0.74 6.16 5.70
N ALA A 75 -1.63 5.38 5.09
CA ALA A 75 -2.07 5.58 3.71
C ALA A 75 -2.87 6.90 3.54
N MET A 76 -3.96 7.08 4.28
CA MET A 76 -4.83 8.27 4.17
C MET A 76 -4.06 9.59 4.37
N ALA A 77 -3.08 9.60 5.28
CA ALA A 77 -2.21 10.76 5.53
C ALA A 77 -1.32 11.13 4.33
N MET A 78 -0.84 10.13 3.57
CA MET A 78 -0.08 10.37 2.32
C MET A 78 -0.94 11.06 1.26
N VAL A 79 -2.20 10.64 1.11
CA VAL A 79 -3.18 11.32 0.24
C VAL A 79 -3.46 12.76 0.68
N ASP A 80 -3.76 12.96 1.97
CA ASP A 80 -4.07 14.27 2.53
C ASP A 80 -2.92 15.29 2.40
N HIS A 81 -1.69 14.81 2.65
CA HIS A 81 -0.49 15.62 2.44
C HIS A 81 -0.33 16.02 0.97
N CYS A 82 -0.55 15.10 0.03
CA CYS A 82 -0.46 15.41 -1.41
C CYS A 82 -1.53 16.43 -1.85
N LEU A 83 -2.74 16.33 -1.28
CA LEU A 83 -3.84 17.27 -1.50
C LEU A 83 -3.55 18.69 -0.95
N LYS A 84 -2.71 18.80 0.10
CA LYS A 84 -2.20 20.08 0.62
C LYS A 84 -1.03 20.62 -0.21
N LYS A 85 -0.03 19.77 -0.48
CA LYS A 85 1.19 20.05 -1.25
C LYS A 85 1.54 18.87 -2.18
N ALA A 86 1.52 19.08 -3.49
CA ALA A 86 1.65 18.03 -4.49
C ALA A 86 3.00 17.28 -4.41
N LEU A 87 2.94 15.95 -4.59
CA LEU A 87 4.11 15.06 -4.56
C LEU A 87 4.86 15.11 -5.91
N TRP A 88 6.12 15.56 -5.87
CA TRP A 88 7.02 15.61 -7.04
C TRP A 88 8.05 14.47 -7.08
N PHE A 89 8.27 13.89 -8.26
CA PHE A 89 9.24 12.81 -8.50
C PHE A 89 9.93 12.86 -9.87
N GLN A 90 11.26 13.03 -9.90
CA GLN A 90 12.08 13.20 -11.12
C GLN A 90 11.49 14.20 -12.15
N GLY A 91 10.91 15.30 -11.67
CA GLY A 91 10.34 16.37 -12.50
C GLY A 91 8.89 16.17 -12.97
N ARG A 92 8.17 15.13 -12.50
CA ARG A 92 6.72 14.94 -12.71
C ARG A 92 5.92 15.07 -11.42
N CYS A 93 4.74 15.66 -11.51
CA CYS A 93 3.74 15.73 -10.46
C CYS A 93 2.96 14.41 -10.37
N VAL A 94 3.23 13.62 -9.34
CA VAL A 94 2.60 12.32 -9.11
C VAL A 94 1.19 12.49 -8.54
N LYS A 95 0.20 11.87 -9.18
CA LYS A 95 -1.16 11.78 -8.65
C LYS A 95 -1.19 10.70 -7.57
N VAL A 96 -1.38 11.12 -6.32
CA VAL A 96 -1.56 10.21 -5.17
C VAL A 96 -3.04 9.93 -4.94
N ASP A 97 -3.35 8.68 -4.64
CA ASP A 97 -4.69 8.13 -4.45
C ASP A 97 -4.64 6.92 -3.49
N LEU A 98 -5.79 6.41 -3.06
CA LEU A 98 -5.95 5.20 -2.26
C LEU A 98 -6.98 4.26 -2.93
N SER A 99 -6.53 3.08 -3.33
CA SER A 99 -7.29 2.16 -4.20
C SER A 99 -8.55 1.59 -3.55
N GLU A 100 -9.68 1.65 -4.27
CA GLU A 100 -10.92 0.93 -3.91
C GLU A 100 -10.91 -0.54 -4.37
N LYS A 101 -10.10 -0.86 -5.41
CA LYS A 101 -9.89 -2.22 -5.93
C LYS A 101 -9.00 -3.04 -5.00
N TYR A 102 -7.81 -2.52 -4.68
CA TYR A 102 -6.81 -3.21 -3.87
C TYR A 102 -6.97 -2.94 -2.37
N LYS A 103 -7.49 -3.92 -1.62
CA LYS A 103 -7.50 -3.87 -0.14
C LYS A 103 -6.14 -4.25 0.47
N LYS A 104 -5.40 -5.09 -0.25
CA LYS A 104 -4.01 -5.54 -0.04
C LYS A 104 -3.38 -5.93 -1.40
N LEU A 105 -2.07 -6.15 -1.46
CA LEU A 105 -1.37 -6.58 -2.68
C LEU A 105 -0.71 -7.95 -2.50
N VAL A 106 -1.14 -8.93 -3.29
CA VAL A 106 -0.63 -10.32 -3.30
C VAL A 106 -0.77 -11.00 -4.67
N SER A 107 0.08 -12.01 -4.95
CA SER A 107 0.04 -12.85 -6.16
C SER A 107 0.51 -14.28 -5.86
N GLY A 108 0.12 -15.25 -6.69
CA GLY A 108 0.41 -16.68 -6.49
C GLY A 108 1.90 -17.05 -6.66
N PRO A 109 2.37 -18.12 -5.98
CA PRO A 109 3.77 -18.58 -6.05
C PRO A 109 4.13 -19.32 -7.36
N SER A 110 3.12 -19.79 -8.11
CA SER A 110 3.29 -20.54 -9.37
C SER A 110 3.79 -19.68 -10.54
N SER A 111 4.43 -20.34 -11.52
CA SER A 111 4.98 -19.70 -12.72
C SER A 111 3.89 -19.14 -13.66
N GLY A 112 4.23 -18.06 -14.39
CA GLY A 112 3.37 -17.43 -15.41
C GLY A 112 3.20 -18.28 -16.67
N GLY A 1 -4.53 -51.74 0.76
CA GLY A 1 -3.65 -50.77 0.07
C GLY A 1 -3.58 -49.46 0.84
N SER A 2 -3.67 -48.32 0.13
CA SER A 2 -3.71 -46.97 0.72
C SER A 2 -5.04 -46.63 1.41
N SER A 3 -6.12 -47.33 1.08
CA SER A 3 -7.44 -47.22 1.73
C SER A 3 -7.40 -47.56 3.22
N GLY A 4 -8.17 -46.83 4.03
CA GLY A 4 -8.23 -46.98 5.49
C GLY A 4 -7.00 -46.49 6.27
N SER A 5 -6.00 -45.90 5.59
CA SER A 5 -4.78 -45.36 6.23
C SER A 5 -5.06 -44.13 7.11
N SER A 6 -4.25 -43.96 8.17
CA SER A 6 -4.22 -42.75 9.00
C SER A 6 -3.66 -41.52 8.26
N GLY A 7 -2.88 -41.74 7.20
CA GLY A 7 -2.23 -40.68 6.39
C GLY A 7 -1.01 -40.05 7.07
N LYS A 8 -0.50 -38.96 6.49
CA LYS A 8 0.67 -38.21 6.99
C LYS A 8 0.40 -37.51 8.33
N LYS A 9 1.43 -37.42 9.18
CA LYS A 9 1.44 -36.67 10.45
C LYS A 9 2.45 -35.49 10.56
N PRO A 10 3.61 -35.45 9.87
CA PRO A 10 4.50 -34.28 9.95
C PRO A 10 4.05 -33.12 9.04
N GLU A 11 3.33 -33.42 7.95
CA GLU A 11 2.76 -32.43 7.02
C GLU A 11 1.51 -31.73 7.60
N GLY A 12 1.34 -30.45 7.25
CA GLY A 12 0.20 -29.60 7.64
C GLY A 12 0.54 -28.12 7.71
N LYS A 13 1.78 -27.80 8.14
CA LYS A 13 2.40 -26.46 8.25
C LYS A 13 1.72 -25.50 9.26
N PRO A 14 2.38 -24.40 9.69
CA PRO A 14 1.82 -23.47 10.67
C PRO A 14 0.52 -22.77 10.23
N ASP A 15 -0.33 -22.43 11.19
CA ASP A 15 -1.60 -21.72 10.96
C ASP A 15 -1.49 -20.25 10.51
N GLN A 16 -2.39 -19.80 9.64
CA GLN A 16 -2.53 -18.40 9.21
C GLN A 16 -3.17 -17.54 10.33
N LYS A 17 -2.75 -16.26 10.43
CA LYS A 17 -3.19 -15.31 11.46
C LYS A 17 -4.38 -14.46 10.97
N PHE A 18 -5.27 -14.09 11.89
CA PHE A 18 -6.55 -13.42 11.60
C PHE A 18 -6.95 -12.26 12.53
N ASP A 19 -7.85 -11.38 12.08
CA ASP A 19 -8.34 -10.21 12.81
C ASP A 19 -9.84 -9.94 12.59
N GLN A 20 -10.62 -9.82 13.67
CA GLN A 20 -12.07 -9.61 13.65
C GLN A 20 -12.53 -8.33 12.93
N LYS A 21 -11.67 -7.31 12.80
CA LYS A 21 -11.93 -6.09 12.00
C LYS A 21 -12.00 -6.37 10.48
N GLN A 22 -11.39 -7.47 10.03
CA GLN A 22 -11.22 -7.88 8.62
C GLN A 22 -10.41 -6.88 7.77
N GLU A 23 -10.07 -7.28 6.54
CA GLU A 23 -9.24 -6.47 5.62
C GLU A 23 -10.00 -5.25 5.04
N LEU A 24 -9.73 -4.06 5.61
CA LEU A 24 -10.29 -2.79 5.13
C LEU A 24 -9.66 -2.32 3.81
N GLY A 25 -8.39 -2.68 3.57
CA GLY A 25 -7.56 -2.20 2.46
C GLY A 25 -6.94 -0.82 2.75
N ARG A 26 -5.64 -0.67 2.49
CA ARG A 26 -4.91 0.61 2.60
C ARG A 26 -3.84 0.79 1.51
N VAL A 27 -4.13 0.26 0.31
CA VAL A 27 -3.24 0.34 -0.84
C VAL A 27 -3.29 1.76 -1.43
N ILE A 28 -2.15 2.43 -1.44
CA ILE A 28 -1.91 3.70 -2.13
C ILE A 28 -1.78 3.43 -3.63
N HIS A 29 -2.37 4.31 -4.43
CA HIS A 29 -2.27 4.35 -5.89
C HIS A 29 -1.51 5.61 -6.33
N LEU A 30 -0.51 5.42 -7.19
CA LEU A 30 0.36 6.45 -7.77
C LEU A 30 0.23 6.44 -9.30
N SER A 31 0.06 7.62 -9.93
CA SER A 31 -0.02 7.77 -11.39
C SER A 31 0.79 8.98 -11.89
N ASN A 32 1.04 9.04 -13.21
CA ASN A 32 1.90 10.03 -13.87
C ASN A 32 3.36 10.01 -13.35
N LEU A 33 3.88 8.81 -13.05
CA LEU A 33 5.29 8.59 -12.74
C LEU A 33 6.18 8.83 -13.98
N PRO A 34 7.52 8.89 -13.84
CA PRO A 34 8.49 8.99 -14.95
C PRO A 34 8.52 7.77 -15.88
N HIS A 35 9.45 7.79 -16.84
CA HIS A 35 9.75 6.66 -17.75
C HIS A 35 11.28 6.44 -17.91
N SER A 36 12.08 6.83 -16.91
CA SER A 36 13.55 6.83 -16.94
C SER A 36 14.23 5.47 -16.64
N GLY A 37 13.46 4.37 -16.54
CA GLY A 37 14.00 3.02 -16.33
C GLY A 37 14.51 2.77 -14.90
N TYR A 38 13.85 3.38 -13.91
CA TYR A 38 14.22 3.36 -12.49
C TYR A 38 14.00 2.03 -11.73
N SER A 39 14.75 1.84 -10.64
CA SER A 39 14.52 0.75 -9.67
C SER A 39 13.23 0.97 -8.85
N ASP A 40 12.59 -0.10 -8.38
CA ASP A 40 11.39 -0.04 -7.54
C ASP A 40 11.49 0.84 -6.28
N SER A 41 12.67 0.89 -5.67
CA SER A 41 12.99 1.75 -4.53
C SER A 41 12.73 3.23 -4.79
N ALA A 42 12.84 3.70 -6.04
CA ALA A 42 12.55 5.08 -6.42
C ALA A 42 11.06 5.45 -6.19
N VAL A 43 10.15 4.50 -6.43
CA VAL A 43 8.71 4.63 -6.13
C VAL A 43 8.38 4.41 -4.65
N LEU A 44 9.00 3.42 -4.02
CA LEU A 44 8.77 3.08 -2.61
C LEU A 44 9.16 4.24 -1.68
N LYS A 45 10.26 4.94 -1.97
CA LYS A 45 10.70 6.14 -1.24
C LYS A 45 9.75 7.34 -1.34
N LEU A 46 8.73 7.31 -2.20
CA LEU A 46 7.64 8.28 -2.22
C LEU A 46 6.61 8.03 -1.09
N ALA A 47 6.44 6.78 -0.66
CA ALA A 47 5.50 6.36 0.39
C ALA A 47 6.18 6.11 1.75
N GLU A 48 7.47 5.73 1.76
CA GLU A 48 8.28 5.52 2.97
C GLU A 48 8.21 6.66 4.03
N PRO A 49 8.17 7.97 3.66
CA PRO A 49 8.07 9.06 4.63
C PRO A 49 6.76 9.07 5.43
N TYR A 50 5.71 8.42 4.91
CA TYR A 50 4.36 8.43 5.49
C TYR A 50 4.03 7.19 6.34
N GLY A 51 4.76 6.09 6.15
CA GLY A 51 4.63 4.85 6.92
C GLY A 51 5.36 3.65 6.31
N LYS A 52 5.28 2.51 7.01
CA LYS A 52 5.85 1.23 6.58
C LYS A 52 5.09 0.61 5.40
N ILE A 53 5.82 -0.09 4.53
CA ILE A 53 5.30 -0.77 3.32
C ILE A 53 5.38 -2.29 3.49
N LYS A 54 4.34 -3.02 3.08
CA LYS A 54 4.25 -4.49 3.11
C LYS A 54 4.44 -5.13 1.73
N ASN A 55 3.91 -4.49 0.68
CA ASN A 55 3.82 -5.03 -0.67
C ASN A 55 3.73 -3.89 -1.71
N TYR A 56 4.02 -4.15 -2.98
CA TYR A 56 3.88 -3.17 -4.06
C TYR A 56 3.74 -3.90 -5.42
N ILE A 57 3.18 -3.19 -6.40
CA ILE A 57 3.07 -3.60 -7.82
C ILE A 57 3.34 -2.37 -8.70
N LEU A 58 4.33 -2.43 -9.58
CA LEU A 58 4.61 -1.37 -10.57
C LEU A 58 4.00 -1.71 -11.94
N MET A 59 3.50 -0.69 -12.65
CA MET A 59 2.88 -0.81 -13.98
C MET A 59 3.46 0.20 -14.99
N ARG A 60 4.12 -0.29 -16.05
CA ARG A 60 4.69 0.56 -17.12
C ARG A 60 3.62 1.33 -17.91
N MET A 61 2.46 0.71 -18.13
CA MET A 61 1.31 1.34 -18.81
C MET A 61 0.88 2.62 -18.07
N LYS A 62 0.87 3.76 -18.78
CA LYS A 62 0.58 5.12 -18.27
C LYS A 62 1.44 5.56 -17.07
N SER A 63 2.56 4.88 -16.81
CA SER A 63 3.49 5.08 -15.68
C SER A 63 2.77 5.16 -14.32
N GLN A 64 2.36 4.00 -13.80
CA GLN A 64 1.54 3.86 -12.59
C GLN A 64 2.14 2.87 -11.58
N ALA A 65 1.71 2.91 -10.33
CA ALA A 65 2.14 1.99 -9.27
C ALA A 65 1.09 1.85 -8.15
N PHE A 66 1.12 0.72 -7.46
CA PHE A 66 0.39 0.45 -6.23
C PHE A 66 1.31 0.07 -5.07
N ILE A 67 1.02 0.55 -3.85
CA ILE A 67 1.84 0.31 -2.64
C ILE A 67 0.92 0.00 -1.47
N GLU A 68 1.08 -1.19 -0.88
CA GLU A 68 0.35 -1.61 0.32
C GLU A 68 1.04 -1.12 1.60
N MET A 69 0.41 -0.20 2.33
CA MET A 69 0.91 0.32 3.61
C MET A 69 0.60 -0.64 4.78
N GLU A 70 1.35 -0.52 5.88
CA GLU A 70 1.06 -1.30 7.10
C GLU A 70 -0.25 -0.86 7.79
N THR A 71 -0.59 0.43 7.75
CA THR A 71 -1.80 1.01 8.36
C THR A 71 -2.61 1.96 7.50
N ARG A 72 -3.94 1.95 7.70
CA ARG A 72 -4.87 2.85 7.00
C ARG A 72 -4.66 4.31 7.40
N GLU A 73 -4.28 4.56 8.65
CA GLU A 73 -3.93 5.90 9.13
C GLU A 73 -2.66 6.44 8.44
N ASP A 74 -1.62 5.62 8.32
CA ASP A 74 -0.41 5.95 7.56
C ASP A 74 -0.65 6.22 6.07
N ALA A 75 -1.50 5.41 5.45
CA ALA A 75 -1.93 5.59 4.05
C ALA A 75 -2.75 6.88 3.86
N MET A 76 -3.79 7.09 4.67
CA MET A 76 -4.65 8.29 4.60
C MET A 76 -3.87 9.59 4.85
N ALA A 77 -2.83 9.56 5.70
CA ALA A 77 -1.94 10.70 5.92
C ALA A 77 -1.15 11.10 4.66
N MET A 78 -0.73 10.13 3.84
CA MET A 78 -0.12 10.40 2.54
C MET A 78 -1.10 11.08 1.59
N VAL A 79 -2.36 10.59 1.51
CA VAL A 79 -3.41 11.23 0.70
C VAL A 79 -3.72 12.65 1.14
N ASP A 80 -3.90 12.87 2.45
CA ASP A 80 -4.18 14.20 3.04
C ASP A 80 -3.07 15.22 2.76
N HIS A 81 -1.81 14.80 2.89
CA HIS A 81 -0.66 15.60 2.49
C HIS A 81 -0.68 15.92 0.99
N CYS A 82 -0.88 14.92 0.14
CA CYS A 82 -0.85 15.07 -1.32
C CYS A 82 -2.02 15.89 -1.89
N LEU A 83 -3.15 15.95 -1.18
CA LEU A 83 -4.28 16.85 -1.44
C LEU A 83 -3.93 18.33 -1.19
N LYS A 84 -2.96 18.62 -0.30
CA LYS A 84 -2.55 19.97 0.12
C LYS A 84 -1.27 20.46 -0.57
N LYS A 85 -0.26 19.58 -0.74
CA LYS A 85 1.04 19.83 -1.37
C LYS A 85 1.31 18.82 -2.48
N ALA A 86 1.72 19.29 -3.66
CA ALA A 86 2.02 18.44 -4.82
C ALA A 86 3.27 17.57 -4.60
N LEU A 87 3.15 16.27 -4.88
CA LEU A 87 4.26 15.30 -4.85
C LEU A 87 5.03 15.35 -6.17
N TRP A 88 6.31 15.73 -6.14
CA TRP A 88 7.19 15.77 -7.31
C TRP A 88 8.24 14.64 -7.32
N PHE A 89 8.44 14.00 -8.47
CA PHE A 89 9.39 12.90 -8.68
C PHE A 89 10.06 12.88 -10.07
N GLN A 90 11.39 13.04 -10.12
CA GLN A 90 12.20 13.18 -11.36
C GLN A 90 11.61 14.16 -12.40
N GLY A 91 11.04 15.27 -11.94
CA GLY A 91 10.46 16.32 -12.79
C GLY A 91 9.01 16.09 -13.27
N ARG A 92 8.30 15.08 -12.73
CA ARG A 92 6.84 14.89 -12.93
C ARG A 92 6.04 15.08 -11.64
N CYS A 93 4.85 15.67 -11.74
CA CYS A 93 3.89 15.73 -10.65
C CYS A 93 3.14 14.40 -10.56
N VAL A 94 3.31 13.69 -9.45
CA VAL A 94 2.70 12.38 -9.18
C VAL A 94 1.28 12.53 -8.63
N LYS A 95 0.31 11.88 -9.26
CA LYS A 95 -1.08 11.76 -8.78
C LYS A 95 -1.14 10.72 -7.66
N VAL A 96 -1.85 11.01 -6.57
CA VAL A 96 -1.94 10.14 -5.39
C VAL A 96 -3.39 9.92 -4.93
N ASP A 97 -3.77 8.66 -4.72
CA ASP A 97 -5.09 8.23 -4.25
C ASP A 97 -4.93 6.97 -3.37
N LEU A 98 -6.00 6.52 -2.72
CA LEU A 98 -6.06 5.28 -1.94
C LEU A 98 -7.21 4.39 -2.42
N SER A 99 -6.89 3.13 -2.78
CA SER A 99 -7.85 2.19 -3.37
C SER A 99 -8.80 1.60 -2.33
N GLU A 100 -10.10 1.71 -2.59
CA GLU A 100 -11.15 1.02 -1.80
C GLU A 100 -11.30 -0.46 -2.18
N LYS A 101 -10.93 -0.85 -3.41
CA LYS A 101 -11.09 -2.23 -3.94
C LYS A 101 -9.92 -3.15 -3.60
N TYR A 102 -8.68 -2.63 -3.59
CA TYR A 102 -7.49 -3.40 -3.21
C TYR A 102 -7.33 -3.71 -1.71
N LYS A 103 -8.04 -4.74 -1.23
CA LYS A 103 -7.94 -5.23 0.16
C LYS A 103 -6.59 -5.87 0.49
N LYS A 104 -5.88 -6.33 -0.54
CA LYS A 104 -4.47 -6.77 -0.57
C LYS A 104 -3.94 -6.75 -2.01
N LEU A 105 -2.64 -6.58 -2.23
CA LEU A 105 -2.02 -6.71 -3.55
C LEU A 105 -1.82 -8.19 -3.94
N VAL A 106 -2.88 -8.81 -4.44
CA VAL A 106 -2.91 -10.16 -5.01
C VAL A 106 -1.94 -10.35 -6.18
N SER A 107 -1.47 -11.59 -6.37
CA SER A 107 -0.55 -12.02 -7.44
C SER A 107 0.84 -11.36 -7.46
N GLY A 108 1.18 -10.53 -6.47
CA GLY A 108 2.53 -9.97 -6.28
C GLY A 108 3.58 -11.06 -6.00
N PRO A 109 3.37 -11.95 -5.01
CA PRO A 109 4.29 -13.06 -4.70
C PRO A 109 4.46 -14.10 -5.83
N SER A 110 3.50 -14.17 -6.77
CA SER A 110 3.51 -15.09 -7.91
C SER A 110 4.62 -14.80 -8.94
N SER A 111 5.20 -13.59 -8.92
CA SER A 111 6.23 -13.08 -9.84
C SER A 111 5.81 -12.97 -11.32
N GLY A 112 6.62 -12.27 -12.13
CA GLY A 112 6.44 -12.10 -13.58
C GLY A 112 6.68 -13.38 -14.39
N GLY A 1 29.72 5.85 46.71
CA GLY A 1 30.28 5.17 47.90
C GLY A 1 31.08 3.94 47.51
N SER A 2 32.16 3.65 48.25
CA SER A 2 33.13 2.57 47.96
C SER A 2 32.55 1.14 47.98
N SER A 3 31.42 0.93 48.66
CA SER A 3 30.67 -0.34 48.65
C SER A 3 29.91 -0.63 47.33
N GLY A 4 29.81 0.34 46.42
CA GLY A 4 29.18 0.18 45.10
C GLY A 4 27.64 0.11 45.11
N SER A 5 26.99 0.47 46.24
CA SER A 5 25.53 0.47 46.39
C SER A 5 24.85 1.62 45.61
N SER A 6 23.60 1.40 45.18
CA SER A 6 22.76 2.32 44.39
C SER A 6 23.36 2.69 43.01
N GLY A 7 22.64 3.52 42.25
CA GLY A 7 23.04 4.01 40.91
C GLY A 7 22.91 2.99 39.76
N LYS A 8 22.35 1.81 40.02
CA LYS A 8 22.14 0.74 39.02
C LYS A 8 21.11 1.12 37.94
N LYS A 9 21.28 0.59 36.73
CA LYS A 9 20.37 0.76 35.58
C LYS A 9 19.05 -0.02 35.81
N PRO A 10 17.86 0.57 35.60
CA PRO A 10 16.57 -0.14 35.74
C PRO A 10 16.34 -1.18 34.62
N GLU A 11 15.60 -2.23 34.94
CA GLU A 11 15.21 -3.29 33.98
C GLU A 11 14.06 -2.84 33.05
N GLY A 12 14.07 -3.31 31.80
CA GLY A 12 13.02 -3.04 30.79
C GLY A 12 11.73 -3.88 30.98
N LYS A 13 10.84 -3.80 29.99
CA LYS A 13 9.55 -4.54 29.93
C LYS A 13 9.18 -4.94 28.48
N PRO A 14 8.28 -5.94 28.26
CA PRO A 14 8.06 -6.54 26.94
C PRO A 14 7.44 -5.62 25.87
N ASP A 15 6.67 -4.60 26.25
CA ASP A 15 5.96 -3.68 25.32
C ASP A 15 4.92 -4.30 24.35
N GLN A 16 4.49 -5.53 24.61
CA GLN A 16 3.51 -6.27 23.80
C GLN A 16 2.08 -5.68 23.87
N LYS A 17 1.32 -5.81 22.79
CA LYS A 17 -0.09 -5.36 22.68
C LYS A 17 -0.88 -6.21 21.66
N PHE A 18 -2.21 -6.21 21.81
CA PHE A 18 -3.14 -6.93 20.92
C PHE A 18 -3.46 -6.25 19.58
N ASP A 19 -2.66 -6.54 18.55
CA ASP A 19 -2.85 -6.01 17.19
C ASP A 19 -4.15 -6.44 16.49
N GLN A 20 -4.95 -5.47 16.03
CA GLN A 20 -6.31 -5.68 15.50
C GLN A 20 -6.65 -4.71 14.35
N LYS A 21 -7.74 -5.01 13.62
CA LYS A 21 -8.26 -4.22 12.47
C LYS A 21 -7.23 -4.03 11.33
N GLN A 22 -6.32 -4.99 11.18
CA GLN A 22 -5.26 -5.00 10.16
C GLN A 22 -5.73 -5.50 8.77
N GLU A 23 -6.97 -5.98 8.65
CA GLU A 23 -7.51 -6.66 7.45
C GLU A 23 -7.99 -5.72 6.32
N LEU A 24 -7.73 -4.43 6.43
CA LEU A 24 -8.27 -3.37 5.57
C LEU A 24 -7.33 -3.04 4.39
N GLY A 25 -7.89 -2.68 3.23
CA GLY A 25 -7.15 -2.47 1.98
C GLY A 25 -6.41 -1.13 1.86
N ARG A 26 -5.30 -0.97 2.60
CA ARG A 26 -4.52 0.29 2.67
C ARG A 26 -3.57 0.48 1.48
N VAL A 27 -4.05 0.26 0.26
CA VAL A 27 -3.24 0.34 -0.96
C VAL A 27 -3.30 1.75 -1.53
N ILE A 28 -2.14 2.41 -1.55
CA ILE A 28 -1.90 3.67 -2.26
C ILE A 28 -1.80 3.39 -3.76
N HIS A 29 -2.34 4.29 -4.57
CA HIS A 29 -2.19 4.34 -6.02
C HIS A 29 -1.39 5.60 -6.42
N LEU A 30 -0.45 5.44 -7.34
CA LEU A 30 0.38 6.50 -7.92
C LEU A 30 0.24 6.47 -9.44
N SER A 31 0.01 7.61 -10.08
CA SER A 31 -0.09 7.74 -11.55
C SER A 31 0.66 8.97 -12.08
N ASN A 32 0.91 9.03 -13.39
CA ASN A 32 1.74 10.02 -14.07
C ASN A 32 3.22 10.00 -13.58
N LEU A 33 3.74 8.81 -13.26
CA LEU A 33 5.16 8.61 -12.93
C LEU A 33 6.06 8.86 -14.18
N PRO A 34 7.37 9.09 -14.01
CA PRO A 34 8.34 9.14 -15.10
C PRO A 34 8.57 7.77 -15.77
N HIS A 35 9.31 7.76 -16.89
CA HIS A 35 9.78 6.56 -17.60
C HIS A 35 11.33 6.50 -17.68
N SER A 36 12.01 7.13 -16.71
CA SER A 36 13.48 7.32 -16.67
C SER A 36 14.32 6.10 -16.25
N GLY A 37 13.75 4.88 -16.26
CA GLY A 37 14.49 3.62 -16.09
C GLY A 37 14.96 3.31 -14.65
N TYR A 38 14.26 3.84 -13.65
CA TYR A 38 14.58 3.71 -12.23
C TYR A 38 14.32 2.33 -11.58
N SER A 39 15.02 2.03 -10.49
CA SER A 39 14.73 0.88 -9.62
C SER A 39 13.44 1.12 -8.81
N ASP A 40 12.72 0.06 -8.44
CA ASP A 40 11.48 0.13 -7.66
C ASP A 40 11.52 0.95 -6.35
N SER A 41 12.66 0.92 -5.66
CA SER A 41 12.95 1.71 -4.47
C SER A 41 12.72 3.23 -4.66
N ALA A 42 12.91 3.75 -5.89
CA ALA A 42 12.64 5.15 -6.22
C ALA A 42 11.15 5.54 -6.02
N VAL A 43 10.23 4.64 -6.36
CA VAL A 43 8.79 4.79 -6.11
C VAL A 43 8.40 4.50 -4.66
N LEU A 44 9.00 3.49 -4.04
CA LEU A 44 8.73 3.11 -2.65
C LEU A 44 9.12 4.23 -1.67
N LYS A 45 10.23 4.93 -1.92
CA LYS A 45 10.66 6.12 -1.17
C LYS A 45 9.71 7.33 -1.24
N LEU A 46 8.68 7.29 -2.09
CA LEU A 46 7.59 8.28 -2.06
C LEU A 46 6.59 8.00 -0.94
N ALA A 47 6.41 6.72 -0.55
CA ALA A 47 5.48 6.26 0.48
C ALA A 47 6.16 6.00 1.83
N GLU A 48 7.45 5.62 1.83
CA GLU A 48 8.26 5.41 3.04
C GLU A 48 8.21 6.54 4.11
N PRO A 49 8.14 7.84 3.75
CA PRO A 49 8.05 8.93 4.73
C PRO A 49 6.73 8.94 5.53
N TYR A 50 5.67 8.31 4.98
CA TYR A 50 4.32 8.32 5.52
C TYR A 50 3.96 7.08 6.36
N GLY A 51 4.70 5.97 6.17
CA GLY A 51 4.52 4.74 6.92
C GLY A 51 5.26 3.53 6.34
N LYS A 52 5.11 2.37 6.99
CA LYS A 52 5.68 1.09 6.57
C LYS A 52 4.92 0.44 5.40
N ILE A 53 5.64 -0.24 4.53
CA ILE A 53 5.13 -0.90 3.31
C ILE A 53 5.16 -2.44 3.49
N LYS A 54 4.07 -3.12 3.13
CA LYS A 54 3.95 -4.59 3.11
C LYS A 54 4.37 -5.18 1.77
N ASN A 55 3.83 -4.62 0.68
CA ASN A 55 3.87 -5.12 -0.70
C ASN A 55 3.76 -3.96 -1.70
N TYR A 56 4.10 -4.20 -2.97
CA TYR A 56 3.97 -3.21 -4.05
C TYR A 56 3.85 -3.92 -5.41
N ILE A 57 3.28 -3.21 -6.39
CA ILE A 57 3.17 -3.61 -7.79
C ILE A 57 3.41 -2.37 -8.67
N LEU A 58 4.53 -2.33 -9.40
CA LEU A 58 4.78 -1.31 -10.42
C LEU A 58 4.09 -1.70 -11.75
N MET A 59 3.53 -0.71 -12.45
CA MET A 59 2.74 -0.87 -13.68
C MET A 59 3.24 0.06 -14.80
N ARG A 60 3.75 -0.47 -15.91
CA ARG A 60 4.21 0.35 -17.06
C ARG A 60 3.04 1.09 -17.74
N MET A 61 1.84 0.52 -17.72
CA MET A 61 0.61 1.12 -18.26
C MET A 61 0.34 2.50 -17.64
N LYS A 62 0.38 3.56 -18.48
CA LYS A 62 0.24 4.98 -18.10
C LYS A 62 1.23 5.47 -17.01
N SER A 63 2.34 4.74 -16.80
CA SER A 63 3.35 4.97 -15.75
C SER A 63 2.73 5.08 -14.35
N GLN A 64 2.40 3.93 -13.77
CA GLN A 64 1.62 3.78 -12.53
C GLN A 64 2.27 2.84 -11.51
N ALA A 65 1.80 2.89 -10.25
CA ALA A 65 2.22 1.97 -9.19
C ALA A 65 1.14 1.82 -8.11
N PHE A 66 1.12 0.66 -7.47
CA PHE A 66 0.34 0.35 -6.26
C PHE A 66 1.26 -0.03 -5.10
N ILE A 67 0.98 0.46 -3.88
CA ILE A 67 1.80 0.22 -2.68
C ILE A 67 0.88 -0.06 -1.49
N GLU A 68 1.00 -1.25 -0.88
CA GLU A 68 0.25 -1.65 0.31
C GLU A 68 0.93 -1.13 1.58
N MET A 69 0.31 -0.19 2.28
CA MET A 69 0.78 0.31 3.58
C MET A 69 0.34 -0.61 4.74
N GLU A 70 1.04 -0.55 5.87
CA GLU A 70 0.70 -1.35 7.05
C GLU A 70 -0.61 -0.91 7.75
N THR A 71 -0.95 0.39 7.72
CA THR A 71 -2.12 0.97 8.40
C THR A 71 -2.93 2.03 7.65
N ARG A 72 -4.17 2.24 8.10
CA ARG A 72 -5.11 3.18 7.47
C ARG A 72 -4.63 4.63 7.61
N GLU A 73 -4.10 4.99 8.78
CA GLU A 73 -3.47 6.30 9.01
C GLU A 73 -2.18 6.46 8.18
N ASP A 74 -1.34 5.42 8.10
CA ASP A 74 -0.12 5.41 7.28
C ASP A 74 -0.36 5.69 5.78
N ALA A 75 -1.42 5.13 5.21
CA ALA A 75 -1.86 5.41 3.85
C ALA A 75 -2.55 6.78 3.73
N MET A 76 -3.60 7.05 4.51
CA MET A 76 -4.40 8.27 4.39
C MET A 76 -3.58 9.57 4.58
N ALA A 77 -2.53 9.53 5.41
CA ALA A 77 -1.62 10.65 5.63
C ALA A 77 -0.86 11.07 4.35
N MET A 78 -0.47 10.12 3.50
CA MET A 78 0.18 10.39 2.21
C MET A 78 -0.77 11.13 1.25
N VAL A 79 -2.05 10.73 1.23
CA VAL A 79 -3.10 11.41 0.46
C VAL A 79 -3.35 12.84 0.95
N ASP A 80 -3.50 13.01 2.27
CA ASP A 80 -3.74 14.30 2.92
C ASP A 80 -2.62 15.34 2.65
N HIS A 81 -1.37 14.91 2.77
CA HIS A 81 -0.22 15.74 2.41
C HIS A 81 -0.19 16.10 0.92
N CYS A 82 -0.52 15.16 0.01
CA CYS A 82 -0.57 15.44 -1.43
C CYS A 82 -1.71 16.43 -1.78
N LEU A 83 -2.85 16.35 -1.09
CA LEU A 83 -3.99 17.27 -1.24
C LEU A 83 -3.64 18.70 -0.79
N LYS A 84 -2.73 18.85 0.19
CA LYS A 84 -2.21 20.14 0.66
C LYS A 84 -1.10 20.71 -0.25
N LYS A 85 -0.12 19.86 -0.62
CA LYS A 85 0.97 20.16 -1.55
C LYS A 85 1.26 18.97 -2.47
N ALA A 86 1.12 19.15 -3.78
CA ALA A 86 1.22 18.06 -4.76
C ALA A 86 2.61 17.38 -4.75
N LEU A 87 2.60 16.05 -4.83
CA LEU A 87 3.82 15.23 -4.79
C LEU A 87 4.58 15.25 -6.13
N TRP A 88 5.85 15.64 -6.10
CA TRP A 88 6.77 15.62 -7.26
C TRP A 88 7.83 14.51 -7.19
N PHE A 89 8.11 13.88 -8.34
CA PHE A 89 9.09 12.81 -8.48
C PHE A 89 9.86 12.80 -9.82
N GLN A 90 11.19 13.00 -9.77
CA GLN A 90 12.10 13.04 -10.94
C GLN A 90 11.56 13.86 -12.14
N GLY A 91 10.97 15.02 -11.87
CA GLY A 91 10.48 15.96 -12.88
C GLY A 91 9.01 15.79 -13.33
N ARG A 92 8.23 14.91 -12.68
CA ARG A 92 6.77 14.79 -12.90
C ARG A 92 5.94 14.98 -11.63
N CYS A 93 4.76 15.61 -11.78
CA CYS A 93 3.75 15.70 -10.73
C CYS A 93 2.98 14.36 -10.67
N VAL A 94 3.09 13.67 -9.54
CA VAL A 94 2.45 12.36 -9.30
C VAL A 94 1.02 12.51 -8.80
N LYS A 95 0.09 11.83 -9.46
CA LYS A 95 -1.31 11.68 -9.01
C LYS A 95 -1.37 10.65 -7.89
N VAL A 96 -1.50 11.10 -6.64
CA VAL A 96 -1.68 10.23 -5.46
C VAL A 96 -3.16 9.97 -5.18
N ASP A 97 -3.51 8.69 -5.01
CA ASP A 97 -4.82 8.17 -4.62
C ASP A 97 -4.75 7.01 -3.61
N LEU A 98 -5.88 6.59 -3.04
CA LEU A 98 -5.99 5.38 -2.22
C LEU A 98 -7.09 4.46 -2.76
N SER A 99 -6.73 3.22 -3.10
CA SER A 99 -7.59 2.23 -3.73
C SER A 99 -8.11 1.21 -2.71
N GLU A 100 -9.36 1.39 -2.25
CA GLU A 100 -10.03 0.45 -1.34
C GLU A 100 -10.37 -0.92 -1.99
N LYS A 101 -10.28 -1.02 -3.32
CA LYS A 101 -10.41 -2.27 -4.09
C LYS A 101 -9.42 -3.33 -3.61
N TYR A 102 -8.13 -2.97 -3.56
CA TYR A 102 -7.04 -3.88 -3.25
C TYR A 102 -6.85 -4.16 -1.75
N LYS A 103 -7.39 -5.27 -1.26
CA LYS A 103 -7.28 -5.68 0.15
C LYS A 103 -5.84 -6.04 0.56
N LYS A 104 -5.08 -6.60 -0.39
CA LYS A 104 -3.63 -6.85 -0.34
C LYS A 104 -3.06 -6.99 -1.75
N LEU A 105 -1.80 -6.62 -1.95
CA LEU A 105 -1.09 -6.79 -3.24
C LEU A 105 -0.40 -8.16 -3.32
N VAL A 106 -1.22 -9.21 -3.33
CA VAL A 106 -0.79 -10.62 -3.45
C VAL A 106 -0.42 -11.06 -4.88
N SER A 107 -0.89 -10.34 -5.90
CA SER A 107 -0.61 -10.61 -7.32
C SER A 107 0.86 -10.36 -7.70
N GLY A 108 1.36 -11.07 -8.71
CA GLY A 108 2.74 -11.00 -9.20
C GLY A 108 3.03 -11.94 -10.39
N PRO A 109 4.30 -12.10 -10.79
CA PRO A 109 4.73 -12.96 -11.89
C PRO A 109 4.36 -14.44 -11.71
N SER A 110 4.23 -15.17 -12.83
CA SER A 110 3.90 -16.60 -12.88
C SER A 110 4.47 -17.29 -14.14
N SER A 111 4.50 -18.63 -14.14
CA SER A 111 5.10 -19.48 -15.18
C SER A 111 6.62 -19.25 -15.38
N GLY A 112 7.23 -19.97 -16.34
CA GLY A 112 8.67 -19.94 -16.65
C GLY A 112 9.03 -20.86 -17.81
N GLY A 1 1.19 -5.15 30.31
CA GLY A 1 -0.12 -5.70 29.91
C GLY A 1 -0.73 -6.58 31.00
N SER A 2 -2.05 -6.79 30.94
CA SER A 2 -2.81 -7.61 31.91
C SER A 2 -2.40 -9.09 31.89
N SER A 3 -2.45 -9.74 33.06
CA SER A 3 -2.10 -11.16 33.26
C SER A 3 -2.79 -11.74 34.51
N GLY A 4 -2.88 -13.06 34.60
CA GLY A 4 -3.50 -13.78 35.73
C GLY A 4 -5.03 -13.70 35.77
N SER A 5 -5.60 -13.81 36.98
CA SER A 5 -7.04 -13.82 37.25
C SER A 5 -7.36 -13.31 38.66
N SER A 6 -8.61 -12.88 38.89
CA SER A 6 -9.15 -12.54 40.21
C SER A 6 -9.21 -13.75 41.17
N GLY A 7 -9.30 -14.98 40.64
CA GLY A 7 -9.23 -16.22 41.41
C GLY A 7 -10.03 -17.39 40.81
N LYS A 8 -9.73 -18.61 41.28
CA LYS A 8 -10.39 -19.93 41.06
C LYS A 8 -10.63 -20.43 39.62
N LYS A 9 -10.52 -19.58 38.59
CA LYS A 9 -10.69 -19.90 37.16
C LYS A 9 -9.81 -19.00 36.27
N PRO A 10 -9.37 -19.45 35.09
CA PRO A 10 -8.52 -18.65 34.19
C PRO A 10 -9.28 -17.47 33.54
N GLU A 11 -8.57 -16.40 33.20
CA GLU A 11 -9.13 -15.17 32.60
C GLU A 11 -8.29 -14.57 31.47
N GLY A 12 -8.92 -13.69 30.69
CA GLY A 12 -8.33 -13.02 29.52
C GLY A 12 -9.26 -12.92 28.30
N LYS A 13 -10.58 -12.79 28.51
CA LYS A 13 -11.59 -12.71 27.43
C LYS A 13 -11.39 -11.48 26.51
N PRO A 14 -11.83 -11.52 25.24
CA PRO A 14 -11.61 -10.43 24.28
C PRO A 14 -12.24 -9.10 24.69
N ASP A 15 -11.52 -7.99 24.46
CA ASP A 15 -12.02 -6.61 24.61
C ASP A 15 -12.82 -6.08 23.39
N GLN A 16 -12.70 -6.76 22.24
CA GLN A 16 -13.34 -6.38 20.97
C GLN A 16 -14.87 -6.30 21.08
N LYS A 17 -15.45 -5.16 20.66
CA LYS A 17 -16.89 -4.85 20.71
C LYS A 17 -17.68 -5.39 19.50
N PHE A 18 -16.97 -5.84 18.46
CA PHE A 18 -17.50 -6.48 17.25
C PHE A 18 -18.33 -5.64 16.24
N ASP A 19 -18.50 -4.35 16.52
CA ASP A 19 -19.06 -3.36 15.59
C ASP A 19 -18.04 -2.78 14.58
N GLN A 20 -16.74 -3.00 14.83
CA GLN A 20 -15.62 -2.55 14.01
C GLN A 20 -15.49 -3.35 12.70
N LYS A 21 -15.10 -2.67 11.61
CA LYS A 21 -14.80 -3.29 10.30
C LYS A 21 -13.47 -4.07 10.35
N GLN A 22 -13.37 -5.12 9.52
CA GLN A 22 -12.22 -6.04 9.45
C GLN A 22 -11.49 -5.97 8.10
N GLU A 23 -10.16 -6.17 8.10
CA GLU A 23 -9.30 -6.28 6.91
C GLU A 23 -9.41 -5.06 5.96
N LEU A 24 -9.20 -3.86 6.53
CA LEU A 24 -9.31 -2.57 5.83
C LEU A 24 -8.28 -2.46 4.69
N GLY A 25 -8.66 -1.77 3.61
CA GLY A 25 -7.78 -1.43 2.50
C GLY A 25 -6.87 -0.23 2.81
N ARG A 26 -5.57 -0.39 2.54
CA ARG A 26 -4.49 0.56 2.87
C ARG A 26 -3.56 0.79 1.68
N VAL A 27 -4.07 0.60 0.46
CA VAL A 27 -3.29 0.60 -0.77
C VAL A 27 -3.32 1.97 -1.43
N ILE A 28 -2.16 2.62 -1.46
CA ILE A 28 -1.89 3.86 -2.21
C ILE A 28 -1.78 3.53 -3.69
N HIS A 29 -2.31 4.43 -4.53
CA HIS A 29 -2.13 4.44 -5.98
C HIS A 29 -1.40 5.73 -6.42
N LEU A 30 -0.40 5.56 -7.29
CA LEU A 30 0.44 6.59 -7.87
C LEU A 30 0.30 6.54 -9.40
N SER A 31 0.08 7.69 -10.06
CA SER A 31 -0.05 7.80 -11.52
C SER A 31 0.69 9.03 -12.09
N ASN A 32 0.82 9.11 -13.41
CA ASN A 32 1.63 10.10 -14.15
C ASN A 32 3.14 10.04 -13.80
N LEU A 33 3.64 8.87 -13.41
CA LEU A 33 5.04 8.65 -13.01
C LEU A 33 6.02 8.86 -14.19
N PRO A 34 7.31 9.13 -13.91
CA PRO A 34 8.40 9.17 -14.90
C PRO A 34 8.65 7.80 -15.55
N HIS A 35 9.51 7.76 -16.58
CA HIS A 35 9.92 6.54 -17.29
C HIS A 35 11.46 6.47 -17.47
N SER A 36 12.20 7.00 -16.50
CA SER A 36 13.66 7.21 -16.55
C SER A 36 14.53 5.96 -16.29
N GLY A 37 13.95 4.76 -16.30
CA GLY A 37 14.67 3.49 -16.13
C GLY A 37 15.12 3.19 -14.69
N TYR A 38 14.36 3.67 -13.69
CA TYR A 38 14.64 3.55 -12.26
C TYR A 38 14.39 2.18 -11.61
N SER A 39 15.03 1.92 -10.47
CA SER A 39 14.72 0.78 -9.60
C SER A 39 13.41 1.01 -8.83
N ASP A 40 12.69 -0.06 -8.46
CA ASP A 40 11.44 0.03 -7.69
C ASP A 40 11.50 0.82 -6.36
N SER A 41 12.66 0.79 -5.69
CA SER A 41 12.97 1.59 -4.51
C SER A 41 12.74 3.10 -4.70
N ALA A 42 12.92 3.62 -5.92
CA ALA A 42 12.67 5.03 -6.25
C ALA A 42 11.20 5.44 -6.03
N VAL A 43 10.26 4.55 -6.39
CA VAL A 43 8.81 4.72 -6.13
C VAL A 43 8.43 4.45 -4.68
N LEU A 44 9.02 3.43 -4.05
CA LEU A 44 8.74 3.08 -2.65
C LEU A 44 9.17 4.20 -1.69
N LYS A 45 10.29 4.87 -1.96
CA LYS A 45 10.74 6.07 -1.23
C LYS A 45 9.78 7.27 -1.26
N LEU A 46 8.77 7.27 -2.12
CA LEU A 46 7.68 8.25 -2.11
C LEU A 46 6.66 7.98 -0.98
N ALA A 47 6.46 6.72 -0.58
CA ALA A 47 5.55 6.30 0.48
C ALA A 47 6.26 6.04 1.83
N GLU A 48 7.55 5.68 1.81
CA GLU A 48 8.39 5.48 3.01
C GLU A 48 8.31 6.57 4.11
N PRO A 49 8.32 7.90 3.81
CA PRO A 49 8.27 8.91 4.86
C PRO A 49 6.89 9.06 5.51
N TYR A 50 5.84 8.49 4.88
CA TYR A 50 4.47 8.51 5.38
C TYR A 50 4.09 7.31 6.26
N GLY A 51 4.77 6.17 6.08
CA GLY A 51 4.55 4.96 6.87
C GLY A 51 5.26 3.71 6.34
N LYS A 52 5.01 2.57 6.99
CA LYS A 52 5.57 1.26 6.63
C LYS A 52 4.86 0.61 5.45
N ILE A 53 5.58 -0.17 4.65
CA ILE A 53 5.11 -0.81 3.41
C ILE A 53 5.13 -2.35 3.55
N LYS A 54 4.07 -3.03 3.08
CA LYS A 54 3.96 -4.51 3.04
C LYS A 54 4.28 -5.10 1.67
N ASN A 55 3.68 -4.51 0.63
CA ASN A 55 3.63 -5.02 -0.75
C ASN A 55 3.58 -3.85 -1.74
N TYR A 56 3.90 -4.10 -3.01
CA TYR A 56 3.81 -3.11 -4.09
C TYR A 56 3.65 -3.81 -5.45
N ILE A 57 3.13 -3.08 -6.43
CA ILE A 57 2.97 -3.49 -7.83
C ILE A 57 3.27 -2.28 -8.73
N LEU A 58 4.40 -2.28 -9.44
CA LEU A 58 4.70 -1.28 -10.47
C LEU A 58 4.06 -1.66 -11.82
N MET A 59 3.55 -0.68 -12.57
CA MET A 59 2.89 -0.85 -13.87
C MET A 59 3.41 0.14 -14.92
N ARG A 60 3.95 -0.36 -16.04
CA ARG A 60 4.42 0.48 -17.16
C ARG A 60 3.25 1.17 -17.89
N MET A 61 2.08 0.51 -17.94
CA MET A 61 0.85 1.05 -18.53
C MET A 61 0.45 2.38 -17.85
N LYS A 62 0.43 3.47 -18.64
CA LYS A 62 0.16 4.86 -18.20
C LYS A 62 1.10 5.40 -17.08
N SER A 63 2.22 4.72 -16.84
CA SER A 63 3.20 4.99 -15.78
C SER A 63 2.56 5.10 -14.39
N GLN A 64 2.24 3.93 -13.81
CA GLN A 64 1.45 3.78 -12.58
C GLN A 64 2.12 2.85 -11.55
N ALA A 65 1.73 2.93 -10.29
CA ALA A 65 2.21 2.05 -9.21
C ALA A 65 1.20 1.95 -8.06
N PHE A 66 1.06 0.76 -7.48
CA PHE A 66 0.33 0.50 -6.24
C PHE A 66 1.26 0.16 -5.07
N ILE A 67 0.98 0.63 -3.86
CA ILE A 67 1.79 0.38 -2.65
C ILE A 67 0.87 0.12 -1.45
N GLU A 68 0.97 -1.05 -0.83
CA GLU A 68 0.21 -1.43 0.37
C GLU A 68 0.93 -0.97 1.64
N MET A 69 0.30 -0.09 2.44
CA MET A 69 0.81 0.38 3.72
C MET A 69 0.43 -0.57 4.88
N GLU A 70 1.21 -0.59 5.96
CA GLU A 70 0.93 -1.44 7.13
C GLU A 70 -0.36 -1.03 7.87
N THR A 71 -0.67 0.26 7.90
CA THR A 71 -1.86 0.85 8.55
C THR A 71 -2.69 1.77 7.68
N ARG A 72 -3.97 1.95 8.03
CA ARG A 72 -4.86 2.85 7.29
C ARG A 72 -4.48 4.31 7.50
N GLU A 73 -3.98 4.65 8.69
CA GLU A 73 -3.41 5.97 8.99
C GLU A 73 -2.12 6.23 8.20
N ASP A 74 -1.23 5.23 8.11
CA ASP A 74 -0.03 5.28 7.25
C ASP A 74 -0.28 5.61 5.77
N ALA A 75 -1.37 5.04 5.22
CA ALA A 75 -1.87 5.38 3.89
C ALA A 75 -2.56 6.75 3.85
N MET A 76 -3.60 6.96 4.66
CA MET A 76 -4.42 8.19 4.62
C MET A 76 -3.61 9.49 4.86
N ALA A 77 -2.54 9.43 5.66
CA ALA A 77 -1.63 10.56 5.88
C ALA A 77 -0.91 11.01 4.59
N MET A 78 -0.54 10.07 3.71
CA MET A 78 0.03 10.38 2.40
C MET A 78 -0.99 11.09 1.51
N VAL A 79 -2.24 10.60 1.49
CA VAL A 79 -3.34 11.23 0.74
C VAL A 79 -3.62 12.66 1.21
N ASP A 80 -3.75 12.86 2.53
CA ASP A 80 -3.99 14.16 3.16
C ASP A 80 -2.91 15.21 2.82
N HIS A 81 -1.64 14.80 2.90
CA HIS A 81 -0.52 15.63 2.48
C HIS A 81 -0.59 15.96 0.98
N CYS A 82 -0.81 14.95 0.12
CA CYS A 82 -0.86 15.13 -1.33
C CYS A 82 -2.03 15.99 -1.83
N LEU A 83 -3.14 16.00 -1.09
CA LEU A 83 -4.30 16.88 -1.29
C LEU A 83 -3.95 18.37 -1.03
N LYS A 84 -3.00 18.64 -0.13
CA LYS A 84 -2.57 19.99 0.28
C LYS A 84 -1.35 20.50 -0.48
N LYS A 85 -0.35 19.64 -0.70
CA LYS A 85 0.91 19.88 -1.45
C LYS A 85 1.17 18.74 -2.43
N ALA A 86 1.20 19.04 -3.73
CA ALA A 86 1.36 18.04 -4.79
C ALA A 86 2.76 17.38 -4.77
N LEU A 87 2.79 16.07 -4.97
CA LEU A 87 4.00 15.24 -4.96
C LEU A 87 4.76 15.33 -6.29
N TRP A 88 6.08 15.56 -6.23
CA TRP A 88 6.98 15.62 -7.39
C TRP A 88 8.06 14.53 -7.37
N PHE A 89 8.32 13.89 -8.53
CA PHE A 89 9.27 12.79 -8.68
C PHE A 89 9.99 12.72 -10.05
N GLN A 90 11.32 12.84 -10.05
CA GLN A 90 12.18 12.93 -11.25
C GLN A 90 11.66 13.90 -12.34
N GLY A 91 11.11 15.04 -11.91
CA GLY A 91 10.60 16.10 -12.80
C GLY A 91 9.15 15.92 -13.29
N ARG A 92 8.38 14.97 -12.75
CA ARG A 92 6.92 14.82 -13.00
C ARG A 92 6.07 15.04 -11.76
N CYS A 93 4.89 15.65 -11.94
CA CYS A 93 3.88 15.77 -10.89
C CYS A 93 3.10 14.45 -10.78
N VAL A 94 3.21 13.77 -9.65
CA VAL A 94 2.58 12.47 -9.39
C VAL A 94 1.14 12.64 -8.87
N LYS A 95 0.19 11.94 -9.51
CA LYS A 95 -1.20 11.82 -9.02
C LYS A 95 -1.22 10.80 -7.88
N VAL A 96 -1.84 11.14 -6.75
CA VAL A 96 -1.91 10.27 -5.55
C VAL A 96 -3.35 10.06 -5.07
N ASP A 97 -3.71 8.79 -4.87
CA ASP A 97 -5.05 8.34 -4.44
C ASP A 97 -4.90 7.08 -3.55
N LEU A 98 -5.99 6.62 -2.93
CA LEU A 98 -6.07 5.39 -2.15
C LEU A 98 -7.20 4.48 -2.66
N SER A 99 -6.86 3.23 -3.00
CA SER A 99 -7.75 2.29 -3.71
C SER A 99 -8.85 1.72 -2.82
N GLU A 100 -10.10 1.78 -3.29
CA GLU A 100 -11.25 1.09 -2.69
C GLU A 100 -11.34 -0.40 -3.11
N LYS A 101 -10.71 -0.77 -4.25
CA LYS A 101 -10.64 -2.15 -4.73
C LYS A 101 -9.67 -2.99 -3.89
N TYR A 102 -8.43 -2.54 -3.80
CA TYR A 102 -7.34 -3.34 -3.22
C TYR A 102 -7.30 -3.30 -1.68
N LYS A 103 -7.90 -4.31 -1.02
CA LYS A 103 -7.80 -4.49 0.44
C LYS A 103 -6.39 -4.89 0.87
N LYS A 104 -5.67 -5.59 -0.01
CA LYS A 104 -4.23 -5.94 0.02
C LYS A 104 -3.78 -6.27 -1.41
N LEU A 105 -2.48 -6.14 -1.72
CA LEU A 105 -1.93 -6.42 -3.06
C LEU A 105 -1.67 -7.91 -3.30
N VAL A 106 -2.74 -8.70 -3.20
CA VAL A 106 -2.83 -10.13 -3.59
C VAL A 106 -3.43 -10.37 -4.98
N SER A 107 -3.87 -9.30 -5.65
CA SER A 107 -4.57 -9.31 -6.95
C SER A 107 -4.21 -8.06 -7.77
N GLY A 108 -4.73 -7.97 -9.00
CA GLY A 108 -4.44 -6.91 -9.98
C GLY A 108 -5.55 -6.68 -11.02
N PRO A 109 -5.26 -5.98 -12.14
CA PRO A 109 -6.22 -5.71 -13.20
C PRO A 109 -6.76 -6.98 -13.87
N SER A 110 -8.04 -6.97 -14.24
CA SER A 110 -8.72 -8.07 -14.96
C SER A 110 -8.41 -8.11 -16.46
N SER A 111 -7.97 -6.99 -17.04
CA SER A 111 -7.61 -6.83 -18.47
C SER A 111 -6.64 -5.64 -18.66
N GLY A 112 -5.97 -5.58 -19.81
CA GLY A 112 -5.00 -4.55 -20.18
C GLY A 112 -4.54 -4.66 -21.64
N GLY A 1 -18.72 14.86 9.82
CA GLY A 1 -18.27 15.91 10.76
C GLY A 1 -16.77 16.14 10.65
N SER A 2 -16.33 17.39 10.82
CA SER A 2 -14.91 17.80 10.81
C SER A 2 -14.13 17.33 12.06
N SER A 3 -12.78 17.36 11.96
CA SER A 3 -11.79 16.97 12.98
C SER A 3 -11.76 15.49 13.38
N GLY A 4 -12.92 14.86 13.61
CA GLY A 4 -13.05 13.43 13.94
C GLY A 4 -12.73 12.48 12.78
N SER A 5 -12.41 11.22 13.11
CA SER A 5 -12.00 10.17 12.16
C SER A 5 -12.65 8.79 12.37
N SER A 6 -13.41 8.61 13.46
CA SER A 6 -14.12 7.38 13.85
C SER A 6 -13.22 6.15 14.08
N GLY A 7 -13.82 5.03 14.49
CA GLY A 7 -13.16 3.74 14.77
C GLY A 7 -12.33 3.69 16.07
N LYS A 8 -12.47 4.69 16.96
CA LYS A 8 -11.61 4.93 18.14
C LYS A 8 -12.36 5.02 19.47
N LYS A 9 -13.63 4.60 19.51
CA LYS A 9 -14.50 4.59 20.71
C LYS A 9 -14.00 3.61 21.79
N PRO A 10 -14.28 3.84 23.09
CA PRO A 10 -13.92 2.90 24.17
C PRO A 10 -14.51 1.49 24.01
N GLU A 11 -15.65 1.36 23.32
CA GLU A 11 -16.29 0.08 22.98
C GLU A 11 -15.43 -0.81 22.07
N GLY A 12 -14.42 -0.24 21.39
CA GLY A 12 -13.41 -0.97 20.61
C GLY A 12 -12.36 -1.72 21.45
N LYS A 13 -12.36 -1.52 22.78
CA LYS A 13 -11.42 -2.10 23.78
C LYS A 13 -9.94 -1.65 23.61
N PRO A 14 -9.06 -1.88 24.62
CA PRO A 14 -7.63 -1.57 24.51
C PRO A 14 -6.92 -2.29 23.36
N ASP A 15 -5.79 -1.74 22.91
CA ASP A 15 -4.97 -2.23 21.80
C ASP A 15 -3.95 -3.35 22.12
N GLN A 16 -3.72 -4.22 21.14
CA GLN A 16 -2.75 -5.33 21.14
C GLN A 16 -1.98 -5.38 19.80
N LYS A 17 -1.00 -6.29 19.67
CA LYS A 17 -0.34 -6.60 18.39
C LYS A 17 -1.30 -7.17 17.34
N PHE A 18 -2.37 -7.84 17.78
CA PHE A 18 -3.46 -8.44 16.99
C PHE A 18 -3.14 -9.61 16.04
N ASP A 19 -4.07 -10.56 15.92
CA ASP A 19 -3.92 -11.80 15.13
C ASP A 19 -4.12 -11.65 13.61
N GLN A 20 -4.45 -10.44 13.12
CA GLN A 20 -4.87 -10.16 11.75
C GLN A 20 -4.34 -8.81 11.24
N LYS A 21 -4.14 -8.70 9.92
CA LYS A 21 -3.63 -7.52 9.19
C LYS A 21 -4.27 -7.33 7.80
N GLN A 22 -5.22 -8.19 7.41
CA GLN A 22 -5.87 -8.22 6.09
C GLN A 22 -7.01 -7.21 5.92
N GLU A 23 -7.43 -6.56 7.01
CA GLU A 23 -8.59 -5.65 7.09
C GLU A 23 -8.34 -4.24 6.51
N LEU A 24 -9.40 -3.41 6.53
CA LEU A 24 -9.45 -1.98 6.16
C LEU A 24 -9.26 -1.68 4.66
N GLY A 25 -8.15 -2.14 4.10
CA GLY A 25 -7.67 -1.78 2.76
C GLY A 25 -6.95 -0.44 2.76
N ARG A 26 -5.64 -0.45 2.48
CA ARG A 26 -4.80 0.76 2.52
C ARG A 26 -3.69 0.74 1.47
N VAL A 27 -4.07 0.42 0.23
CA VAL A 27 -3.19 0.48 -0.94
C VAL A 27 -3.23 1.89 -1.53
N ILE A 28 -2.08 2.54 -1.52
CA ILE A 28 -1.83 3.80 -2.22
C ILE A 28 -1.68 3.53 -3.72
N HIS A 29 -2.37 4.34 -4.53
CA HIS A 29 -2.21 4.40 -5.98
C HIS A 29 -1.36 5.63 -6.36
N LEU A 30 -0.37 5.42 -7.22
CA LEU A 30 0.49 6.45 -7.82
C LEU A 30 0.35 6.42 -9.35
N SER A 31 0.14 7.57 -9.99
CA SER A 31 0.07 7.70 -11.45
C SER A 31 0.81 8.96 -11.95
N ASN A 32 1.01 9.08 -13.25
CA ASN A 32 1.85 10.09 -13.93
C ASN A 32 3.33 10.04 -13.47
N LEU A 33 3.85 8.84 -13.21
CA LEU A 33 5.25 8.60 -12.87
C LEU A 33 6.18 8.82 -14.09
N PRO A 34 7.50 8.99 -13.88
CA PRO A 34 8.51 9.01 -14.94
C PRO A 34 8.65 7.65 -15.65
N HIS A 35 9.50 7.62 -16.69
CA HIS A 35 9.62 6.48 -17.63
C HIS A 35 11.10 6.04 -17.85
N SER A 36 12.03 6.55 -17.03
CA SER A 36 13.49 6.45 -17.20
C SER A 36 14.16 5.12 -16.79
N GLY A 37 13.39 4.05 -16.51
CA GLY A 37 13.94 2.71 -16.24
C GLY A 37 14.57 2.55 -14.85
N TYR A 38 14.05 3.27 -13.86
CA TYR A 38 14.47 3.26 -12.45
C TYR A 38 14.21 1.96 -11.66
N SER A 39 14.97 1.74 -10.59
CA SER A 39 14.71 0.67 -9.61
C SER A 39 13.42 0.96 -8.82
N ASP A 40 12.73 -0.09 -8.38
CA ASP A 40 11.49 0.01 -7.57
C ASP A 40 11.60 0.87 -6.29
N SER A 41 12.77 0.89 -5.65
CA SER A 41 13.08 1.77 -4.52
C SER A 41 12.81 3.26 -4.79
N ALA A 42 12.96 3.72 -6.04
CA ALA A 42 12.69 5.11 -6.43
C ALA A 42 11.21 5.49 -6.23
N VAL A 43 10.28 4.55 -6.47
CA VAL A 43 8.84 4.70 -6.20
C VAL A 43 8.49 4.46 -4.73
N LEU A 44 9.08 3.44 -4.11
CA LEU A 44 8.82 3.09 -2.71
C LEU A 44 9.21 4.24 -1.75
N LYS A 45 10.33 4.93 -2.02
CA LYS A 45 10.77 6.11 -1.26
C LYS A 45 9.84 7.33 -1.34
N LEU A 46 8.81 7.30 -2.20
CA LEU A 46 7.72 8.30 -2.20
C LEU A 46 6.71 8.04 -1.07
N ALA A 47 6.53 6.78 -0.67
CA ALA A 47 5.58 6.33 0.37
C ALA A 47 6.27 6.05 1.72
N GLU A 48 7.54 5.65 1.72
CA GLU A 48 8.34 5.44 2.95
C GLU A 48 8.30 6.57 4.00
N PRO A 49 8.24 7.88 3.65
CA PRO A 49 8.14 8.96 4.63
C PRO A 49 6.82 8.98 5.41
N TYR A 50 5.77 8.34 4.87
CA TYR A 50 4.41 8.34 5.42
C TYR A 50 4.05 7.11 6.27
N GLY A 51 4.80 6.01 6.11
CA GLY A 51 4.62 4.77 6.87
C GLY A 51 5.37 3.57 6.30
N LYS A 52 5.27 2.43 6.98
CA LYS A 52 5.83 1.14 6.53
C LYS A 52 5.06 0.56 5.33
N ILE A 53 5.75 -0.19 4.48
CA ILE A 53 5.22 -0.84 3.28
C ILE A 53 5.24 -2.37 3.43
N LYS A 54 4.14 -3.05 3.09
CA LYS A 54 4.02 -4.52 3.10
C LYS A 54 4.34 -5.15 1.74
N ASN A 55 3.77 -4.58 0.68
CA ASN A 55 3.73 -5.11 -0.69
C ASN A 55 3.67 -3.94 -1.70
N TYR A 56 4.01 -4.19 -2.96
CA TYR A 56 3.89 -3.21 -4.04
C TYR A 56 3.75 -3.93 -5.41
N ILE A 57 3.23 -3.20 -6.39
CA ILE A 57 3.12 -3.60 -7.79
C ILE A 57 3.43 -2.37 -8.67
N LEU A 58 4.50 -2.42 -9.47
CA LEU A 58 4.80 -1.39 -10.48
C LEU A 58 4.18 -1.76 -11.84
N MET A 59 3.65 -0.76 -12.56
CA MET A 59 3.04 -0.93 -13.89
C MET A 59 3.58 0.08 -14.91
N ARG A 60 4.30 -0.41 -15.94
CA ARG A 60 4.81 0.43 -17.05
C ARG A 60 3.69 1.07 -17.88
N MET A 61 2.54 0.42 -17.99
CA MET A 61 1.35 0.94 -18.67
C MET A 61 0.86 2.23 -17.99
N LYS A 62 0.84 3.33 -18.76
CA LYS A 62 0.52 4.72 -18.33
C LYS A 62 1.36 5.23 -17.13
N SER A 63 2.50 4.60 -16.85
CA SER A 63 3.42 4.93 -15.75
C SER A 63 2.73 5.02 -14.37
N GLN A 64 2.30 3.87 -13.87
CA GLN A 64 1.53 3.71 -12.62
C GLN A 64 2.25 2.79 -11.60
N ALA A 65 1.84 2.88 -10.33
CA ALA A 65 2.26 1.97 -9.27
C ALA A 65 1.19 1.85 -8.16
N PHE A 66 1.19 0.70 -7.47
CA PHE A 66 0.41 0.45 -6.26
C PHE A 66 1.30 0.04 -5.08
N ILE A 67 1.02 0.52 -3.87
CA ILE A 67 1.83 0.29 -2.66
C ILE A 67 0.91 0.02 -1.47
N GLU A 68 1.01 -1.16 -0.85
CA GLU A 68 0.26 -1.53 0.35
C GLU A 68 0.96 -1.00 1.61
N MET A 69 0.36 -0.01 2.28
CA MET A 69 0.85 0.52 3.55
C MET A 69 0.52 -0.42 4.72
N GLU A 70 1.29 -0.35 5.81
CA GLU A 70 1.00 -1.15 7.01
C GLU A 70 -0.31 -0.75 7.69
N THR A 71 -0.63 0.55 7.73
CA THR A 71 -1.85 1.11 8.35
C THR A 71 -2.71 2.01 7.48
N ARG A 72 -4.02 2.01 7.74
CA ARG A 72 -4.99 2.86 7.02
C ARG A 72 -4.74 4.34 7.29
N GLU A 73 -4.37 4.70 8.53
CA GLU A 73 -4.01 6.06 8.91
C GLU A 73 -2.73 6.54 8.19
N ASP A 74 -1.70 5.68 8.10
CA ASP A 74 -0.47 5.96 7.34
C ASP A 74 -0.70 6.26 5.85
N ALA A 75 -1.56 5.47 5.21
CA ALA A 75 -1.99 5.68 3.82
C ALA A 75 -2.82 6.97 3.67
N MET A 76 -3.88 7.14 4.47
CA MET A 76 -4.75 8.32 4.42
C MET A 76 -3.98 9.63 4.65
N ALA A 77 -2.95 9.61 5.51
CA ALA A 77 -2.04 10.74 5.72
C ALA A 77 -1.22 11.09 4.47
N MET A 78 -0.75 10.11 3.71
CA MET A 78 -0.05 10.35 2.44
C MET A 78 -0.95 11.06 1.41
N VAL A 79 -2.23 10.65 1.32
CA VAL A 79 -3.22 11.34 0.48
C VAL A 79 -3.50 12.77 0.96
N ASP A 80 -3.72 12.95 2.26
CA ASP A 80 -3.97 14.26 2.89
C ASP A 80 -2.83 15.27 2.68
N HIS A 81 -1.60 14.83 2.92
CA HIS A 81 -0.41 15.63 2.63
C HIS A 81 -0.27 15.98 1.14
N CYS A 82 -0.59 15.08 0.21
CA CYS A 82 -0.57 15.38 -1.22
C CYS A 82 -1.66 16.40 -1.61
N LEU A 83 -2.86 16.30 -1.01
CA LEU A 83 -3.95 17.25 -1.18
C LEU A 83 -3.60 18.67 -0.65
N LYS A 84 -2.77 18.75 0.41
CA LYS A 84 -2.25 20.00 0.97
C LYS A 84 -1.11 20.60 0.15
N LYS A 85 -0.16 19.76 -0.29
CA LYS A 85 0.94 20.09 -1.21
C LYS A 85 1.30 18.89 -2.10
N ALA A 86 1.23 19.07 -3.41
CA ALA A 86 1.35 17.97 -4.37
C ALA A 86 2.73 17.30 -4.35
N LEU A 87 2.74 15.99 -4.57
CA LEU A 87 3.94 15.14 -4.58
C LEU A 87 4.66 15.24 -5.94
N TRP A 88 5.99 15.47 -5.92
CA TRP A 88 6.84 15.60 -7.12
C TRP A 88 7.93 14.53 -7.21
N PHE A 89 8.16 13.99 -8.42
CA PHE A 89 9.17 12.95 -8.70
C PHE A 89 9.74 13.00 -10.12
N GLN A 90 11.07 13.13 -10.28
CA GLN A 90 11.77 13.33 -11.56
C GLN A 90 11.10 14.41 -12.46
N GLY A 91 10.79 15.56 -11.88
CA GLY A 91 10.18 16.70 -12.58
C GLY A 91 8.70 16.53 -12.96
N ARG A 92 8.00 15.52 -12.44
CA ARG A 92 6.57 15.23 -12.71
C ARG A 92 5.71 15.36 -11.45
N CYS A 93 4.53 15.94 -11.58
CA CYS A 93 3.51 15.95 -10.53
C CYS A 93 2.86 14.56 -10.47
N VAL A 94 3.07 13.83 -9.38
CA VAL A 94 2.52 12.49 -9.15
C VAL A 94 1.06 12.56 -8.68
N LYS A 95 0.17 11.83 -9.36
CA LYS A 95 -1.21 11.62 -8.91
C LYS A 95 -1.22 10.63 -7.76
N VAL A 96 -1.69 11.04 -6.57
CA VAL A 96 -1.76 10.20 -5.37
C VAL A 96 -3.20 9.97 -4.93
N ASP A 97 -3.58 8.70 -4.78
CA ASP A 97 -4.90 8.22 -4.38
C ASP A 97 -4.84 6.99 -3.45
N LEU A 98 -5.97 6.56 -2.87
CA LEU A 98 -6.08 5.34 -2.08
C LEU A 98 -7.19 4.43 -2.62
N SER A 99 -6.84 3.18 -2.97
CA SER A 99 -7.73 2.22 -3.61
C SER A 99 -8.57 1.43 -2.60
N GLU A 100 -9.89 1.37 -2.83
CA GLU A 100 -10.80 0.48 -2.09
C GLU A 100 -10.96 -0.90 -2.75
N LYS A 101 -10.75 -1.03 -4.07
CA LYS A 101 -10.77 -2.33 -4.77
C LYS A 101 -9.54 -3.17 -4.43
N TYR A 102 -8.38 -2.54 -4.30
CA TYR A 102 -7.15 -3.15 -3.78
C TYR A 102 -7.06 -3.19 -2.25
N LYS A 103 -7.80 -4.10 -1.60
CA LYS A 103 -7.71 -4.30 -0.13
C LYS A 103 -6.35 -4.84 0.33
N LYS A 104 -5.62 -5.53 -0.56
CA LYS A 104 -4.22 -5.95 -0.43
C LYS A 104 -3.56 -6.10 -1.81
N LEU A 105 -2.24 -6.25 -1.86
CA LEU A 105 -1.49 -6.59 -3.08
C LEU A 105 -0.89 -8.01 -3.03
N VAL A 106 -0.53 -8.54 -4.20
CA VAL A 106 -0.04 -9.92 -4.42
C VAL A 106 1.19 -9.96 -5.34
N SER A 107 2.08 -10.93 -5.15
CA SER A 107 3.32 -11.12 -5.94
C SER A 107 3.10 -11.45 -7.43
N GLY A 108 1.88 -11.83 -7.83
CA GLY A 108 1.47 -12.04 -9.21
C GLY A 108 -0.06 -12.12 -9.37
N PRO A 109 -0.58 -12.18 -10.61
CA PRO A 109 -2.03 -12.20 -10.88
C PRO A 109 -2.76 -13.42 -10.29
N SER A 110 -4.02 -13.21 -9.88
CA SER A 110 -4.93 -14.28 -9.44
C SER A 110 -5.50 -15.10 -10.61
N SER A 111 -5.81 -16.38 -10.37
CA SER A 111 -6.42 -17.27 -11.37
C SER A 111 -7.89 -16.91 -11.65
N GLY A 112 -8.64 -16.49 -10.63
CA GLY A 112 -10.03 -15.99 -10.71
C GLY A 112 -10.12 -14.55 -11.22
N GLY A 1 -6.15 39.87 16.53
CA GLY A 1 -6.01 38.40 16.39
C GLY A 1 -7.07 37.81 15.47
N SER A 2 -7.09 36.48 15.35
CA SER A 2 -8.03 35.70 14.52
C SER A 2 -8.23 34.28 15.07
N SER A 3 -9.37 33.66 14.77
CA SER A 3 -9.76 32.30 15.20
C SER A 3 -10.75 31.64 14.23
N GLY A 4 -10.86 30.31 14.29
CA GLY A 4 -11.76 29.51 13.43
C GLY A 4 -13.25 29.74 13.73
N SER A 5 -14.07 29.82 12.68
CA SER A 5 -15.52 30.08 12.76
C SER A 5 -16.36 28.86 13.20
N SER A 6 -15.81 27.65 13.12
CA SER A 6 -16.49 26.39 13.49
C SER A 6 -15.50 25.30 13.90
N GLY A 7 -15.89 24.46 14.89
CA GLY A 7 -15.16 23.29 15.35
C GLY A 7 -15.68 21.94 14.82
N LYS A 8 -16.69 21.94 13.94
CA LYS A 8 -17.40 20.75 13.44
C LYS A 8 -16.51 19.79 12.63
N LYS A 9 -16.87 18.50 12.65
CA LYS A 9 -16.10 17.35 12.12
C LYS A 9 -17.02 16.29 11.47
N PRO A 10 -16.51 15.45 10.54
CA PRO A 10 -17.27 14.31 10.01
C PRO A 10 -17.62 13.28 11.11
N GLU A 11 -18.67 12.48 10.86
CA GLU A 11 -19.26 11.56 11.84
C GLU A 11 -19.83 10.29 11.16
N GLY A 12 -19.79 9.14 11.86
CA GLY A 12 -20.35 7.87 11.40
C GLY A 12 -19.51 7.09 10.38
N LYS A 13 -18.30 7.57 10.05
CA LYS A 13 -17.36 6.91 9.13
C LYS A 13 -16.83 5.57 9.70
N PRO A 14 -16.57 4.55 8.86
CA PRO A 14 -16.24 3.18 9.29
C PRO A 14 -14.75 3.00 9.72
N ASP A 15 -14.29 3.79 10.68
CA ASP A 15 -12.93 3.71 11.24
C ASP A 15 -12.58 2.46 12.06
N GLN A 16 -13.60 1.78 12.60
CA GLN A 16 -13.54 0.55 13.39
C GLN A 16 -12.61 0.63 14.63
N LYS A 17 -11.33 0.28 14.48
CA LYS A 17 -10.29 0.07 15.51
C LYS A 17 -10.63 -1.06 16.52
N PHE A 18 -9.59 -1.69 17.07
CA PHE A 18 -9.64 -2.82 18.03
C PHE A 18 -10.28 -4.17 17.63
N ASP A 19 -11.47 -4.15 17.01
CA ASP A 19 -12.14 -5.32 16.45
C ASP A 19 -11.41 -5.83 15.19
N GLN A 20 -11.60 -7.10 14.82
CA GLN A 20 -10.88 -7.83 13.77
C GLN A 20 -10.92 -7.10 12.40
N LYS A 21 -9.77 -6.58 11.97
CA LYS A 21 -9.63 -5.64 10.84
C LYS A 21 -9.73 -6.25 9.44
N GLN A 22 -9.29 -7.50 9.27
CA GLN A 22 -9.12 -8.16 7.96
C GLN A 22 -8.26 -7.30 7.00
N GLU A 23 -8.88 -6.62 6.03
CA GLU A 23 -8.24 -5.62 5.17
C GLU A 23 -9.17 -4.42 4.92
N LEU A 24 -8.90 -3.31 5.63
CA LEU A 24 -9.72 -2.09 5.61
C LEU A 24 -9.50 -1.19 4.37
N GLY A 25 -8.58 -1.57 3.48
CA GLY A 25 -8.10 -0.74 2.37
C GLY A 25 -6.97 0.21 2.82
N ARG A 26 -5.74 -0.13 2.45
CA ARG A 26 -4.50 0.59 2.87
C ARG A 26 -3.51 0.75 1.71
N VAL A 27 -3.97 0.63 0.46
CA VAL A 27 -3.13 0.64 -0.74
C VAL A 27 -3.13 2.02 -1.41
N ILE A 28 -1.97 2.65 -1.42
CA ILE A 28 -1.72 3.90 -2.13
C ILE A 28 -1.65 3.62 -3.63
N HIS A 29 -2.34 4.45 -4.41
CA HIS A 29 -2.25 4.52 -5.86
C HIS A 29 -1.43 5.76 -6.26
N LEU A 30 -0.39 5.54 -7.07
CA LEU A 30 0.44 6.56 -7.71
C LEU A 30 0.24 6.52 -9.23
N SER A 31 0.09 7.67 -9.87
CA SER A 31 -0.13 7.82 -11.32
C SER A 31 0.61 9.04 -11.89
N ASN A 32 0.76 9.10 -13.22
CA ASN A 32 1.56 10.10 -13.94
C ASN A 32 3.05 10.10 -13.50
N LEU A 33 3.57 8.92 -13.15
CA LEU A 33 4.98 8.71 -12.79
C LEU A 33 5.93 8.94 -14.00
N PRO A 34 7.23 9.14 -13.77
CA PRO A 34 8.27 9.14 -14.81
C PRO A 34 8.46 7.71 -15.38
N HIS A 35 9.31 7.56 -16.40
CA HIS A 35 9.70 6.27 -16.98
C HIS A 35 11.21 6.21 -17.34
N SER A 36 12.05 6.81 -16.48
CA SER A 36 13.50 7.00 -16.68
C SER A 36 14.38 5.75 -16.42
N GLY A 37 13.80 4.54 -16.35
CA GLY A 37 14.52 3.28 -16.15
C GLY A 37 15.02 3.05 -14.71
N TYR A 38 14.29 3.55 -13.72
CA TYR A 38 14.64 3.52 -12.30
C TYR A 38 14.46 2.18 -11.55
N SER A 39 15.10 2.06 -10.38
CA SER A 39 14.85 0.98 -9.40
C SER A 39 13.44 1.10 -8.82
N ASP A 40 12.78 -0.03 -8.53
CA ASP A 40 11.51 -0.06 -7.77
C ASP A 40 11.55 0.71 -6.44
N SER A 41 12.72 0.77 -5.78
CA SER A 41 12.92 1.54 -4.55
C SER A 41 12.65 3.04 -4.74
N ALA A 42 12.87 3.60 -5.94
CA ALA A 42 12.65 5.01 -6.23
C ALA A 42 11.18 5.43 -6.04
N VAL A 43 10.24 4.55 -6.40
CA VAL A 43 8.80 4.70 -6.15
C VAL A 43 8.40 4.46 -4.69
N LEU A 44 9.01 3.44 -4.05
CA LEU A 44 8.74 3.10 -2.65
C LEU A 44 9.18 4.22 -1.69
N LYS A 45 10.32 4.88 -1.99
CA LYS A 45 10.83 6.05 -1.25
C LYS A 45 9.91 7.28 -1.29
N LEU A 46 8.86 7.28 -2.12
CA LEU A 46 7.79 8.29 -2.10
C LEU A 46 6.77 8.03 -0.97
N ALA A 47 6.56 6.76 -0.59
CA ALA A 47 5.63 6.33 0.46
C ALA A 47 6.34 6.06 1.82
N GLU A 48 7.62 5.70 1.80
CA GLU A 48 8.45 5.50 3.00
C GLU A 48 8.38 6.63 4.07
N PRO A 49 8.31 7.93 3.72
CA PRO A 49 8.18 9.01 4.71
C PRO A 49 6.86 8.99 5.51
N TYR A 50 5.82 8.35 4.96
CA TYR A 50 4.47 8.32 5.51
C TYR A 50 4.13 7.10 6.38
N GLY A 51 4.90 6.01 6.23
CA GLY A 51 4.73 4.77 6.98
C GLY A 51 5.50 3.58 6.39
N LYS A 52 5.43 2.44 7.08
CA LYS A 52 6.00 1.15 6.61
C LYS A 52 5.21 0.58 5.43
N ILE A 53 5.90 -0.14 4.54
CA ILE A 53 5.34 -0.79 3.34
C ILE A 53 5.40 -2.32 3.50
N LYS A 54 4.32 -3.01 3.10
CA LYS A 54 4.21 -4.49 3.12
C LYS A 54 4.49 -5.11 1.75
N ASN A 55 3.89 -4.54 0.70
CA ASN A 55 3.82 -5.07 -0.67
C ASN A 55 3.69 -3.91 -1.68
N TYR A 56 4.02 -4.16 -2.95
CA TYR A 56 3.89 -3.16 -4.02
C TYR A 56 3.75 -3.85 -5.38
N ILE A 57 3.22 -3.11 -6.36
CA ILE A 57 3.08 -3.49 -7.77
C ILE A 57 3.35 -2.25 -8.64
N LEU A 58 4.43 -2.26 -9.44
CA LEU A 58 4.67 -1.22 -10.47
C LEU A 58 3.97 -1.59 -11.79
N MET A 59 3.45 -0.61 -12.51
CA MET A 59 2.76 -0.77 -13.79
C MET A 59 3.26 0.19 -14.90
N ARG A 60 3.69 -0.38 -16.04
CA ARG A 60 4.16 0.38 -17.22
C ARG A 60 3.05 1.24 -17.84
N MET A 61 1.83 0.71 -17.93
CA MET A 61 0.69 1.39 -18.56
C MET A 61 0.35 2.70 -17.84
N LYS A 62 0.33 3.81 -18.59
CA LYS A 62 0.13 5.20 -18.10
C LYS A 62 1.06 5.64 -16.94
N SER A 63 2.17 4.91 -16.73
CA SER A 63 3.14 5.11 -15.65
C SER A 63 2.48 5.18 -14.26
N GLN A 64 2.07 4.01 -13.74
CA GLN A 64 1.33 3.84 -12.47
C GLN A 64 2.07 2.92 -11.48
N ALA A 65 1.69 2.98 -10.20
CA ALA A 65 2.14 2.06 -9.16
C ALA A 65 1.10 1.93 -8.04
N PHE A 66 1.10 0.76 -7.37
CA PHE A 66 0.34 0.49 -6.16
C PHE A 66 1.26 0.08 -4.99
N ILE A 67 0.99 0.55 -3.77
CA ILE A 67 1.83 0.30 -2.58
C ILE A 67 0.95 0.05 -1.34
N GLU A 68 1.05 -1.13 -0.74
CA GLU A 68 0.33 -1.49 0.50
C GLU A 68 1.08 -0.98 1.74
N MET A 69 0.48 -0.03 2.46
CA MET A 69 1.01 0.48 3.74
C MET A 69 0.70 -0.47 4.90
N GLU A 70 1.47 -0.40 5.99
CA GLU A 70 1.21 -1.20 7.20
C GLU A 70 -0.12 -0.83 7.89
N THR A 71 -0.55 0.43 7.79
CA THR A 71 -1.79 0.95 8.37
C THR A 71 -2.66 1.78 7.43
N ARG A 72 -3.98 1.77 7.67
CA ARG A 72 -4.94 2.59 6.91
C ARG A 72 -4.72 4.08 7.18
N GLU A 73 -4.38 4.43 8.41
CA GLU A 73 -4.07 5.80 8.83
C GLU A 73 -2.80 6.33 8.13
N ASP A 74 -1.74 5.51 8.05
CA ASP A 74 -0.52 5.84 7.30
C ASP A 74 -0.75 6.09 5.80
N ALA A 75 -1.59 5.27 5.17
CA ALA A 75 -2.02 5.46 3.79
C ALA A 75 -2.88 6.73 3.61
N MET A 76 -3.96 6.86 4.37
CA MET A 76 -4.88 8.01 4.29
C MET A 76 -4.15 9.36 4.52
N ALA A 77 -3.18 9.39 5.43
CA ALA A 77 -2.36 10.57 5.72
C ALA A 77 -1.44 10.98 4.55
N MET A 78 -0.89 10.01 3.80
CA MET A 78 -0.13 10.29 2.58
C MET A 78 -1.00 10.99 1.54
N VAL A 79 -2.23 10.49 1.32
CA VAL A 79 -3.17 11.11 0.36
C VAL A 79 -3.58 12.52 0.81
N ASP A 80 -3.91 12.70 2.09
CA ASP A 80 -4.26 14.02 2.64
C ASP A 80 -3.15 15.06 2.49
N HIS A 81 -1.91 14.66 2.77
CA HIS A 81 -0.73 15.50 2.54
C HIS A 81 -0.53 15.83 1.06
N CYS A 82 -0.69 14.84 0.17
CA CYS A 82 -0.54 15.01 -1.28
C CYS A 82 -1.63 15.90 -1.91
N LEU A 83 -2.84 15.91 -1.33
CA LEU A 83 -3.94 16.81 -1.68
C LEU A 83 -3.65 18.27 -1.27
N LYS A 84 -2.84 18.49 -0.22
CA LYS A 84 -2.44 19.81 0.30
C LYS A 84 -1.20 20.36 -0.42
N LYS A 85 -0.18 19.52 -0.62
CA LYS A 85 1.07 19.79 -1.34
C LYS A 85 1.36 18.71 -2.38
N ALA A 86 1.40 19.07 -3.66
CA ALA A 86 1.56 18.13 -4.76
C ALA A 86 2.95 17.45 -4.75
N LEU A 87 2.97 16.14 -4.95
CA LEU A 87 4.17 15.30 -4.93
C LEU A 87 4.91 15.34 -6.27
N TRP A 88 6.21 15.65 -6.25
CA TRP A 88 7.10 15.67 -7.43
C TRP A 88 8.16 14.56 -7.41
N PHE A 89 8.39 13.92 -8.58
CA PHE A 89 9.34 12.81 -8.74
C PHE A 89 10.02 12.73 -10.12
N GLN A 90 11.35 12.84 -10.15
CA GLN A 90 12.18 12.92 -11.38
C GLN A 90 11.63 13.87 -12.47
N GLY A 91 11.09 15.03 -12.04
CA GLY A 91 10.57 16.07 -12.94
C GLY A 91 9.11 15.91 -13.39
N ARG A 92 8.34 14.96 -12.83
CA ARG A 92 6.88 14.85 -13.04
C ARG A 92 6.06 15.08 -11.76
N CYS A 93 4.89 15.70 -11.90
CA CYS A 93 3.89 15.81 -10.84
C CYS A 93 3.11 14.49 -10.74
N VAL A 94 3.27 13.79 -9.62
CA VAL A 94 2.62 12.50 -9.34
C VAL A 94 1.21 12.70 -8.79
N LYS A 95 0.22 12.00 -9.38
CA LYS A 95 -1.13 11.91 -8.85
C LYS A 95 -1.21 10.83 -7.77
N VAL A 96 -1.86 11.14 -6.65
CA VAL A 96 -1.89 10.30 -5.44
C VAL A 96 -3.32 10.09 -4.91
N ASP A 97 -3.69 8.84 -4.67
CA ASP A 97 -5.01 8.42 -4.18
C ASP A 97 -4.86 7.14 -3.33
N LEU A 98 -5.93 6.66 -2.71
CA LEU A 98 -6.01 5.36 -2.04
C LEU A 98 -7.01 4.46 -2.78
N SER A 99 -6.58 3.27 -3.21
CA SER A 99 -7.33 2.40 -4.11
C SER A 99 -8.61 1.83 -3.49
N GLU A 100 -9.75 2.01 -4.17
CA GLU A 100 -11.02 1.33 -3.83
C GLU A 100 -11.03 -0.14 -4.29
N LYS A 101 -10.24 -0.49 -5.32
CA LYS A 101 -10.05 -1.86 -5.81
C LYS A 101 -9.20 -2.67 -4.84
N TYR A 102 -7.95 -2.24 -4.64
CA TYR A 102 -6.96 -2.97 -3.86
C TYR A 102 -7.09 -2.78 -2.35
N LYS A 103 -7.71 -3.74 -1.65
CA LYS A 103 -7.80 -3.71 -0.18
C LYS A 103 -6.42 -3.97 0.46
N LYS A 104 -5.66 -4.87 -0.17
CA LYS A 104 -4.23 -5.18 0.04
C LYS A 104 -3.64 -5.76 -1.27
N LEU A 105 -2.31 -5.84 -1.38
CA LEU A 105 -1.60 -6.40 -2.55
C LEU A 105 -1.12 -7.83 -2.25
N VAL A 106 -2.09 -8.73 -2.08
CA VAL A 106 -1.89 -10.13 -1.64
C VAL A 106 -1.09 -11.03 -2.61
N SER A 107 -1.16 -10.75 -3.91
CA SER A 107 -0.51 -11.52 -4.98
C SER A 107 -0.29 -10.71 -6.26
N GLY A 108 0.60 -11.19 -7.13
CA GLY A 108 0.81 -10.69 -8.49
C GLY A 108 -0.21 -11.27 -9.51
N PRO A 109 0.12 -11.29 -10.81
CA PRO A 109 -0.72 -11.90 -11.85
C PRO A 109 -0.77 -13.44 -11.80
N SER A 110 0.04 -14.07 -10.93
CA SER A 110 0.09 -15.52 -10.68
C SER A 110 0.44 -15.80 -9.20
N SER A 111 0.37 -17.06 -8.78
CA SER A 111 0.56 -17.52 -7.39
C SER A 111 -0.41 -16.84 -6.39
N GLY A 112 -1.70 -16.83 -6.74
CA GLY A 112 -2.81 -16.24 -5.97
C GLY A 112 -4.18 -16.77 -6.40
N GLY A 1 3.53 -60.32 -8.90
CA GLY A 1 4.99 -60.08 -8.78
C GLY A 1 5.31 -59.04 -7.72
N SER A 2 6.57 -58.61 -7.66
CA SER A 2 7.07 -57.62 -6.70
C SER A 2 6.43 -56.23 -6.87
N SER A 3 6.23 -55.51 -5.76
CA SER A 3 5.61 -54.17 -5.72
C SER A 3 6.03 -53.36 -4.48
N GLY A 4 5.73 -52.05 -4.48
CA GLY A 4 5.99 -51.15 -3.35
C GLY A 4 7.42 -50.60 -3.23
N SER A 5 8.35 -51.03 -4.09
CA SER A 5 9.71 -50.49 -4.18
C SER A 5 9.72 -49.03 -4.65
N SER A 6 10.60 -48.21 -4.05
CA SER A 6 10.66 -46.74 -4.25
C SER A 6 9.32 -46.03 -3.97
N GLY A 7 8.50 -46.58 -3.06
CA GLY A 7 7.16 -46.08 -2.74
C GLY A 7 7.17 -44.69 -2.10
N LYS A 8 6.63 -43.69 -2.80
CA LYS A 8 6.56 -42.28 -2.37
C LYS A 8 5.53 -42.07 -1.27
N LYS A 9 5.73 -41.03 -0.44
CA LYS A 9 5.00 -40.79 0.81
C LYS A 9 4.58 -39.31 0.97
N PRO A 10 3.47 -39.00 1.66
CA PRO A 10 3.00 -37.63 1.89
C PRO A 10 3.92 -36.83 2.83
N GLU A 11 3.78 -35.50 2.82
CA GLU A 11 4.54 -34.55 3.64
C GLU A 11 3.67 -33.32 4.02
N GLY A 12 3.85 -32.80 5.24
CA GLY A 12 3.09 -31.66 5.76
C GLY A 12 3.34 -30.35 5.01
N LYS A 13 2.27 -29.65 4.63
CA LYS A 13 2.30 -28.39 3.87
C LYS A 13 2.58 -27.17 4.77
N PRO A 14 3.23 -26.10 4.26
CA PRO A 14 3.51 -24.88 5.03
C PRO A 14 2.22 -24.09 5.35
N ASP A 15 2.27 -23.28 6.41
CA ASP A 15 1.18 -22.38 6.82
C ASP A 15 0.90 -21.22 5.84
N GLN A 16 -0.29 -21.19 5.24
CA GLN A 16 -0.70 -20.21 4.22
C GLN A 16 -1.24 -18.88 4.81
N LYS A 17 -1.33 -18.76 6.15
CA LYS A 17 -1.98 -17.70 6.95
C LYS A 17 -3.50 -17.66 6.77
N PHE A 18 -4.24 -17.76 7.88
CA PHE A 18 -5.70 -17.97 7.90
C PHE A 18 -6.64 -16.74 7.98
N ASP A 19 -6.16 -15.63 8.54
CA ASP A 19 -6.94 -14.41 8.80
C ASP A 19 -6.99 -13.37 7.66
N GLN A 20 -8.18 -13.09 7.13
CA GLN A 20 -8.42 -12.04 6.12
C GLN A 20 -8.56 -10.63 6.73
N LYS A 21 -8.67 -10.52 8.07
CA LYS A 21 -9.02 -9.32 8.84
C LYS A 21 -8.21 -8.05 8.53
N GLN A 22 -6.98 -8.19 8.03
CA GLN A 22 -6.07 -7.09 7.69
C GLN A 22 -6.48 -6.26 6.45
N GLU A 23 -7.50 -6.67 5.68
CA GLU A 23 -7.91 -6.00 4.43
C GLU A 23 -8.74 -4.71 4.62
N LEU A 24 -8.27 -3.80 5.47
CA LEU A 24 -8.93 -2.53 5.82
C LEU A 24 -9.05 -1.53 4.64
N GLY A 25 -8.26 -1.72 3.58
CA GLY A 25 -8.10 -0.74 2.50
C GLY A 25 -6.96 0.23 2.80
N ARG A 26 -5.72 -0.23 2.60
CA ARG A 26 -4.47 0.48 2.98
C ARG A 26 -3.50 0.66 1.81
N VAL A 27 -4.01 0.60 0.57
CA VAL A 27 -3.19 0.64 -0.66
C VAL A 27 -3.20 2.01 -1.31
N ILE A 28 -2.04 2.65 -1.32
CA ILE A 28 -1.75 3.88 -2.06
C ILE A 28 -1.73 3.59 -3.56
N HIS A 29 -2.27 4.52 -4.35
CA HIS A 29 -2.23 4.53 -5.81
C HIS A 29 -1.46 5.78 -6.28
N LEU A 30 -0.47 5.58 -7.15
CA LEU A 30 0.36 6.62 -7.77
C LEU A 30 0.18 6.59 -9.29
N SER A 31 0.05 7.76 -9.91
CA SER A 31 -0.13 7.91 -11.36
C SER A 31 0.67 9.09 -11.93
N ASN A 32 0.88 9.12 -13.25
CA ASN A 32 1.73 10.08 -13.97
C ASN A 32 3.20 10.06 -13.45
N LEU A 33 3.71 8.87 -13.11
CA LEU A 33 5.11 8.67 -12.74
C LEU A 33 6.06 8.95 -13.93
N PRO A 34 7.35 9.23 -13.68
CA PRO A 34 8.41 9.31 -14.71
C PRO A 34 8.63 7.96 -15.43
N HIS A 35 9.48 7.96 -16.45
CA HIS A 35 9.84 6.77 -17.26
C HIS A 35 11.36 6.57 -17.40
N SER A 36 12.15 7.14 -16.47
CA SER A 36 13.62 7.26 -16.53
C SER A 36 14.43 5.96 -16.25
N GLY A 37 13.80 4.78 -16.35
CA GLY A 37 14.49 3.48 -16.20
C GLY A 37 14.93 3.13 -14.77
N TYR A 38 14.22 3.64 -13.76
CA TYR A 38 14.53 3.50 -12.34
C TYR A 38 14.21 2.13 -11.70
N SER A 39 14.89 1.81 -10.58
CA SER A 39 14.54 0.68 -9.72
C SER A 39 13.28 0.98 -8.89
N ASP A 40 12.52 -0.06 -8.51
CA ASP A 40 11.30 0.07 -7.69
C ASP A 40 11.42 0.88 -6.39
N SER A 41 12.58 0.78 -5.73
CA SER A 41 12.99 1.57 -4.56
C SER A 41 12.77 3.09 -4.74
N ALA A 42 12.91 3.62 -5.96
CA ALA A 42 12.66 5.03 -6.27
C ALA A 42 11.19 5.45 -6.04
N VAL A 43 10.23 4.60 -6.42
CA VAL A 43 8.80 4.78 -6.14
C VAL A 43 8.43 4.50 -4.69
N LEU A 44 9.02 3.46 -4.09
CA LEU A 44 8.78 3.08 -2.70
C LEU A 44 9.20 4.18 -1.72
N LYS A 45 10.31 4.86 -1.98
CA LYS A 45 10.78 6.05 -1.23
C LYS A 45 9.86 7.28 -1.29
N LEU A 46 8.82 7.27 -2.13
CA LEU A 46 7.76 8.28 -2.11
C LEU A 46 6.74 8.02 -0.98
N ALA A 47 6.56 6.75 -0.58
CA ALA A 47 5.62 6.32 0.46
C ALA A 47 6.30 6.06 1.82
N GLU A 48 7.59 5.67 1.82
CA GLU A 48 8.39 5.46 3.04
C GLU A 48 8.34 6.61 4.09
N PRO A 49 8.30 7.91 3.71
CA PRO A 49 8.20 9.00 4.68
C PRO A 49 6.90 9.02 5.49
N TYR A 50 5.84 8.38 4.99
CA TYR A 50 4.49 8.39 5.56
C TYR A 50 4.15 7.18 6.44
N GLY A 51 4.89 6.07 6.30
CA GLY A 51 4.71 4.84 7.06
C GLY A 51 5.43 3.63 6.45
N LYS A 52 5.32 2.48 7.12
CA LYS A 52 5.90 1.20 6.68
C LYS A 52 5.15 0.60 5.49
N ILE A 53 5.89 -0.04 4.58
CA ILE A 53 5.36 -0.71 3.38
C ILE A 53 5.40 -2.24 3.55
N LYS A 54 4.32 -2.94 3.18
CA LYS A 54 4.23 -4.42 3.21
C LYS A 54 4.46 -5.06 1.83
N ASN A 55 3.85 -4.47 0.80
CA ASN A 55 3.73 -5.02 -0.56
C ASN A 55 3.62 -3.89 -1.59
N TYR A 56 3.91 -4.14 -2.86
CA TYR A 56 3.79 -3.16 -3.94
C TYR A 56 3.61 -3.86 -5.30
N ILE A 57 3.10 -3.10 -6.27
CA ILE A 57 2.96 -3.47 -7.69
C ILE A 57 3.27 -2.24 -8.54
N LEU A 58 4.32 -2.29 -9.37
CA LEU A 58 4.57 -1.26 -10.40
C LEU A 58 3.90 -1.64 -11.73
N MET A 59 3.36 -0.66 -12.45
CA MET A 59 2.66 -0.84 -13.74
C MET A 59 3.16 0.10 -14.84
N ARG A 60 3.50 -0.47 -16.01
CA ARG A 60 3.99 0.26 -17.20
C ARG A 60 2.91 1.16 -17.83
N MET A 61 1.66 0.70 -17.85
CA MET A 61 0.52 1.43 -18.43
C MET A 61 0.29 2.77 -17.70
N LYS A 62 0.31 3.88 -18.46
CA LYS A 62 0.17 5.27 -17.98
C LYS A 62 1.18 5.70 -16.88
N SER A 63 2.27 4.93 -16.69
CA SER A 63 3.26 5.08 -15.63
C SER A 63 2.63 5.17 -14.23
N GLN A 64 2.25 4.02 -13.67
CA GLN A 64 1.46 3.89 -12.44
C GLN A 64 2.07 2.91 -11.42
N ALA A 65 1.64 3.01 -10.17
CA ALA A 65 2.06 2.09 -9.11
C ALA A 65 0.99 1.95 -8.00
N PHE A 66 1.04 0.82 -7.30
CA PHE A 66 0.28 0.54 -6.08
C PHE A 66 1.19 0.12 -4.92
N ILE A 67 0.94 0.60 -3.70
CA ILE A 67 1.79 0.35 -2.52
C ILE A 67 0.93 0.11 -1.29
N GLU A 68 1.03 -1.06 -0.67
CA GLU A 68 0.32 -1.41 0.57
C GLU A 68 1.08 -0.90 1.80
N MET A 69 0.47 0.02 2.54
CA MET A 69 0.97 0.53 3.83
C MET A 69 0.54 -0.37 4.99
N GLU A 70 1.34 -0.46 6.05
CA GLU A 70 1.05 -1.30 7.22
C GLU A 70 -0.29 -0.98 7.91
N THR A 71 -0.69 0.30 7.89
CA THR A 71 -1.94 0.82 8.47
C THR A 71 -2.78 1.68 7.55
N ARG A 72 -4.09 1.75 7.82
CA ARG A 72 -5.00 2.61 7.04
C ARG A 72 -4.70 4.09 7.28
N GLU A 73 -4.28 4.46 8.49
CA GLU A 73 -3.81 5.82 8.81
C GLU A 73 -2.51 6.15 8.05
N ASP A 74 -1.56 5.22 7.98
CA ASP A 74 -0.32 5.40 7.20
C ASP A 74 -0.53 5.67 5.70
N ALA A 75 -1.52 4.99 5.08
CA ALA A 75 -1.98 5.28 3.74
C ALA A 75 -2.75 6.62 3.66
N MET A 76 -3.85 6.75 4.40
CA MET A 76 -4.72 7.93 4.38
C MET A 76 -3.98 9.26 4.62
N ALA A 77 -2.96 9.29 5.50
CA ALA A 77 -2.17 10.47 5.80
C ALA A 77 -1.29 10.92 4.61
N MET A 78 -0.75 9.98 3.83
CA MET A 78 -0.03 10.30 2.59
C MET A 78 -0.94 10.99 1.59
N VAL A 79 -2.14 10.45 1.37
CA VAL A 79 -3.12 11.04 0.43
C VAL A 79 -3.61 12.41 0.89
N ASP A 80 -3.95 12.55 2.18
CA ASP A 80 -4.39 13.81 2.78
C ASP A 80 -3.35 14.95 2.68
N HIS A 81 -2.07 14.61 2.86
CA HIS A 81 -0.96 15.53 2.64
C HIS A 81 -0.76 15.88 1.15
N CYS A 82 -0.75 14.86 0.29
CA CYS A 82 -0.57 15.03 -1.16
C CYS A 82 -1.71 15.80 -1.85
N LEU A 83 -2.91 15.79 -1.26
CA LEU A 83 -4.05 16.62 -1.65
C LEU A 83 -3.81 18.12 -1.41
N LYS A 84 -2.94 18.50 -0.46
CA LYS A 84 -2.57 19.89 -0.13
C LYS A 84 -1.29 20.36 -0.81
N LYS A 85 -0.26 19.48 -0.91
CA LYS A 85 1.05 19.76 -1.54
C LYS A 85 1.37 18.72 -2.61
N ALA A 86 1.66 19.18 -3.83
CA ALA A 86 1.91 18.32 -4.98
C ALA A 86 3.21 17.50 -4.84
N LEU A 87 3.11 16.20 -5.12
CA LEU A 87 4.24 15.26 -5.10
C LEU A 87 5.02 15.33 -6.42
N TRP A 88 6.29 15.75 -6.37
CA TRP A 88 7.20 15.79 -7.52
C TRP A 88 8.26 14.69 -7.50
N PHE A 89 8.46 14.00 -8.64
CA PHE A 89 9.39 12.87 -8.77
C PHE A 89 10.07 12.75 -10.14
N GLN A 90 11.40 12.88 -10.20
CA GLN A 90 12.24 12.92 -11.41
C GLN A 90 11.68 13.83 -12.53
N GLY A 91 11.13 15.00 -12.16
CA GLY A 91 10.61 16.01 -13.09
C GLY A 91 9.15 15.85 -13.52
N ARG A 92 8.38 14.91 -12.94
CA ARG A 92 6.91 14.81 -13.12
C ARG A 92 6.11 15.05 -11.84
N CYS A 93 4.93 15.67 -12.00
CA CYS A 93 3.93 15.80 -10.94
C CYS A 93 3.13 14.49 -10.82
N VAL A 94 3.35 13.75 -9.75
CA VAL A 94 2.69 12.47 -9.43
C VAL A 94 1.30 12.70 -8.83
N LYS A 95 0.29 12.03 -9.38
CA LYS A 95 -1.08 12.00 -8.81
C LYS A 95 -1.16 10.94 -7.72
N VAL A 96 -1.82 11.26 -6.61
CA VAL A 96 -1.87 10.42 -5.39
C VAL A 96 -3.29 10.13 -4.92
N ASP A 97 -3.58 8.86 -4.70
CA ASP A 97 -4.90 8.29 -4.45
C ASP A 97 -4.83 7.06 -3.52
N LEU A 98 -5.98 6.53 -3.09
CA LEU A 98 -6.10 5.29 -2.31
C LEU A 98 -7.04 4.31 -3.03
N SER A 99 -6.54 3.12 -3.38
CA SER A 99 -7.23 2.17 -4.26
C SER A 99 -8.49 1.57 -3.61
N GLU A 100 -9.63 1.63 -4.32
CA GLU A 100 -10.84 0.90 -3.97
C GLU A 100 -10.79 -0.56 -4.47
N LYS A 101 -10.08 -0.82 -5.57
CA LYS A 101 -9.86 -2.17 -6.12
C LYS A 101 -9.03 -3.04 -5.17
N TYR A 102 -7.87 -2.53 -4.76
CA TYR A 102 -6.93 -3.25 -3.89
C TYR A 102 -7.13 -2.88 -2.42
N LYS A 103 -7.79 -3.74 -1.63
CA LYS A 103 -7.82 -3.58 -0.16
C LYS A 103 -6.47 -3.88 0.50
N LYS A 104 -5.73 -4.82 -0.11
CA LYS A 104 -4.35 -5.25 0.17
C LYS A 104 -3.71 -5.82 -1.11
N LEU A 105 -2.38 -5.91 -1.19
CA LEU A 105 -1.63 -6.42 -2.35
C LEU A 105 -1.04 -7.80 -2.04
N VAL A 106 -1.88 -8.84 -2.06
CA VAL A 106 -1.53 -10.20 -1.62
C VAL A 106 -0.32 -10.82 -2.34
N SER A 107 0.60 -11.42 -1.57
CA SER A 107 1.84 -12.05 -2.06
C SER A 107 1.66 -13.48 -2.59
N GLY A 108 0.52 -14.13 -2.30
CA GLY A 108 0.20 -15.50 -2.73
C GLY A 108 1.07 -16.60 -2.12
N PRO A 109 1.22 -16.69 -0.77
CA PRO A 109 2.08 -17.69 -0.12
C PRO A 109 1.61 -19.14 -0.33
N SER A 110 0.35 -19.34 -0.71
CA SER A 110 -0.23 -20.64 -1.10
C SER A 110 0.40 -21.26 -2.36
N SER A 111 1.14 -20.48 -3.16
CA SER A 111 1.91 -20.97 -4.32
C SER A 111 3.14 -21.82 -3.95
N GLY A 112 3.61 -21.75 -2.69
CA GLY A 112 4.76 -22.51 -2.15
C GLY A 112 6.10 -22.07 -2.71
N GLY A 1 27.18 -16.87 19.72
CA GLY A 1 26.16 -16.84 20.80
C GLY A 1 25.53 -18.21 21.03
N SER A 2 24.80 -18.37 22.14
CA SER A 2 24.10 -19.59 22.54
C SER A 2 22.90 -19.32 23.45
N SER A 3 21.86 -20.17 23.36
CA SER A 3 20.72 -20.19 24.28
C SER A 3 21.02 -20.81 25.66
N GLY A 4 22.20 -21.43 25.83
CA GLY A 4 22.67 -22.03 27.09
C GLY A 4 22.02 -23.38 27.43
N SER A 5 22.38 -23.93 28.59
CA SER A 5 21.95 -25.26 29.05
C SER A 5 20.42 -25.39 29.24
N SER A 6 19.76 -24.29 29.65
CA SER A 6 18.30 -24.19 29.79
C SER A 6 17.54 -24.05 28.45
N GLY A 7 18.25 -23.73 27.35
CA GLY A 7 17.67 -23.57 26.01
C GLY A 7 16.72 -22.38 25.84
N LYS A 8 15.99 -22.36 24.72
CA LYS A 8 14.94 -21.36 24.44
C LYS A 8 13.76 -21.49 25.41
N LYS A 9 13.16 -20.36 25.80
CA LYS A 9 12.06 -20.26 26.79
C LYS A 9 10.86 -21.15 26.36
N PRO A 10 10.48 -22.21 27.11
CA PRO A 10 9.43 -23.16 26.71
C PRO A 10 8.03 -22.54 26.57
N GLU A 11 7.16 -23.19 25.80
CA GLU A 11 5.75 -22.81 25.57
C GLU A 11 5.56 -21.38 25.02
N GLY A 12 5.70 -21.22 23.70
CA GLY A 12 5.42 -19.97 22.99
C GLY A 12 3.93 -19.58 22.98
N LYS A 13 3.63 -18.30 22.72
CA LYS A 13 2.27 -17.74 22.70
C LYS A 13 1.41 -18.34 21.56
N PRO A 14 0.08 -18.53 21.76
CA PRO A 14 -0.82 -19.09 20.74
C PRO A 14 -1.11 -18.11 19.58
N ASP A 15 -1.02 -16.80 19.83
CA ASP A 15 -1.17 -15.74 18.83
C ASP A 15 -2.50 -15.64 18.05
N GLN A 16 -3.56 -16.28 18.55
CA GLN A 16 -4.91 -16.29 17.96
C GLN A 16 -5.54 -14.88 18.00
N LYS A 17 -5.99 -14.38 16.84
CA LYS A 17 -6.76 -13.13 16.72
C LYS A 17 -8.22 -13.27 17.17
N PHE A 18 -8.76 -12.18 17.69
CA PHE A 18 -10.19 -11.98 18.04
C PHE A 18 -10.84 -10.72 17.43
N ASP A 19 -10.30 -10.30 16.29
CA ASP A 19 -10.59 -9.02 15.62
C ASP A 19 -11.98 -8.89 14.96
N GLN A 20 -12.36 -7.67 14.57
CA GLN A 20 -13.61 -7.36 13.86
C GLN A 20 -13.41 -6.13 12.95
N LYS A 21 -14.31 -5.94 11.96
CA LYS A 21 -14.29 -4.83 10.97
C LYS A 21 -13.00 -4.74 10.14
N GLN A 22 -12.29 -5.86 9.95
CA GLN A 22 -11.02 -5.97 9.23
C GLN A 22 -11.17 -5.94 7.69
N GLU A 23 -11.77 -4.87 7.18
CA GLU A 23 -12.00 -4.62 5.74
C GLU A 23 -11.43 -3.26 5.29
N LEU A 24 -10.41 -2.79 6.02
CA LEU A 24 -9.85 -1.43 5.90
C LEU A 24 -8.72 -1.40 4.87
N GLY A 25 -8.96 -0.78 3.71
CA GLY A 25 -8.01 -0.69 2.60
C GLY A 25 -6.88 0.32 2.83
N ARG A 26 -5.65 -0.03 2.39
CA ARG A 26 -4.42 0.72 2.72
C ARG A 26 -3.46 0.88 1.53
N VAL A 27 -3.93 0.64 0.31
CA VAL A 27 -3.09 0.71 -0.90
C VAL A 27 -3.12 2.10 -1.53
N ILE A 28 -1.94 2.74 -1.54
CA ILE A 28 -1.67 3.97 -2.25
C ILE A 28 -1.54 3.67 -3.75
N HIS A 29 -2.28 4.43 -4.55
CA HIS A 29 -2.15 4.50 -6.00
C HIS A 29 -1.30 5.71 -6.38
N LEU A 30 -0.32 5.51 -7.26
CA LEU A 30 0.52 6.55 -7.85
C LEU A 30 0.36 6.49 -9.39
N SER A 31 0.09 7.63 -10.04
CA SER A 31 -0.03 7.73 -11.50
C SER A 31 0.69 8.97 -12.05
N ASN A 32 0.84 9.09 -13.37
CA ASN A 32 1.67 10.09 -14.06
C ASN A 32 3.16 10.03 -13.65
N LEU A 33 3.67 8.84 -13.35
CA LEU A 33 5.08 8.62 -13.00
C LEU A 33 6.03 8.89 -14.19
N PRO A 34 7.33 9.18 -13.95
CA PRO A 34 8.36 9.29 -14.99
C PRO A 34 8.63 7.95 -15.70
N HIS A 35 9.31 8.00 -16.85
CA HIS A 35 9.71 6.83 -17.66
C HIS A 35 11.22 6.50 -17.58
N SER A 36 11.97 7.15 -16.69
CA SER A 36 13.45 7.17 -16.62
C SER A 36 14.18 5.86 -16.24
N GLY A 37 13.55 4.70 -16.35
CA GLY A 37 14.21 3.38 -16.21
C GLY A 37 14.74 3.04 -14.81
N TYR A 38 14.11 3.60 -13.77
CA TYR A 38 14.52 3.50 -12.36
C TYR A 38 14.28 2.17 -11.64
N SER A 39 15.00 1.93 -10.54
CA SER A 39 14.73 0.84 -9.59
C SER A 39 13.40 1.06 -8.85
N ASP A 40 12.71 0.00 -8.46
CA ASP A 40 11.45 0.10 -7.67
C ASP A 40 11.55 0.91 -6.36
N SER A 41 12.73 0.89 -5.73
CA SER A 41 13.05 1.70 -4.55
C SER A 41 12.81 3.20 -4.77
N ALA A 42 13.00 3.71 -6.00
CA ALA A 42 12.74 5.11 -6.34
C ALA A 42 11.26 5.50 -6.13
N VAL A 43 10.32 4.61 -6.46
CA VAL A 43 8.88 4.76 -6.19
C VAL A 43 8.51 4.49 -4.73
N LEU A 44 9.11 3.46 -4.12
CA LEU A 44 8.85 3.08 -2.73
C LEU A 44 9.25 4.19 -1.74
N LYS A 45 10.37 4.88 -1.99
CA LYS A 45 10.84 6.04 -1.22
C LYS A 45 9.87 7.24 -1.21
N LEU A 46 8.87 7.28 -2.09
CA LEU A 46 7.77 8.26 -2.06
C LEU A 46 6.77 7.95 -0.93
N ALA A 47 6.56 6.68 -0.58
CA ALA A 47 5.65 6.23 0.47
C ALA A 47 6.35 5.92 1.81
N GLU A 48 7.63 5.57 1.79
CA GLU A 48 8.46 5.32 3.00
C GLU A 48 8.35 6.36 4.13
N PRO A 49 8.35 7.69 3.90
CA PRO A 49 8.27 8.66 5.01
C PRO A 49 6.87 8.74 5.64
N TYR A 50 5.84 8.17 5.00
CA TYR A 50 4.45 8.16 5.47
C TYR A 50 4.08 6.97 6.38
N GLY A 51 4.86 5.88 6.31
CA GLY A 51 4.66 4.66 7.11
C GLY A 51 5.39 3.44 6.53
N LYS A 52 5.24 2.30 7.22
CA LYS A 52 5.79 1.01 6.77
C LYS A 52 5.07 0.48 5.52
N ILE A 53 5.82 -0.04 4.55
CA ILE A 53 5.30 -0.68 3.34
C ILE A 53 5.28 -2.21 3.54
N LYS A 54 4.20 -2.88 3.13
CA LYS A 54 4.05 -4.35 3.16
C LYS A 54 4.36 -5.00 1.80
N ASN A 55 3.78 -4.44 0.75
CA ASN A 55 3.72 -4.99 -0.61
C ASN A 55 3.64 -3.86 -1.66
N TYR A 56 3.97 -4.14 -2.92
CA TYR A 56 3.89 -3.16 -4.01
C TYR A 56 3.75 -3.87 -5.36
N ILE A 57 3.24 -3.12 -6.35
CA ILE A 57 3.11 -3.52 -7.76
C ILE A 57 3.42 -2.29 -8.63
N LEU A 58 4.53 -2.32 -9.38
CA LEU A 58 4.79 -1.32 -10.42
C LEU A 58 4.17 -1.75 -11.77
N MET A 59 3.69 -0.79 -12.56
CA MET A 59 3.13 -1.04 -13.90
C MET A 59 3.74 -0.14 -14.99
N ARG A 60 4.17 -0.75 -16.10
CA ARG A 60 4.64 -0.01 -17.30
C ARG A 60 3.51 0.73 -18.02
N MET A 61 2.30 0.15 -18.00
CA MET A 61 1.09 0.74 -18.58
C MET A 61 0.68 2.02 -17.83
N LYS A 62 0.42 3.09 -18.59
CA LYS A 62 -0.11 4.39 -18.12
C LYS A 62 0.70 5.09 -17.01
N SER A 63 1.96 4.69 -16.80
CA SER A 63 2.88 5.17 -15.75
C SER A 63 2.31 5.06 -14.32
N GLN A 64 1.73 3.90 -13.98
CA GLN A 64 1.08 3.62 -12.70
C GLN A 64 1.93 2.76 -11.75
N ALA A 65 1.65 2.87 -10.45
CA ALA A 65 2.18 2.01 -9.39
C ALA A 65 1.18 1.92 -8.22
N PHE A 66 1.26 0.81 -7.47
CA PHE A 66 0.48 0.56 -6.26
C PHE A 66 1.38 0.14 -5.08
N ILE A 67 1.11 0.63 -3.87
CA ILE A 67 1.91 0.37 -2.66
C ILE A 67 1.00 0.16 -1.44
N GLU A 68 1.06 -1.00 -0.80
CA GLU A 68 0.31 -1.30 0.42
C GLU A 68 1.04 -0.80 1.67
N MET A 69 0.40 0.09 2.44
CA MET A 69 0.88 0.52 3.76
C MET A 69 0.45 -0.44 4.87
N GLU A 70 1.17 -0.45 5.99
CA GLU A 70 0.85 -1.28 7.16
C GLU A 70 -0.48 -0.91 7.83
N THR A 71 -0.86 0.37 7.76
CA THR A 71 -2.11 0.91 8.31
C THR A 71 -2.89 1.82 7.37
N ARG A 72 -4.21 1.91 7.57
CA ARG A 72 -5.06 2.83 6.80
C ARG A 72 -4.76 4.30 7.13
N GLU A 73 -4.37 4.59 8.37
CA GLU A 73 -3.92 5.93 8.77
C GLU A 73 -2.60 6.32 8.09
N ASP A 74 -1.63 5.40 8.00
CA ASP A 74 -0.38 5.60 7.26
C ASP A 74 -0.57 5.90 5.77
N ALA A 75 -1.51 5.21 5.12
CA ALA A 75 -1.94 5.50 3.76
C ALA A 75 -2.69 6.84 3.65
N MET A 76 -3.76 7.02 4.43
CA MET A 76 -4.59 8.24 4.40
C MET A 76 -3.78 9.54 4.66
N ALA A 77 -2.74 9.49 5.49
CA ALA A 77 -1.84 10.63 5.74
C ALA A 77 -1.06 11.07 4.49
N MET A 78 -0.68 10.14 3.61
CA MET A 78 -0.04 10.44 2.33
C MET A 78 -1.00 11.12 1.35
N VAL A 79 -2.27 10.70 1.33
CA VAL A 79 -3.34 11.40 0.58
C VAL A 79 -3.60 12.81 1.09
N ASP A 80 -3.73 12.96 2.41
CA ASP A 80 -3.94 14.26 3.08
C ASP A 80 -2.82 15.27 2.80
N HIS A 81 -1.57 14.80 2.88
CA HIS A 81 -0.41 15.61 2.49
C HIS A 81 -0.46 16.00 1.00
N CYS A 82 -0.80 15.08 0.10
CA CYS A 82 -0.89 15.36 -1.34
C CYS A 82 -1.98 16.41 -1.65
N LEU A 83 -3.13 16.33 -0.96
CA LEU A 83 -4.23 17.29 -1.03
C LEU A 83 -3.82 18.71 -0.56
N LYS A 84 -2.87 18.81 0.38
CA LYS A 84 -2.30 20.08 0.88
C LYS A 84 -1.16 20.63 0.00
N LYS A 85 -0.26 19.76 -0.46
CA LYS A 85 0.83 20.05 -1.41
C LYS A 85 1.12 18.85 -2.32
N ALA A 86 1.14 19.05 -3.63
CA ALA A 86 1.32 18.00 -4.62
C ALA A 86 2.73 17.37 -4.56
N LEU A 87 2.79 16.06 -4.82
CA LEU A 87 3.99 15.23 -4.77
C LEU A 87 4.75 15.26 -6.11
N TRP A 88 6.05 15.54 -6.07
CA TRP A 88 6.94 15.58 -7.24
C TRP A 88 8.01 14.48 -7.24
N PHE A 89 8.25 13.87 -8.40
CA PHE A 89 9.22 12.77 -8.58
C PHE A 89 9.94 12.75 -9.94
N GLN A 90 11.26 12.93 -9.94
CA GLN A 90 12.15 13.00 -11.13
C GLN A 90 11.57 13.87 -12.29
N GLY A 91 11.00 15.03 -11.94
CA GLY A 91 10.48 16.01 -12.91
C GLY A 91 9.00 15.85 -13.32
N ARG A 92 8.22 14.95 -12.69
CA ARG A 92 6.76 14.83 -12.88
C ARG A 92 5.96 15.03 -11.59
N CYS A 93 4.79 15.65 -11.71
CA CYS A 93 3.79 15.75 -10.66
C CYS A 93 3.02 14.41 -10.59
N VAL A 94 3.14 13.70 -9.46
CA VAL A 94 2.53 12.39 -9.23
C VAL A 94 1.09 12.52 -8.75
N LYS A 95 0.17 11.82 -9.42
CA LYS A 95 -1.22 11.64 -8.98
C LYS A 95 -1.29 10.63 -7.84
N VAL A 96 -1.45 11.10 -6.61
CA VAL A 96 -1.63 10.26 -5.41
C VAL A 96 -3.10 10.04 -5.06
N ASP A 97 -3.48 8.77 -4.88
CA ASP A 97 -4.81 8.29 -4.48
C ASP A 97 -4.76 7.08 -3.54
N LEU A 98 -5.89 6.66 -2.97
CA LEU A 98 -6.01 5.43 -2.18
C LEU A 98 -7.12 4.53 -2.74
N SER A 99 -6.77 3.27 -3.07
CA SER A 99 -7.64 2.36 -3.82
C SER A 99 -8.74 1.71 -2.96
N GLU A 100 -9.98 1.71 -3.46
CA GLU A 100 -11.09 0.94 -2.89
C GLU A 100 -11.08 -0.52 -3.37
N LYS A 101 -10.58 -0.78 -4.58
CA LYS A 101 -10.40 -2.11 -5.19
C LYS A 101 -9.30 -2.89 -4.49
N TYR A 102 -8.09 -2.34 -4.47
CA TYR A 102 -6.94 -2.94 -3.79
C TYR A 102 -6.96 -2.55 -2.31
N LYS A 103 -7.53 -3.39 -1.45
CA LYS A 103 -7.45 -3.23 0.02
C LYS A 103 -6.10 -3.66 0.58
N LYS A 104 -5.46 -4.62 -0.10
CA LYS A 104 -4.09 -5.14 0.06
C LYS A 104 -3.52 -5.54 -1.31
N LEU A 105 -2.20 -5.83 -1.40
CA LEU A 105 -1.55 -6.30 -2.62
C LEU A 105 -0.97 -7.71 -2.41
N VAL A 106 -1.70 -8.74 -2.86
CA VAL A 106 -1.33 -10.16 -2.76
C VAL A 106 -1.59 -10.91 -4.07
N SER A 107 -0.62 -11.73 -4.51
CA SER A 107 -0.69 -12.55 -5.73
C SER A 107 0.28 -13.75 -5.64
N GLY A 108 0.20 -14.68 -6.59
CA GLY A 108 1.05 -15.88 -6.65
C GLY A 108 2.56 -15.58 -6.87
N PRO A 109 2.95 -14.81 -7.90
CA PRO A 109 4.34 -14.43 -8.15
C PRO A 109 4.95 -13.56 -7.04
N SER A 110 6.27 -13.62 -6.88
CA SER A 110 7.06 -12.86 -5.89
C SER A 110 8.50 -12.63 -6.37
N SER A 111 9.15 -11.59 -5.86
CA SER A 111 10.50 -11.13 -6.25
C SER A 111 11.34 -10.67 -5.06
N GLY A 112 12.68 -10.81 -5.16
CA GLY A 112 13.65 -10.41 -4.14
C GLY A 112 15.09 -10.79 -4.51
N GLY A 1 10.38 16.81 13.46
CA GLY A 1 10.09 16.89 14.91
C GLY A 1 11.36 17.18 15.71
N SER A 2 11.19 17.57 16.99
CA SER A 2 12.30 17.84 17.92
C SER A 2 13.10 16.58 18.27
N SER A 3 14.41 16.72 18.46
CA SER A 3 15.29 15.66 18.99
C SER A 3 14.93 15.22 20.42
N GLY A 4 14.15 16.02 21.16
CA GLY A 4 13.60 15.69 22.49
C GLY A 4 12.38 14.77 22.47
N SER A 5 11.85 14.39 21.29
CA SER A 5 10.67 13.52 21.16
C SER A 5 10.93 12.11 21.69
N SER A 6 10.08 11.62 22.60
CA SER A 6 10.18 10.27 23.18
C SER A 6 9.66 9.17 22.23
N GLY A 7 10.37 8.03 22.18
CA GLY A 7 9.95 6.82 21.47
C GLY A 7 9.20 5.79 22.35
N LYS A 8 9.03 6.06 23.65
CA LYS A 8 8.47 5.11 24.63
C LYS A 8 6.97 4.85 24.45
N LYS A 9 6.55 3.62 24.75
CA LYS A 9 5.16 3.10 24.74
C LYS A 9 4.96 2.10 25.91
N PRO A 10 3.71 1.78 26.31
CA PRO A 10 3.44 0.76 27.33
C PRO A 10 4.06 -0.60 26.98
N GLU A 11 4.64 -1.29 27.97
CA GLU A 11 5.47 -2.49 27.79
C GLU A 11 5.51 -3.39 29.04
N GLY A 12 5.99 -4.63 28.87
CA GLY A 12 6.22 -5.60 29.94
C GLY A 12 6.72 -6.95 29.42
N LYS A 13 6.04 -7.50 28.40
CA LYS A 13 6.46 -8.67 27.60
C LYS A 13 5.86 -8.57 26.18
N PRO A 14 6.50 -9.14 25.14
CA PRO A 14 6.02 -9.04 23.76
C PRO A 14 4.72 -9.85 23.53
N ASP A 15 3.66 -9.17 23.08
CA ASP A 15 2.40 -9.79 22.65
C ASP A 15 2.43 -10.36 21.22
N GLN A 16 1.70 -11.46 20.97
CA GLN A 16 1.63 -12.11 19.65
C GLN A 16 0.89 -11.27 18.60
N LYS A 17 -0.18 -10.57 19.01
CA LYS A 17 -1.00 -9.57 18.26
C LYS A 17 -1.69 -10.02 16.96
N PHE A 18 -1.30 -11.13 16.34
CA PHE A 18 -1.79 -11.59 15.04
C PHE A 18 -3.30 -11.74 14.85
N ASP A 19 -4.02 -12.12 15.92
CA ASP A 19 -5.49 -12.19 15.93
C ASP A 19 -6.25 -10.88 15.65
N GLN A 20 -5.59 -9.72 15.80
CA GLN A 20 -6.13 -8.40 15.49
C GLN A 20 -6.10 -8.05 13.98
N LYS A 21 -5.40 -8.83 13.16
CA LYS A 21 -5.22 -8.61 11.71
C LYS A 21 -6.55 -8.57 10.95
N GLN A 22 -6.71 -7.57 10.08
CA GLN A 22 -7.86 -7.35 9.21
C GLN A 22 -7.47 -6.48 8.01
N GLU A 23 -8.12 -6.66 6.87
CA GLU A 23 -8.01 -5.80 5.67
C GLU A 23 -8.74 -4.46 5.87
N LEU A 24 -8.09 -3.51 6.57
CA LEU A 24 -8.63 -2.15 6.80
C LEU A 24 -8.81 -1.33 5.50
N GLY A 25 -8.08 -1.70 4.44
CA GLY A 25 -8.10 -1.04 3.13
C GLY A 25 -7.14 0.16 3.07
N ARG A 26 -5.90 -0.08 2.61
CA ARG A 26 -4.82 0.93 2.67
C ARG A 26 -3.75 0.84 1.56
N VAL A 27 -4.13 0.45 0.35
CA VAL A 27 -3.24 0.51 -0.82
C VAL A 27 -3.26 1.91 -1.44
N ILE A 28 -2.10 2.56 -1.44
CA ILE A 28 -1.85 3.81 -2.15
C ILE A 28 -1.70 3.53 -3.65
N HIS A 29 -2.31 4.39 -4.47
CA HIS A 29 -2.13 4.43 -5.91
C HIS A 29 -1.34 5.68 -6.32
N LEU A 30 -0.35 5.49 -7.20
CA LEU A 30 0.48 6.54 -7.79
C LEU A 30 0.33 6.50 -9.32
N SER A 31 0.08 7.65 -9.96
CA SER A 31 -0.03 7.76 -11.43
C SER A 31 0.70 9.00 -11.96
N ASN A 32 0.97 9.03 -13.27
CA ASN A 32 1.81 10.02 -13.95
C ASN A 32 3.26 10.06 -13.39
N LEU A 33 3.80 8.89 -13.04
CA LEU A 33 5.23 8.74 -12.72
C LEU A 33 6.08 8.97 -14.00
N PRO A 34 7.40 9.24 -13.91
CA PRO A 34 8.30 9.25 -15.07
C PRO A 34 8.47 7.85 -15.69
N HIS A 35 9.19 7.75 -16.81
CA HIS A 35 9.43 6.50 -17.56
C HIS A 35 10.93 6.17 -17.72
N SER A 36 11.79 6.75 -16.86
CA SER A 36 13.26 6.76 -16.97
C SER A 36 13.99 5.45 -16.64
N GLY A 37 13.28 4.32 -16.48
CA GLY A 37 13.88 2.99 -16.25
C GLY A 37 14.49 2.79 -14.86
N TYR A 38 13.95 3.48 -13.84
CA TYR A 38 14.40 3.46 -12.45
C TYR A 38 14.19 2.14 -11.66
N SER A 39 14.93 1.97 -10.57
CA SER A 39 14.72 0.90 -9.58
C SER A 39 13.37 1.07 -8.86
N ASP A 40 12.71 -0.01 -8.46
CA ASP A 40 11.47 0.05 -7.66
C ASP A 40 11.56 0.84 -6.35
N SER A 41 12.73 0.84 -5.71
CA SER A 41 13.05 1.68 -4.54
C SER A 41 12.81 3.18 -4.77
N ALA A 42 12.97 3.67 -6.02
CA ALA A 42 12.72 5.07 -6.37
C ALA A 42 11.25 5.48 -6.13
N VAL A 43 10.31 4.58 -6.45
CA VAL A 43 8.87 4.75 -6.18
C VAL A 43 8.49 4.48 -4.71
N LEU A 44 9.08 3.45 -4.10
CA LEU A 44 8.80 3.08 -2.71
C LEU A 44 9.22 4.19 -1.72
N LYS A 45 10.34 4.88 -1.99
CA LYS A 45 10.80 6.05 -1.22
C LYS A 45 9.84 7.25 -1.22
N LEU A 46 8.83 7.27 -2.09
CA LEU A 46 7.75 8.26 -2.07
C LEU A 46 6.74 8.00 -0.93
N ALA A 47 6.54 6.73 -0.55
CA ALA A 47 5.61 6.29 0.49
C ALA A 47 6.31 5.97 1.83
N GLU A 48 7.60 5.61 1.81
CA GLU A 48 8.42 5.37 3.01
C GLU A 48 8.35 6.45 4.13
N PRO A 49 8.36 7.78 3.86
CA PRO A 49 8.30 8.78 4.93
C PRO A 49 6.89 8.88 5.57
N TYR A 50 5.87 8.33 4.92
CA TYR A 50 4.48 8.30 5.42
C TYR A 50 4.14 7.07 6.27
N GLY A 51 4.86 5.97 6.08
CA GLY A 51 4.73 4.74 6.87
C GLY A 51 5.45 3.53 6.28
N LYS A 52 5.35 2.39 6.98
CA LYS A 52 5.89 1.09 6.54
C LYS A 52 5.08 0.48 5.39
N ILE A 53 5.78 -0.24 4.50
CA ILE A 53 5.22 -0.87 3.30
C ILE A 53 5.25 -2.41 3.43
N LYS A 54 4.16 -3.09 3.08
CA LYS A 54 4.06 -4.56 3.04
C LYS A 54 4.38 -5.16 1.67
N ASN A 55 3.78 -4.58 0.64
CA ASN A 55 3.73 -5.10 -0.74
C ASN A 55 3.65 -3.94 -1.75
N TYR A 56 3.99 -4.18 -3.01
CA TYR A 56 3.87 -3.19 -4.09
C TYR A 56 3.73 -3.89 -5.45
N ILE A 57 3.21 -3.15 -6.43
CA ILE A 57 3.08 -3.54 -7.84
C ILE A 57 3.38 -2.30 -8.70
N LEU A 58 4.49 -2.32 -9.45
CA LEU A 58 4.77 -1.29 -10.47
C LEU A 58 4.15 -1.67 -11.82
N MET A 59 3.63 -0.68 -12.55
CA MET A 59 3.03 -0.83 -13.90
C MET A 59 3.60 0.19 -14.89
N ARG A 60 4.25 -0.29 -15.97
CA ARG A 60 4.81 0.59 -17.02
C ARG A 60 3.73 1.34 -17.82
N MET A 61 2.52 0.77 -17.94
CA MET A 61 1.40 1.36 -18.67
C MET A 61 0.97 2.69 -18.03
N LYS A 62 1.10 3.80 -18.78
CA LYS A 62 0.91 5.19 -18.33
C LYS A 62 1.73 5.60 -17.09
N SER A 63 2.79 4.86 -16.78
CA SER A 63 3.67 5.03 -15.60
C SER A 63 2.92 5.15 -14.27
N GLN A 64 2.54 4.00 -13.72
CA GLN A 64 1.70 3.86 -12.52
C GLN A 64 2.29 2.87 -11.50
N ALA A 65 1.83 2.94 -10.25
CA ALA A 65 2.22 2.02 -9.18
C ALA A 65 1.14 1.89 -8.10
N PHE A 66 1.10 0.73 -7.45
CA PHE A 66 0.31 0.46 -6.25
C PHE A 66 1.22 0.03 -5.09
N ILE A 67 0.97 0.53 -3.88
CA ILE A 67 1.80 0.29 -2.68
C ILE A 67 0.89 0.02 -1.47
N GLU A 68 1.00 -1.16 -0.87
CA GLU A 68 0.28 -1.51 0.36
C GLU A 68 1.02 -0.98 1.59
N MET A 69 0.44 0.00 2.28
CA MET A 69 0.93 0.45 3.59
C MET A 69 0.57 -0.56 4.68
N GLU A 70 1.29 -0.56 5.80
CA GLU A 70 0.94 -1.41 6.96
C GLU A 70 -0.43 -1.03 7.54
N THR A 71 -0.68 0.27 7.72
CA THR A 71 -1.91 0.85 8.29
C THR A 71 -2.67 1.84 7.41
N ARG A 72 -3.98 1.94 7.61
CA ARG A 72 -4.83 2.91 6.90
C ARG A 72 -4.54 4.35 7.31
N GLU A 73 -4.13 4.58 8.56
CA GLU A 73 -3.71 5.91 9.03
C GLU A 73 -2.43 6.37 8.31
N ASP A 74 -1.45 5.47 8.15
CA ASP A 74 -0.23 5.72 7.36
C ASP A 74 -0.48 6.07 5.90
N ALA A 75 -1.42 5.36 5.26
CA ALA A 75 -1.86 5.62 3.89
C ALA A 75 -2.64 6.94 3.77
N MET A 76 -3.68 7.14 4.59
CA MET A 76 -4.52 8.35 4.55
C MET A 76 -3.73 9.64 4.79
N ALA A 77 -2.68 9.61 5.61
CA ALA A 77 -1.77 10.73 5.82
C ALA A 77 -1.02 11.15 4.55
N MET A 78 -0.64 10.20 3.69
CA MET A 78 -0.01 10.48 2.39
C MET A 78 -0.98 11.18 1.43
N VAL A 79 -2.25 10.76 1.41
CA VAL A 79 -3.32 11.43 0.65
C VAL A 79 -3.58 12.85 1.17
N ASP A 80 -3.67 13.01 2.49
CA ASP A 80 -3.94 14.29 3.17
C ASP A 80 -2.88 15.35 2.89
N HIS A 81 -1.60 14.96 2.90
CA HIS A 81 -0.49 15.82 2.47
C HIS A 81 -0.56 16.16 0.98
N CYS A 82 -0.85 15.19 0.11
CA CYS A 82 -0.96 15.42 -1.34
C CYS A 82 -2.11 16.42 -1.68
N LEU A 83 -3.20 16.37 -0.93
CA LEU A 83 -4.35 17.27 -1.06
C LEU A 83 -4.01 18.74 -0.77
N LYS A 84 -3.07 19.02 0.16
CA LYS A 84 -2.53 20.37 0.41
C LYS A 84 -1.40 20.77 -0.55
N LYS A 85 -0.47 19.86 -0.84
CA LYS A 85 0.66 20.07 -1.76
C LYS A 85 0.98 18.81 -2.57
N ALA A 86 0.92 18.91 -3.89
CA ALA A 86 1.08 17.78 -4.81
C ALA A 86 2.49 17.16 -4.73
N LEU A 87 2.54 15.84 -4.86
CA LEU A 87 3.78 15.05 -4.83
C LEU A 87 4.56 15.18 -6.16
N TRP A 88 5.88 15.40 -6.08
CA TRP A 88 6.79 15.48 -7.22
C TRP A 88 7.89 14.41 -7.19
N PHE A 89 8.20 13.81 -8.34
CA PHE A 89 9.19 12.74 -8.49
C PHE A 89 9.92 12.70 -9.84
N GLN A 90 11.26 12.84 -9.81
CA GLN A 90 12.15 12.81 -10.98
C GLN A 90 11.62 13.57 -12.22
N GLY A 91 11.08 14.78 -11.99
CA GLY A 91 10.60 15.70 -13.03
C GLY A 91 9.13 15.61 -13.41
N ARG A 92 8.29 14.81 -12.72
CA ARG A 92 6.83 14.75 -12.92
C ARG A 92 6.01 14.96 -11.65
N CYS A 93 4.84 15.59 -11.81
CA CYS A 93 3.82 15.70 -10.77
C CYS A 93 3.03 14.39 -10.70
N VAL A 94 3.04 13.75 -9.53
CA VAL A 94 2.43 12.44 -9.26
C VAL A 94 1.01 12.57 -8.72
N LYS A 95 0.06 11.87 -9.35
CA LYS A 95 -1.31 11.68 -8.86
C LYS A 95 -1.29 10.68 -7.71
N VAL A 96 -1.84 11.04 -6.55
CA VAL A 96 -1.94 10.17 -5.36
C VAL A 96 -3.38 9.91 -4.93
N ASP A 97 -3.79 8.64 -4.91
CA ASP A 97 -5.12 8.20 -4.46
C ASP A 97 -4.92 7.03 -3.47
N LEU A 98 -6.00 6.60 -2.82
CA LEU A 98 -6.06 5.38 -2.01
C LEU A 98 -7.20 4.47 -2.51
N SER A 99 -6.88 3.23 -2.87
CA SER A 99 -7.79 2.31 -3.55
C SER A 99 -8.81 1.65 -2.61
N GLU A 100 -10.08 1.67 -3.00
CA GLU A 100 -11.16 0.88 -2.35
C GLU A 100 -11.15 -0.59 -2.81
N LYS A 101 -10.79 -0.83 -4.07
CA LYS A 101 -10.70 -2.17 -4.69
C LYS A 101 -9.57 -3.00 -4.09
N TYR A 102 -8.34 -2.45 -4.13
CA TYR A 102 -7.16 -3.11 -3.55
C TYR A 102 -7.08 -2.73 -2.06
N LYS A 103 -7.60 -3.59 -1.18
CA LYS A 103 -7.45 -3.43 0.28
C LYS A 103 -6.08 -3.91 0.80
N LYS A 104 -5.49 -4.84 0.07
CA LYS A 104 -4.12 -5.38 0.14
C LYS A 104 -3.65 -5.76 -1.28
N LEU A 105 -2.35 -5.98 -1.49
CA LEU A 105 -1.80 -6.48 -2.76
C LEU A 105 -1.41 -7.97 -2.59
N VAL A 106 -2.14 -8.85 -3.29
CA VAL A 106 -2.11 -10.32 -3.10
C VAL A 106 -2.10 -11.16 -4.40
N SER A 107 -1.72 -10.55 -5.52
CA SER A 107 -1.59 -11.22 -6.83
C SER A 107 -0.49 -12.30 -6.86
N GLY A 108 -0.57 -13.22 -7.82
CA GLY A 108 0.38 -14.34 -7.97
C GLY A 108 0.11 -15.21 -9.20
N PRO A 109 -0.89 -16.11 -9.17
CA PRO A 109 -1.34 -16.90 -10.33
C PRO A 109 -2.09 -16.05 -11.40
N SER A 110 -2.27 -14.76 -11.13
CA SER A 110 -2.99 -13.76 -11.92
C SER A 110 -2.48 -13.65 -13.37
N SER A 111 -3.41 -13.40 -14.31
CA SER A 111 -3.11 -13.28 -15.76
C SER A 111 -2.47 -11.95 -16.19
N GLY A 112 -2.55 -10.91 -15.35
CA GLY A 112 -1.97 -9.57 -15.57
C GLY A 112 -0.44 -9.53 -15.47
N GLY A 1 20.93 3.82 23.44
CA GLY A 1 20.51 3.79 24.86
C GLY A 1 21.36 2.83 25.68
N SER A 2 21.57 3.14 26.97
CA SER A 2 22.39 2.34 27.90
C SER A 2 21.77 1.00 28.32
N SER A 3 20.44 0.88 28.27
CA SER A 3 19.64 -0.30 28.67
C SER A 3 19.78 -0.69 30.16
N GLY A 4 19.01 -1.68 30.61
CA GLY A 4 18.98 -2.17 32.00
C GLY A 4 17.92 -3.25 32.24
N SER A 5 17.97 -3.89 33.41
CA SER A 5 17.02 -4.90 33.87
C SER A 5 15.64 -4.33 34.26
N SER A 6 14.61 -5.18 34.25
CA SER A 6 13.24 -4.83 34.67
C SER A 6 13.14 -4.63 36.20
N GLY A 7 12.16 -3.84 36.64
CA GLY A 7 11.92 -3.53 38.06
C GLY A 7 10.55 -2.87 38.32
N LYS A 8 10.22 -2.66 39.60
CA LYS A 8 8.94 -2.10 40.08
C LYS A 8 8.85 -0.57 39.88
N LYS A 9 8.78 -0.15 38.61
CA LYS A 9 8.62 1.26 38.20
C LYS A 9 7.25 1.82 38.63
N PRO A 10 7.12 3.09 39.07
CA PRO A 10 5.86 3.66 39.57
C PRO A 10 4.70 3.78 38.57
N GLU A 11 4.96 3.60 37.27
CA GLU A 11 3.98 3.68 36.17
C GLU A 11 4.23 2.63 35.09
N GLY A 12 3.19 2.25 34.35
CA GLY A 12 3.24 1.24 33.28
C GLY A 12 1.89 1.03 32.58
N LYS A 13 1.83 0.02 31.70
CA LYS A 13 0.64 -0.35 30.91
C LYS A 13 0.59 -1.88 30.64
N PRO A 14 -0.60 -2.47 30.39
CA PRO A 14 -0.70 -3.86 29.97
C PRO A 14 -0.10 -4.08 28.56
N ASP A 15 0.64 -5.17 28.39
CA ASP A 15 1.35 -5.57 27.16
C ASP A 15 0.89 -6.91 26.55
N GLN A 16 1.16 -7.11 25.25
CA GLN A 16 0.94 -8.34 24.46
C GLN A 16 -0.54 -8.81 24.30
N LYS A 17 -1.46 -8.33 25.14
CA LYS A 17 -2.90 -8.65 25.11
C LYS A 17 -3.59 -8.31 23.78
N PHE A 18 -4.66 -9.05 23.47
CA PHE A 18 -5.47 -8.85 22.26
C PHE A 18 -6.26 -7.54 22.13
N ASP A 19 -6.63 -7.18 20.89
CA ASP A 19 -7.43 -6.00 20.54
C ASP A 19 -8.38 -6.24 19.35
N GLN A 20 -9.26 -5.27 19.06
CA GLN A 20 -10.26 -5.30 17.98
C GLN A 20 -9.70 -5.17 16.55
N LYS A 21 -8.36 -5.20 16.39
CA LYS A 21 -7.66 -5.05 15.11
C LYS A 21 -8.04 -6.14 14.09
N GLN A 22 -8.29 -5.72 12.86
CA GLN A 22 -8.77 -6.53 11.73
C GLN A 22 -8.04 -6.12 10.43
N GLU A 23 -8.23 -6.88 9.35
CA GLU A 23 -7.77 -6.52 8.01
C GLU A 23 -8.44 -5.23 7.48
N LEU A 24 -7.67 -4.38 6.79
CA LEU A 24 -8.10 -3.05 6.32
C LEU A 24 -7.60 -2.78 4.88
N GLY A 25 -8.36 -1.98 4.14
CA GLY A 25 -7.95 -1.47 2.82
C GLY A 25 -7.05 -0.25 2.94
N ARG A 26 -5.77 -0.38 2.58
CA ARG A 26 -4.79 0.73 2.62
C ARG A 26 -3.69 0.65 1.56
N VAL A 27 -4.07 0.29 0.33
CA VAL A 27 -3.18 0.37 -0.84
C VAL A 27 -3.21 1.79 -1.39
N ILE A 28 -2.06 2.43 -1.43
CA ILE A 28 -1.82 3.69 -2.13
C ILE A 28 -1.72 3.42 -3.62
N HIS A 29 -2.38 4.27 -4.41
CA HIS A 29 -2.25 4.34 -5.86
C HIS A 29 -1.49 5.61 -6.26
N LEU A 30 -0.33 5.45 -6.89
CA LEU A 30 0.47 6.50 -7.52
C LEU A 30 0.22 6.51 -9.03
N SER A 31 0.02 7.70 -9.61
CA SER A 31 -0.23 7.90 -11.04
C SER A 31 0.55 9.10 -11.60
N ASN A 32 0.64 9.22 -12.93
CA ASN A 32 1.44 10.21 -13.65
C ASN A 32 2.94 10.17 -13.27
N LEU A 33 3.48 8.97 -13.01
CA LEU A 33 4.89 8.75 -12.70
C LEU A 33 5.82 9.08 -13.89
N PRO A 34 7.12 9.34 -13.64
CA PRO A 34 8.15 9.43 -14.67
C PRO A 34 8.41 8.08 -15.34
N HIS A 35 9.29 8.06 -16.35
CA HIS A 35 9.59 6.90 -17.21
C HIS A 35 11.10 6.73 -17.49
N SER A 36 11.96 7.27 -16.61
CA SER A 36 13.42 7.34 -16.76
C SER A 36 14.22 6.07 -16.44
N GLY A 37 13.57 4.89 -16.40
CA GLY A 37 14.25 3.58 -16.25
C GLY A 37 14.78 3.27 -14.85
N TYR A 38 14.14 3.84 -13.82
CA TYR A 38 14.50 3.69 -12.40
C TYR A 38 14.26 2.31 -11.76
N SER A 39 14.93 2.03 -10.64
CA SER A 39 14.65 0.88 -9.76
C SER A 39 13.33 1.04 -9.00
N ASP A 40 12.68 -0.07 -8.61
CA ASP A 40 11.45 -0.04 -7.81
C ASP A 40 11.52 0.72 -6.49
N SER A 41 12.69 0.69 -5.83
CA SER A 41 13.00 1.49 -4.64
C SER A 41 12.81 2.99 -4.82
N ALA A 42 12.97 3.51 -6.04
CA ALA A 42 12.74 4.93 -6.36
C ALA A 42 11.27 5.35 -6.12
N VAL A 43 10.32 4.48 -6.48
CA VAL A 43 8.88 4.68 -6.23
C VAL A 43 8.49 4.40 -4.77
N LEU A 44 9.05 3.36 -4.16
CA LEU A 44 8.77 2.98 -2.77
C LEU A 44 9.22 4.08 -1.78
N LYS A 45 10.35 4.73 -2.04
CA LYS A 45 10.84 5.89 -1.26
C LYS A 45 9.94 7.14 -1.31
N LEU A 46 8.90 7.17 -2.15
CA LEU A 46 7.85 8.19 -2.12
C LEU A 46 6.82 7.93 -1.01
N ALA A 47 6.58 6.66 -0.66
CA ALA A 47 5.63 6.22 0.36
C ALA A 47 6.30 5.95 1.72
N GLU A 48 7.59 5.56 1.73
CA GLU A 48 8.38 5.34 2.96
C GLU A 48 8.32 6.48 4.02
N PRO A 49 8.30 7.78 3.65
CA PRO A 49 8.16 8.88 4.62
C PRO A 49 6.83 8.91 5.37
N TYR A 50 5.78 8.30 4.80
CA TYR A 50 4.42 8.29 5.33
C TYR A 50 4.08 7.09 6.22
N GLY A 51 4.82 5.98 6.06
CA GLY A 51 4.68 4.76 6.85
C GLY A 51 5.43 3.56 6.28
N LYS A 52 5.37 2.42 6.98
CA LYS A 52 5.94 1.15 6.53
C LYS A 52 5.16 0.54 5.36
N ILE A 53 5.87 -0.13 4.45
CA ILE A 53 5.31 -0.81 3.27
C ILE A 53 5.33 -2.33 3.47
N LYS A 54 4.25 -3.03 3.10
CA LYS A 54 4.14 -4.50 3.14
C LYS A 54 4.46 -5.14 1.79
N ASN A 55 3.85 -4.62 0.73
CA ASN A 55 3.78 -5.19 -0.62
C ASN A 55 3.65 -4.06 -1.67
N TYR A 56 3.97 -4.33 -2.95
CA TYR A 56 3.89 -3.33 -4.02
C TYR A 56 3.75 -4.02 -5.39
N ILE A 57 3.21 -3.28 -6.36
CA ILE A 57 3.08 -3.65 -7.78
C ILE A 57 3.31 -2.40 -8.63
N LEU A 58 4.43 -2.32 -9.36
CA LEU A 58 4.66 -1.27 -10.37
C LEU A 58 3.97 -1.62 -11.71
N MET A 59 3.46 -0.61 -12.41
CA MET A 59 2.83 -0.74 -13.74
C MET A 59 3.35 0.33 -14.71
N ARG A 60 4.14 -0.09 -15.72
CA ARG A 60 4.69 0.83 -16.74
C ARG A 60 3.59 1.45 -17.62
N MET A 61 2.57 0.67 -17.96
CA MET A 61 1.35 1.15 -18.63
C MET A 61 0.63 2.21 -17.77
N LYS A 62 0.22 3.33 -18.41
CA LYS A 62 -0.33 4.54 -17.76
C LYS A 62 0.58 5.21 -16.72
N SER A 63 1.82 4.74 -16.56
CA SER A 63 2.81 5.22 -15.59
C SER A 63 2.28 5.28 -14.15
N GLN A 64 1.99 4.10 -13.58
CA GLN A 64 1.30 3.91 -12.30
C GLN A 64 2.01 2.92 -11.36
N ALA A 65 1.65 2.95 -10.08
CA ALA A 65 2.13 2.00 -9.06
C ALA A 65 1.10 1.82 -7.93
N PHE A 66 0.99 0.60 -7.42
CA PHE A 66 0.24 0.28 -6.20
C PHE A 66 1.20 -0.11 -5.06
N ILE A 67 0.95 0.39 -3.84
CA ILE A 67 1.81 0.15 -2.66
C ILE A 67 0.91 -0.10 -1.44
N GLU A 68 1.02 -1.26 -0.80
CA GLU A 68 0.31 -1.57 0.44
C GLU A 68 1.05 -1.00 1.66
N MET A 69 0.45 -0.01 2.32
CA MET A 69 0.95 0.49 3.61
C MET A 69 0.60 -0.48 4.74
N GLU A 70 1.35 -0.43 5.86
CA GLU A 70 1.03 -1.24 7.04
C GLU A 70 -0.32 -0.84 7.66
N THR A 71 -0.58 0.45 7.79
CA THR A 71 -1.81 1.04 8.36
C THR A 71 -2.61 1.94 7.43
N ARG A 72 -3.93 1.99 7.66
CA ARG A 72 -4.85 2.85 6.90
C ARG A 72 -4.66 4.33 7.21
N GLU A 73 -4.29 4.66 8.45
CA GLU A 73 -3.94 6.03 8.84
C GLU A 73 -2.65 6.51 8.13
N ASP A 74 -1.63 5.65 8.05
CA ASP A 74 -0.40 5.92 7.29
C ASP A 74 -0.62 6.19 5.79
N ALA A 75 -1.52 5.41 5.16
CA ALA A 75 -1.96 5.63 3.79
C ALA A 75 -2.79 6.92 3.63
N MET A 76 -3.84 7.09 4.41
CA MET A 76 -4.74 8.26 4.33
C MET A 76 -3.99 9.60 4.52
N ALA A 77 -2.95 9.62 5.37
CA ALA A 77 -2.09 10.79 5.56
C ALA A 77 -1.28 11.17 4.31
N MET A 78 -0.87 10.20 3.49
CA MET A 78 -0.19 10.46 2.22
C MET A 78 -1.15 11.08 1.19
N VAL A 79 -2.41 10.64 1.15
CA VAL A 79 -3.46 11.27 0.34
C VAL A 79 -3.77 12.70 0.79
N ASP A 80 -3.93 12.91 2.09
CA ASP A 80 -4.17 14.23 2.69
C ASP A 80 -3.04 15.23 2.39
N HIS A 81 -1.79 14.78 2.48
CA HIS A 81 -0.63 15.57 2.09
C HIS A 81 -0.64 15.91 0.59
N CYS A 82 -0.94 14.95 -0.29
CA CYS A 82 -1.04 15.16 -1.73
C CYS A 82 -2.14 16.17 -2.12
N LEU A 83 -3.27 16.13 -1.42
CA LEU A 83 -4.39 17.07 -1.57
C LEU A 83 -4.02 18.52 -1.19
N LYS A 84 -2.99 18.71 -0.35
CA LYS A 84 -2.47 20.02 0.08
C LYS A 84 -1.25 20.49 -0.71
N LYS A 85 -0.30 19.59 -1.03
CA LYS A 85 0.98 19.86 -1.69
C LYS A 85 1.29 18.83 -2.79
N ALA A 86 1.79 19.29 -3.94
CA ALA A 86 2.18 18.43 -5.07
C ALA A 86 3.42 17.58 -4.73
N LEU A 87 3.33 16.27 -5.01
CA LEU A 87 4.43 15.30 -4.88
C LEU A 87 5.26 15.28 -6.17
N TRP A 88 6.55 15.66 -6.10
CA TRP A 88 7.45 15.67 -7.26
C TRP A 88 8.45 14.51 -7.28
N PHE A 89 8.60 13.85 -8.44
CA PHE A 89 9.51 12.71 -8.65
C PHE A 89 10.12 12.63 -10.07
N GLN A 90 11.46 12.62 -10.16
CA GLN A 90 12.25 12.75 -11.41
C GLN A 90 11.79 13.92 -12.33
N GLY A 91 11.23 14.99 -11.76
CA GLY A 91 10.71 16.16 -12.49
C GLY A 91 9.27 16.04 -13.01
N ARG A 92 8.49 15.02 -12.59
CA ARG A 92 7.03 14.93 -12.84
C ARG A 92 6.20 15.05 -11.56
N CYS A 93 5.02 15.65 -11.67
CA CYS A 93 4.04 15.74 -10.58
C CYS A 93 3.25 14.41 -10.47
N VAL A 94 3.52 13.65 -9.41
CA VAL A 94 2.83 12.40 -9.07
C VAL A 94 1.46 12.65 -8.43
N LYS A 95 0.42 11.99 -8.96
CA LYS A 95 -0.92 11.96 -8.37
C LYS A 95 -1.04 10.82 -7.36
N VAL A 96 -1.77 11.05 -6.27
CA VAL A 96 -1.98 10.08 -5.18
C VAL A 96 -3.45 9.87 -4.83
N ASP A 97 -3.85 8.61 -4.69
CA ASP A 97 -5.19 8.15 -4.29
C ASP A 97 -5.02 6.86 -3.43
N LEU A 98 -6.10 6.36 -2.84
CA LEU A 98 -6.13 5.14 -2.03
C LEU A 98 -7.15 4.14 -2.58
N SER A 99 -6.66 2.97 -2.99
CA SER A 99 -7.39 1.95 -3.74
C SER A 99 -8.16 0.98 -2.83
N GLU A 100 -9.46 1.23 -2.68
CA GLU A 100 -10.40 0.28 -2.07
C GLU A 100 -10.80 -0.85 -3.04
N LYS A 101 -10.36 -0.78 -4.31
CA LYS A 101 -10.42 -1.87 -5.28
C LYS A 101 -9.40 -2.96 -4.89
N TYR A 102 -8.13 -2.57 -4.72
CA TYR A 102 -7.05 -3.48 -4.32
C TYR A 102 -7.01 -3.92 -2.85
N LYS A 103 -7.10 -2.96 -1.91
CA LYS A 103 -7.07 -3.13 -0.43
C LYS A 103 -5.77 -3.68 0.18
N LYS A 104 -5.17 -4.70 -0.44
CA LYS A 104 -3.87 -5.34 -0.15
C LYS A 104 -3.23 -5.82 -1.46
N LEU A 105 -1.94 -6.16 -1.45
CA LEU A 105 -1.21 -6.66 -2.63
C LEU A 105 -0.47 -7.96 -2.33
N VAL A 106 -0.14 -8.73 -3.39
CA VAL A 106 0.71 -9.92 -3.30
C VAL A 106 2.19 -9.63 -3.05
N SER A 107 2.89 -10.60 -2.47
CA SER A 107 4.35 -10.55 -2.25
C SER A 107 5.18 -10.97 -3.48
N GLY A 108 4.60 -11.79 -4.36
CA GLY A 108 5.23 -12.32 -5.58
C GLY A 108 4.36 -13.38 -6.28
N PRO A 109 4.85 -14.01 -7.37
CA PRO A 109 4.15 -15.09 -8.07
C PRO A 109 4.01 -16.36 -7.21
N SER A 110 2.97 -17.15 -7.48
CA SER A 110 2.72 -18.43 -6.80
C SER A 110 3.75 -19.52 -7.17
N SER A 111 4.00 -20.44 -6.24
CA SER A 111 4.82 -21.65 -6.48
C SER A 111 4.12 -22.73 -7.31
N GLY A 112 2.79 -22.62 -7.52
CA GLY A 112 1.98 -23.58 -8.30
C GLY A 112 0.50 -23.18 -8.37
N GLY A 1 -21.04 -20.45 -13.05
CA GLY A 1 -19.82 -21.26 -13.05
C GLY A 1 -19.99 -22.56 -13.83
N SER A 2 -18.87 -23.21 -14.17
CA SER A 2 -18.83 -24.48 -14.93
C SER A 2 -19.46 -25.65 -14.17
N SER A 3 -20.09 -26.58 -14.91
CA SER A 3 -20.68 -27.82 -14.37
C SER A 3 -19.62 -28.87 -13.97
N GLY A 4 -20.01 -29.79 -13.07
CA GLY A 4 -19.16 -30.88 -12.56
C GLY A 4 -18.13 -30.46 -11.50
N SER A 5 -17.59 -31.45 -10.78
CA SER A 5 -16.58 -31.27 -9.73
C SER A 5 -15.18 -30.95 -10.28
N SER A 6 -14.35 -30.28 -9.47
CA SER A 6 -12.94 -30.00 -9.76
C SER A 6 -12.10 -29.88 -8.47
N GLY A 7 -10.79 -30.12 -8.58
CA GLY A 7 -9.86 -30.13 -7.43
C GLY A 7 -9.39 -28.76 -6.94
N LYS A 8 -9.55 -27.71 -7.76
CA LYS A 8 -9.09 -26.30 -7.60
C LYS A 8 -7.56 -26.11 -7.52
N LYS A 9 -6.84 -26.93 -6.75
CA LYS A 9 -5.38 -26.91 -6.55
C LYS A 9 -4.83 -28.31 -6.20
N PRO A 10 -3.54 -28.60 -6.48
CA PRO A 10 -2.91 -29.87 -6.10
C PRO A 10 -2.59 -29.96 -4.59
N GLU A 11 -2.38 -28.82 -3.92
CA GLU A 11 -2.06 -28.74 -2.48
C GLU A 11 -3.31 -28.84 -1.58
N GLY A 12 -3.12 -29.32 -0.34
CA GLY A 12 -4.15 -29.37 0.71
C GLY A 12 -4.34 -28.05 1.46
N LYS A 13 -4.90 -28.13 2.67
CA LYS A 13 -5.04 -27.02 3.63
C LYS A 13 -4.89 -27.51 5.09
N PRO A 14 -4.41 -26.67 6.03
CA PRO A 14 -4.17 -27.08 7.43
C PRO A 14 -5.47 -27.26 8.22
N ASP A 15 -5.39 -27.91 9.38
CA ASP A 15 -6.51 -28.05 10.33
C ASP A 15 -6.98 -26.74 11.01
N GLN A 16 -6.22 -25.65 10.84
CA GLN A 16 -6.47 -24.33 11.40
C GLN A 16 -7.61 -23.56 10.69
N LYS A 17 -8.10 -22.51 11.36
CA LYS A 17 -9.16 -21.60 10.90
C LYS A 17 -8.91 -20.17 11.38
N PHE A 18 -8.96 -19.19 10.46
CA PHE A 18 -8.81 -17.76 10.71
C PHE A 18 -9.54 -16.83 9.71
N ASP A 19 -10.19 -15.77 10.18
CA ASP A 19 -10.85 -14.75 9.33
C ASP A 19 -11.01 -13.33 9.95
N GLN A 20 -10.08 -12.93 10.84
CA GLN A 20 -10.11 -11.60 11.47
C GLN A 20 -9.90 -10.46 10.45
N LYS A 21 -10.60 -9.34 10.64
CA LYS A 21 -10.57 -8.17 9.75
C LYS A 21 -9.24 -7.39 9.88
N GLN A 22 -8.33 -7.65 8.94
CA GLN A 22 -6.99 -7.02 8.88
C GLN A 22 -6.64 -6.47 7.48
N GLU A 23 -7.38 -6.85 6.43
CA GLU A 23 -7.19 -6.40 5.05
C GLU A 23 -7.90 -5.04 4.81
N LEU A 24 -7.48 -4.00 5.55
CA LEU A 24 -8.17 -2.70 5.61
C LEU A 24 -8.04 -1.81 4.36
N GLY A 25 -7.63 -2.36 3.21
CA GLY A 25 -7.57 -1.68 1.92
C GLY A 25 -6.71 -0.41 1.87
N ARG A 26 -5.62 -0.39 2.64
CA ARG A 26 -4.71 0.77 2.77
C ARG A 26 -3.63 0.80 1.68
N VAL A 27 -4.07 0.61 0.44
CA VAL A 27 -3.22 0.58 -0.75
C VAL A 27 -3.24 1.93 -1.45
N ILE A 28 -2.08 2.58 -1.47
CA ILE A 28 -1.83 3.83 -2.21
C ILE A 28 -1.72 3.52 -3.70
N HIS A 29 -2.30 4.40 -4.52
CA HIS A 29 -2.16 4.46 -5.96
C HIS A 29 -1.35 5.70 -6.36
N LEU A 30 -0.35 5.51 -7.21
CA LEU A 30 0.49 6.54 -7.81
C LEU A 30 0.33 6.51 -9.34
N SER A 31 0.09 7.66 -9.98
CA SER A 31 -0.05 7.77 -11.44
C SER A 31 0.69 8.99 -12.00
N ASN A 32 0.92 9.01 -13.32
CA ASN A 32 1.73 10.01 -14.03
C ASN A 32 3.20 10.06 -13.55
N LEU A 33 3.77 8.90 -13.23
CA LEU A 33 5.19 8.72 -12.92
C LEU A 33 6.09 8.98 -14.16
N PRO A 34 7.43 9.09 -14.02
CA PRO A 34 8.37 9.09 -15.13
C PRO A 34 8.49 7.71 -15.80
N HIS A 35 9.23 7.63 -16.92
CA HIS A 35 9.53 6.40 -17.66
C HIS A 35 11.06 6.13 -17.78
N SER A 36 11.86 6.74 -16.91
CA SER A 36 13.34 6.81 -16.98
C SER A 36 14.11 5.53 -16.64
N GLY A 37 13.44 4.39 -16.46
CA GLY A 37 14.08 3.08 -16.22
C GLY A 37 14.66 2.89 -14.81
N TYR A 38 14.06 3.55 -13.81
CA TYR A 38 14.47 3.51 -12.39
C TYR A 38 14.24 2.18 -11.65
N SER A 39 14.99 1.95 -10.56
CA SER A 39 14.74 0.86 -9.61
C SER A 39 13.43 1.08 -8.84
N ASP A 40 12.75 0.01 -8.43
CA ASP A 40 11.50 0.08 -7.63
C ASP A 40 11.58 0.89 -6.33
N SER A 41 12.75 0.88 -5.67
CA SER A 41 13.06 1.71 -4.50
C SER A 41 12.83 3.22 -4.72
N ALA A 42 12.99 3.71 -5.96
CA ALA A 42 12.73 5.10 -6.31
C ALA A 42 11.25 5.51 -6.08
N VAL A 43 10.32 4.61 -6.39
CA VAL A 43 8.88 4.76 -6.12
C VAL A 43 8.51 4.51 -4.66
N LEU A 44 9.09 3.48 -4.05
CA LEU A 44 8.82 3.11 -2.65
C LEU A 44 9.21 4.24 -1.68
N LYS A 45 10.33 4.93 -1.94
CA LYS A 45 10.77 6.11 -1.18
C LYS A 45 9.83 7.33 -1.24
N LEU A 46 8.79 7.30 -2.08
CA LEU A 46 7.70 8.30 -2.07
C LEU A 46 6.67 8.01 -0.96
N ALA A 47 6.49 6.74 -0.58
CA ALA A 47 5.56 6.30 0.46
C ALA A 47 6.24 6.01 1.81
N GLU A 48 7.53 5.63 1.81
CA GLU A 48 8.34 5.42 3.02
C GLU A 48 8.28 6.55 4.09
N PRO A 49 8.21 7.85 3.73
CA PRO A 49 8.10 8.94 4.72
C PRO A 49 6.78 8.93 5.51
N TYR A 50 5.74 8.29 4.95
CA TYR A 50 4.39 8.26 5.51
C TYR A 50 4.05 7.02 6.35
N GLY A 51 4.81 5.93 6.17
CA GLY A 51 4.67 4.68 6.93
C GLY A 51 5.44 3.50 6.33
N LYS A 52 5.38 2.35 7.00
CA LYS A 52 5.95 1.08 6.55
C LYS A 52 5.14 0.45 5.40
N ILE A 53 5.84 -0.25 4.50
CA ILE A 53 5.26 -0.88 3.29
C ILE A 53 5.28 -2.41 3.44
N LYS A 54 4.18 -3.09 3.07
CA LYS A 54 4.05 -4.55 3.07
C LYS A 54 4.35 -5.16 1.70
N ASN A 55 3.78 -4.57 0.65
CA ASN A 55 3.72 -5.07 -0.73
C ASN A 55 3.67 -3.89 -1.72
N TYR A 56 4.01 -4.12 -2.99
CA TYR A 56 3.90 -3.13 -4.05
C TYR A 56 3.76 -3.83 -5.41
N ILE A 57 3.23 -3.10 -6.39
CA ILE A 57 3.09 -3.50 -7.80
C ILE A 57 3.39 -2.28 -8.68
N LEU A 58 4.49 -2.29 -9.43
CA LEU A 58 4.79 -1.28 -10.45
C LEU A 58 4.14 -1.67 -11.81
N MET A 59 3.62 -0.67 -12.53
CA MET A 59 2.96 -0.84 -13.84
C MET A 59 3.50 0.13 -14.92
N ARG A 60 3.94 -0.42 -16.06
CA ARG A 60 4.41 0.37 -17.22
C ARG A 60 3.28 1.17 -17.90
N MET A 61 2.06 0.63 -17.90
CA MET A 61 0.88 1.27 -18.48
C MET A 61 0.54 2.59 -17.76
N LYS A 62 0.48 3.69 -18.50
CA LYS A 62 0.24 5.07 -18.03
C LYS A 62 1.22 5.57 -16.94
N SER A 63 2.35 4.89 -16.78
CA SER A 63 3.37 5.13 -15.73
C SER A 63 2.76 5.17 -14.32
N GLN A 64 2.42 4.00 -13.77
CA GLN A 64 1.64 3.83 -12.54
C GLN A 64 2.29 2.87 -11.53
N ALA A 65 1.85 2.94 -10.28
CA ALA A 65 2.26 2.04 -9.21
C ALA A 65 1.20 1.92 -8.10
N PHE A 66 1.18 0.77 -7.44
CA PHE A 66 0.41 0.52 -6.22
C PHE A 66 1.33 0.13 -5.05
N ILE A 67 1.05 0.60 -3.84
CA ILE A 67 1.86 0.37 -2.63
C ILE A 67 0.94 0.09 -1.42
N GLU A 68 1.08 -1.07 -0.80
CA GLU A 68 0.33 -1.46 0.39
C GLU A 68 1.03 -0.98 1.67
N MET A 69 0.39 -0.08 2.43
CA MET A 69 0.90 0.40 3.72
C MET A 69 0.58 -0.59 4.86
N GLU A 70 1.33 -0.52 5.96
CA GLU A 70 1.03 -1.32 7.16
C GLU A 70 -0.27 -0.90 7.87
N THR A 71 -0.61 0.40 7.83
CA THR A 71 -1.81 0.98 8.44
C THR A 71 -2.63 1.89 7.54
N ARG A 72 -3.95 1.93 7.78
CA ARG A 72 -4.86 2.79 7.01
C ARG A 72 -4.66 4.28 7.33
N GLU A 73 -4.28 4.60 8.57
CA GLU A 73 -3.89 5.95 8.97
C GLU A 73 -2.62 6.41 8.24
N ASP A 74 -1.61 5.55 8.13
CA ASP A 74 -0.39 5.82 7.36
C ASP A 74 -0.62 6.10 5.87
N ALA A 75 -1.53 5.35 5.25
CA ALA A 75 -1.96 5.58 3.87
C ALA A 75 -2.78 6.88 3.72
N MET A 76 -3.81 7.07 4.53
CA MET A 76 -4.66 8.26 4.49
C MET A 76 -3.89 9.57 4.75
N ALA A 77 -2.84 9.53 5.58
CA ALA A 77 -1.94 10.65 5.80
C ALA A 77 -1.18 11.06 4.53
N MET A 78 -0.73 10.11 3.71
CA MET A 78 -0.07 10.38 2.43
C MET A 78 -1.02 11.06 1.42
N VAL A 79 -2.28 10.59 1.38
CA VAL A 79 -3.34 11.20 0.55
C VAL A 79 -3.60 12.65 0.99
N ASP A 80 -3.83 12.86 2.28
CA ASP A 80 -4.05 14.17 2.87
C ASP A 80 -2.92 15.20 2.69
N HIS A 81 -1.66 14.76 2.79
CA HIS A 81 -0.51 15.60 2.46
C HIS A 81 -0.44 15.96 0.97
N CYS A 82 -0.75 15.03 0.06
CA CYS A 82 -0.78 15.31 -1.38
C CYS A 82 -1.89 16.32 -1.75
N LEU A 83 -3.05 16.22 -1.09
CA LEU A 83 -4.15 17.18 -1.22
C LEU A 83 -3.81 18.58 -0.71
N LYS A 84 -2.89 18.71 0.25
CA LYS A 84 -2.33 19.97 0.76
C LYS A 84 -1.26 20.53 -0.19
N LYS A 85 -0.33 19.69 -0.65
CA LYS A 85 0.77 19.99 -1.58
C LYS A 85 1.06 18.80 -2.49
N ALA A 86 0.96 18.99 -3.80
CA ALA A 86 1.12 17.93 -4.80
C ALA A 86 2.53 17.32 -4.79
N LEU A 87 2.60 16.00 -4.95
CA LEU A 87 3.82 15.19 -4.94
C LEU A 87 4.58 15.29 -6.27
N TRP A 88 5.90 15.48 -6.20
CA TRP A 88 6.82 15.53 -7.35
C TRP A 88 7.93 14.47 -7.28
N PHE A 89 8.27 13.86 -8.43
CA PHE A 89 9.25 12.78 -8.55
C PHE A 89 10.04 12.77 -9.87
N GLN A 90 11.37 12.89 -9.82
CA GLN A 90 12.28 12.99 -10.97
C GLN A 90 11.81 14.00 -12.05
N GLY A 91 11.24 15.13 -11.63
CA GLY A 91 10.74 16.19 -12.50
C GLY A 91 9.33 15.99 -13.09
N ARG A 92 8.55 15.01 -12.61
CA ARG A 92 7.14 14.79 -12.97
C ARG A 92 6.19 14.97 -11.78
N CYS A 93 5.00 15.53 -12.03
CA CYS A 93 3.96 15.67 -11.01
C CYS A 93 3.18 14.35 -10.89
N VAL A 94 3.19 13.76 -9.69
CA VAL A 94 2.56 12.47 -9.39
C VAL A 94 1.13 12.64 -8.83
N LYS A 95 0.17 11.93 -9.42
CA LYS A 95 -1.19 11.81 -8.88
C LYS A 95 -1.18 10.78 -7.74
N VAL A 96 -1.72 11.15 -6.58
CA VAL A 96 -1.82 10.25 -5.40
C VAL A 96 -3.28 10.01 -5.01
N ASP A 97 -3.64 8.73 -4.87
CA ASP A 97 -4.95 8.21 -4.45
C ASP A 97 -4.85 7.01 -3.50
N LEU A 98 -5.97 6.57 -2.91
CA LEU A 98 -6.06 5.34 -2.13
C LEU A 98 -7.16 4.42 -2.70
N SER A 99 -6.80 3.18 -3.03
CA SER A 99 -7.63 2.22 -3.77
C SER A 99 -8.74 1.60 -2.91
N GLU A 100 -9.97 1.57 -3.43
CA GLU A 100 -11.07 0.81 -2.80
C GLU A 100 -10.95 -0.70 -3.10
N LYS A 101 -10.59 -1.09 -4.33
CA LYS A 101 -10.56 -2.50 -4.76
C LYS A 101 -9.47 -3.31 -4.07
N TYR A 102 -8.28 -2.75 -3.88
CA TYR A 102 -7.14 -3.46 -3.32
C TYR A 102 -7.13 -3.58 -1.80
N LYS A 103 -7.88 -4.55 -1.25
CA LYS A 103 -7.94 -4.84 0.20
C LYS A 103 -6.55 -5.19 0.77
N LYS A 104 -5.74 -5.85 -0.07
CA LYS A 104 -4.29 -6.12 0.02
C LYS A 104 -3.76 -6.36 -1.41
N LEU A 105 -2.48 -6.12 -1.68
CA LEU A 105 -1.89 -6.35 -3.02
C LEU A 105 -1.56 -7.83 -3.24
N VAL A 106 -1.68 -8.28 -4.49
CA VAL A 106 -1.61 -9.69 -4.92
C VAL A 106 -2.48 -10.65 -4.09
N SER A 107 -3.80 -10.51 -4.26
CA SER A 107 -4.82 -11.39 -3.70
C SER A 107 -4.95 -12.69 -4.51
N GLY A 108 -3.88 -13.51 -4.48
CA GLY A 108 -3.73 -14.72 -5.27
C GLY A 108 -2.34 -15.38 -5.11
N PRO A 109 -2.03 -16.43 -5.89
CA PRO A 109 -0.72 -17.10 -5.85
C PRO A 109 0.41 -16.20 -6.36
N SER A 110 1.63 -16.41 -5.83
CA SER A 110 2.85 -15.68 -6.18
C SER A 110 4.12 -16.50 -5.88
N SER A 111 5.25 -16.09 -6.45
CA SER A 111 6.55 -16.80 -6.39
C SER A 111 7.77 -15.88 -6.15
N GLY A 112 7.54 -14.63 -5.73
CA GLY A 112 8.57 -13.60 -5.51
C GLY A 112 9.20 -13.09 -6.81
N GLY A 1 -21.75 -22.52 54.78
CA GLY A 1 -22.98 -21.72 54.55
C GLY A 1 -23.16 -21.37 53.08
N SER A 2 -24.40 -21.08 52.68
CA SER A 2 -24.77 -20.71 51.30
C SER A 2 -24.15 -19.39 50.83
N SER A 3 -23.90 -19.26 49.52
CA SER A 3 -23.32 -18.06 48.89
C SER A 3 -24.27 -16.85 48.83
N GLY A 4 -25.59 -17.09 48.81
CA GLY A 4 -26.62 -16.06 48.64
C GLY A 4 -26.76 -15.52 47.21
N SER A 5 -26.04 -16.08 46.23
CA SER A 5 -26.09 -15.67 44.82
C SER A 5 -27.45 -15.96 44.17
N SER A 6 -27.92 -15.06 43.30
CA SER A 6 -29.22 -15.15 42.62
C SER A 6 -29.28 -16.20 41.50
N GLY A 7 -28.15 -16.47 40.82
CA GLY A 7 -28.03 -17.46 39.74
C GLY A 7 -26.88 -17.17 38.77
N LYS A 8 -26.79 -17.98 37.71
CA LYS A 8 -25.84 -17.80 36.59
C LYS A 8 -26.20 -16.61 35.69
N LYS A 9 -25.21 -16.04 34.99
CA LYS A 9 -25.38 -14.91 34.06
C LYS A 9 -26.27 -15.27 32.85
N PRO A 10 -27.04 -14.31 32.27
CA PRO A 10 -27.77 -14.51 31.02
C PRO A 10 -26.83 -14.83 29.85
N GLU A 11 -27.17 -15.83 29.02
CA GLU A 11 -26.37 -16.27 27.88
C GLU A 11 -26.85 -15.66 26.54
N GLY A 12 -25.91 -15.15 25.73
CA GLY A 12 -26.17 -14.63 24.39
C GLY A 12 -24.96 -13.90 23.78
N LYS A 13 -24.79 -14.04 22.46
CA LYS A 13 -23.73 -13.41 21.65
C LYS A 13 -24.13 -13.33 20.16
N PRO A 14 -23.67 -12.31 19.41
CA PRO A 14 -24.00 -12.16 17.98
C PRO A 14 -23.34 -13.22 17.09
N ASP A 15 -23.94 -13.47 15.92
CA ASP A 15 -23.41 -14.37 14.89
C ASP A 15 -22.17 -13.88 14.12
N GLN A 16 -21.38 -14.82 13.59
CA GLN A 16 -20.24 -14.57 12.67
C GLN A 16 -20.70 -13.99 11.30
N LYS A 17 -22.01 -13.98 11.01
CA LYS A 17 -22.64 -13.45 9.80
C LYS A 17 -22.40 -11.95 9.54
N PHE A 18 -22.00 -11.19 10.56
CA PHE A 18 -21.66 -9.76 10.45
C PHE A 18 -20.58 -9.37 9.41
N ASP A 19 -20.71 -8.18 8.81
CA ASP A 19 -19.80 -7.64 7.80
C ASP A 19 -19.51 -6.13 7.96
N GLN A 20 -18.23 -5.74 7.98
CA GLN A 20 -17.78 -4.36 8.24
C GLN A 20 -18.16 -3.32 7.17
N LYS A 21 -18.08 -2.04 7.57
CA LYS A 21 -18.18 -0.84 6.72
C LYS A 21 -17.12 0.23 7.03
N GLN A 22 -16.64 0.31 8.28
CA GLN A 22 -15.56 1.21 8.69
C GLN A 22 -14.17 0.72 8.25
N GLU A 23 -13.95 -0.59 8.30
CA GLU A 23 -12.62 -1.18 8.12
C GLU A 23 -12.23 -1.43 6.65
N LEU A 24 -11.93 -0.33 5.96
CA LEU A 24 -11.37 -0.31 4.61
C LEU A 24 -9.89 -0.77 4.58
N GLY A 25 -9.40 -1.12 3.40
CA GLY A 25 -7.99 -1.41 3.14
C GLY A 25 -7.09 -0.15 3.12
N ARG A 26 -5.81 -0.32 2.78
CA ARG A 26 -4.79 0.75 2.82
C ARG A 26 -3.72 0.68 1.72
N VAL A 27 -4.13 0.36 0.50
CA VAL A 27 -3.26 0.41 -0.69
C VAL A 27 -3.28 1.79 -1.34
N ILE A 28 -2.11 2.44 -1.37
CA ILE A 28 -1.85 3.69 -2.09
C ILE A 28 -1.76 3.42 -3.60
N HIS A 29 -2.36 4.31 -4.37
CA HIS A 29 -2.25 4.42 -5.83
C HIS A 29 -1.39 5.64 -6.20
N LEU A 30 -0.43 5.44 -7.11
CA LEU A 30 0.43 6.47 -7.69
C LEU A 30 0.26 6.49 -9.22
N SER A 31 0.08 7.67 -9.81
CA SER A 31 -0.04 7.85 -11.27
C SER A 31 0.74 9.07 -11.76
N ASN A 32 0.96 9.18 -13.08
CA ASN A 32 1.80 10.19 -13.72
C ASN A 32 3.27 10.16 -13.23
N LEU A 33 3.78 8.96 -12.94
CA LEU A 33 5.21 8.74 -12.65
C LEU A 33 6.08 8.99 -13.91
N PRO A 34 7.42 9.04 -13.79
CA PRO A 34 8.36 9.07 -14.92
C PRO A 34 8.34 7.77 -15.75
N HIS A 35 9.12 7.73 -16.83
CA HIS A 35 9.30 6.57 -17.71
C HIS A 35 10.78 6.19 -17.96
N SER A 36 11.71 6.71 -17.15
CA SER A 36 13.16 6.66 -17.33
C SER A 36 13.86 5.34 -16.96
N GLY A 37 13.12 4.26 -16.69
CA GLY A 37 13.70 2.92 -16.43
C GLY A 37 14.32 2.75 -15.04
N TYR A 38 13.77 3.43 -14.04
CA TYR A 38 14.21 3.42 -12.64
C TYR A 38 14.00 2.11 -11.85
N SER A 39 14.79 1.91 -10.79
CA SER A 39 14.59 0.83 -9.81
C SER A 39 13.28 1.01 -9.03
N ASP A 40 12.66 -0.08 -8.59
CA ASP A 40 11.44 -0.03 -7.75
C ASP A 40 11.56 0.76 -6.43
N SER A 41 12.74 0.77 -5.84
CA SER A 41 13.10 1.58 -4.66
C SER A 41 12.87 3.08 -4.87
N ALA A 42 12.96 3.59 -6.11
CA ALA A 42 12.68 4.98 -6.46
C ALA A 42 11.21 5.36 -6.19
N VAL A 43 10.28 4.45 -6.48
CA VAL A 43 8.85 4.60 -6.17
C VAL A 43 8.51 4.34 -4.71
N LEU A 44 9.13 3.32 -4.10
CA LEU A 44 8.91 2.97 -2.69
C LEU A 44 9.34 4.12 -1.75
N LYS A 45 10.45 4.80 -2.05
CA LYS A 45 10.90 6.01 -1.32
C LYS A 45 9.90 7.17 -1.33
N LEU A 46 8.90 7.18 -2.22
CA LEU A 46 7.80 8.16 -2.20
C LEU A 46 6.80 7.88 -1.06
N ALA A 47 6.62 6.62 -0.66
CA ALA A 47 5.70 6.19 0.41
C ALA A 47 6.42 5.91 1.74
N GLU A 48 7.71 5.58 1.73
CA GLU A 48 8.54 5.36 2.93
C GLU A 48 8.44 6.43 4.04
N PRO A 49 8.45 7.76 3.77
CA PRO A 49 8.35 8.77 4.83
C PRO A 49 6.94 8.87 5.44
N TYR A 50 5.92 8.29 4.79
CA TYR A 50 4.52 8.28 5.26
C TYR A 50 4.17 7.09 6.16
N GLY A 51 4.87 5.96 6.01
CA GLY A 51 4.70 4.76 6.84
C GLY A 51 5.43 3.52 6.30
N LYS A 52 5.32 2.41 7.03
CA LYS A 52 5.83 1.09 6.63
C LYS A 52 5.08 0.52 5.43
N ILE A 53 5.80 -0.22 4.57
CA ILE A 53 5.28 -0.86 3.34
C ILE A 53 5.29 -2.38 3.50
N LYS A 54 4.20 -3.05 3.09
CA LYS A 54 4.06 -4.53 3.11
C LYS A 54 4.36 -5.16 1.75
N ASN A 55 3.79 -4.58 0.69
CA ASN A 55 3.73 -5.10 -0.68
C ASN A 55 3.69 -3.93 -1.69
N TYR A 56 4.01 -4.19 -2.96
CA TYR A 56 3.90 -3.19 -4.03
C TYR A 56 3.72 -3.90 -5.39
N ILE A 57 3.18 -3.16 -6.36
CA ILE A 57 3.03 -3.56 -7.76
C ILE A 57 3.33 -2.33 -8.64
N LEU A 58 4.37 -2.39 -9.47
CA LEU A 58 4.67 -1.35 -10.47
C LEU A 58 4.02 -1.68 -11.82
N MET A 59 3.53 -0.66 -12.53
CA MET A 59 2.94 -0.77 -13.88
C MET A 59 3.54 0.29 -14.83
N ARG A 60 4.35 -0.13 -15.80
CA ARG A 60 4.97 0.81 -16.77
C ARG A 60 3.94 1.46 -17.69
N MET A 61 2.86 0.73 -18.04
CA MET A 61 1.71 1.30 -18.77
C MET A 61 1.10 2.48 -18.01
N LYS A 62 0.94 3.61 -18.69
CA LYS A 62 0.51 4.92 -18.14
C LYS A 62 1.39 5.48 -17.00
N SER A 63 2.56 4.88 -16.72
CA SER A 63 3.46 5.19 -15.61
C SER A 63 2.76 5.26 -14.24
N GLN A 64 2.40 4.09 -13.70
CA GLN A 64 1.59 3.93 -12.48
C GLN A 64 2.21 2.91 -11.49
N ALA A 65 1.76 2.95 -10.24
CA ALA A 65 2.17 2.01 -9.20
C ALA A 65 1.11 1.88 -8.09
N PHE A 66 1.14 0.75 -7.38
CA PHE A 66 0.40 0.50 -6.16
C PHE A 66 1.32 0.10 -5.00
N ILE A 67 1.06 0.56 -3.78
CA ILE A 67 1.88 0.31 -2.57
C ILE A 67 0.96 0.03 -1.38
N GLU A 68 1.07 -1.15 -0.77
CA GLU A 68 0.31 -1.52 0.41
C GLU A 68 1.00 -1.03 1.70
N MET A 69 0.34 -0.14 2.45
CA MET A 69 0.86 0.37 3.73
C MET A 69 0.55 -0.58 4.90
N GLU A 70 1.31 -0.50 5.99
CA GLU A 70 1.02 -1.25 7.22
C GLU A 70 -0.27 -0.77 7.93
N THR A 71 -0.57 0.53 7.85
CA THR A 71 -1.76 1.16 8.46
C THR A 71 -2.57 2.08 7.55
N ARG A 72 -3.88 2.12 7.81
CA ARG A 72 -4.82 2.96 7.04
C ARG A 72 -4.62 4.45 7.34
N GLU A 73 -4.22 4.79 8.56
CA GLU A 73 -3.87 6.16 8.94
C GLU A 73 -2.60 6.64 8.21
N ASP A 74 -1.56 5.79 8.13
CA ASP A 74 -0.35 6.06 7.34
C ASP A 74 -0.60 6.29 5.85
N ALA A 75 -1.49 5.48 5.26
CA ALA A 75 -1.94 5.64 3.87
C ALA A 75 -2.78 6.92 3.67
N MET A 76 -3.84 7.12 4.45
CA MET A 76 -4.74 8.28 4.33
C MET A 76 -4.00 9.62 4.50
N ALA A 77 -2.97 9.67 5.36
CA ALA A 77 -2.13 10.85 5.55
C ALA A 77 -1.31 11.21 4.30
N MET A 78 -0.89 10.22 3.50
CA MET A 78 -0.19 10.45 2.22
C MET A 78 -1.13 11.05 1.17
N VAL A 79 -2.40 10.62 1.13
CA VAL A 79 -3.44 11.24 0.29
C VAL A 79 -3.77 12.67 0.75
N ASP A 80 -3.95 12.88 2.06
CA ASP A 80 -4.20 14.20 2.65
C ASP A 80 -3.10 15.21 2.35
N HIS A 81 -1.84 14.78 2.48
CA HIS A 81 -0.69 15.58 2.06
C HIS A 81 -0.81 15.96 0.58
N CYS A 82 -1.02 15.00 -0.32
CA CYS A 82 -1.10 15.25 -1.77
C CYS A 82 -2.20 16.27 -2.13
N LEU A 83 -3.35 16.17 -1.47
CA LEU A 83 -4.49 17.10 -1.60
C LEU A 83 -4.15 18.54 -1.18
N LYS A 84 -3.22 18.74 -0.23
CA LYS A 84 -2.78 20.05 0.29
C LYS A 84 -1.51 20.60 -0.37
N LYS A 85 -0.54 19.72 -0.69
CA LYS A 85 0.73 20.01 -1.37
C LYS A 85 1.17 18.79 -2.21
N ALA A 86 1.38 19.00 -3.51
CA ALA A 86 1.62 17.94 -4.48
C ALA A 86 2.98 17.23 -4.27
N LEU A 87 3.00 15.94 -4.59
CA LEU A 87 4.18 15.07 -4.53
C LEU A 87 4.96 15.12 -5.87
N TRP A 88 6.28 15.27 -5.82
CA TRP A 88 7.15 15.40 -7.00
C TRP A 88 8.23 14.32 -7.11
N PHE A 89 8.46 13.80 -8.32
CA PHE A 89 9.45 12.75 -8.61
C PHE A 89 10.09 12.84 -10.01
N GLN A 90 11.43 12.98 -10.09
CA GLN A 90 12.20 13.22 -11.33
C GLN A 90 11.60 14.29 -12.27
N GLY A 91 11.05 15.36 -11.70
CA GLY A 91 10.44 16.47 -12.43
C GLY A 91 9.00 16.26 -12.91
N ARG A 92 8.29 15.21 -12.46
CA ARG A 92 6.84 15.02 -12.68
C ARG A 92 6.02 15.17 -11.40
N CYS A 93 4.85 15.78 -11.53
CA CYS A 93 3.83 15.84 -10.48
C CYS A 93 3.12 14.48 -10.37
N VAL A 94 3.36 13.76 -9.28
CA VAL A 94 2.75 12.45 -8.99
C VAL A 94 1.34 12.60 -8.45
N LYS A 95 0.37 11.94 -9.09
CA LYS A 95 -1.00 11.79 -8.58
C LYS A 95 -1.02 10.75 -7.47
N VAL A 96 -1.65 11.06 -6.33
CA VAL A 96 -1.80 10.14 -5.20
C VAL A 96 -3.26 9.94 -4.80
N ASP A 97 -3.66 8.68 -4.65
CA ASP A 97 -4.95 8.23 -4.13
C ASP A 97 -4.88 6.95 -3.30
N LEU A 98 -5.99 6.49 -2.72
CA LEU A 98 -6.08 5.22 -1.98
C LEU A 98 -7.15 4.33 -2.63
N SER A 99 -6.76 3.12 -3.04
CA SER A 99 -7.56 2.24 -3.91
C SER A 99 -8.82 1.67 -3.25
N GLU A 100 -9.93 1.70 -3.97
CA GLU A 100 -11.18 1.02 -3.60
C GLU A 100 -11.18 -0.47 -4.04
N LYS A 101 -10.53 -0.80 -5.17
CA LYS A 101 -10.46 -2.16 -5.73
C LYS A 101 -9.35 -3.02 -5.09
N TYR A 102 -8.29 -2.39 -4.58
CA TYR A 102 -7.22 -3.04 -3.81
C TYR A 102 -7.25 -2.80 -2.30
N LYS A 103 -7.85 -3.73 -1.53
CA LYS A 103 -7.76 -3.72 -0.05
C LYS A 103 -6.42 -4.26 0.47
N LYS A 104 -5.76 -5.09 -0.33
CA LYS A 104 -4.42 -5.69 -0.16
C LYS A 104 -3.85 -6.06 -1.54
N LEU A 105 -2.53 -6.06 -1.71
CA LEU A 105 -1.88 -6.39 -2.99
C LEU A 105 -1.62 -7.91 -3.13
N VAL A 106 -2.71 -8.67 -3.21
CA VAL A 106 -2.76 -10.11 -3.53
C VAL A 106 -2.70 -10.43 -5.03
N SER A 107 -2.08 -9.54 -5.81
CA SER A 107 -2.05 -9.48 -7.28
C SER A 107 -3.41 -9.23 -7.95
N GLY A 108 -4.42 -10.07 -7.70
CA GLY A 108 -5.80 -9.80 -8.10
C GLY A 108 -6.46 -8.72 -7.22
N PRO A 109 -7.42 -7.91 -7.72
CA PRO A 109 -8.09 -6.86 -6.93
C PRO A 109 -8.79 -7.41 -5.67
N SER A 110 -8.19 -7.18 -4.51
CA SER A 110 -8.57 -7.66 -3.17
C SER A 110 -8.63 -9.19 -2.95
N SER A 111 -8.70 -9.98 -4.01
CA SER A 111 -8.71 -11.45 -4.01
C SER A 111 -8.14 -12.00 -5.34
N GLY A 112 -7.54 -13.20 -5.29
CA GLY A 112 -6.88 -13.86 -6.43
C GLY A 112 -6.70 -15.36 -6.22
#